data_3KYQ
# 
_entry.id   3KYQ 
# 
_audit_conform.dict_name       mmcif_pdbx.dic 
_audit_conform.dict_version    5.380 
_audit_conform.dict_location   http://mmcif.pdb.org/dictionaries/ascii/mmcif_pdbx.dic 
# 
loop_
_database_2.database_id 
_database_2.database_code 
_database_2.pdbx_database_accession 
_database_2.pdbx_DOI 
PDB   3KYQ         pdb_00003kyq 10.2210/pdb3kyq/pdb 
RCSB  RCSB056614   ?            ?                   
WWPDB D_1000056614 ?            ?                   
# 
_pdbx_database_status.status_code                     REL 
_pdbx_database_status.entry_id                        3KYQ 
_pdbx_database_status.recvd_initial_deposition_date   2009-12-07 
_pdbx_database_status.deposit_site                    RCSB 
_pdbx_database_status.process_site                    PDBJ 
_pdbx_database_status.status_code_sf                  REL 
_pdbx_database_status.status_code_mr                  ? 
_pdbx_database_status.SG_entry                        ? 
_pdbx_database_status.pdb_format_compatible           Y 
_pdbx_database_status.status_code_cs                  ? 
_pdbx_database_status.status_code_nmr_data            ? 
_pdbx_database_status.methods_development_category    ? 
# 
loop_
_audit_author.name 
_audit_author.pdbx_ordinal 
'Yu, J.'      1 
'Wen, W.Y.'   2 
'Zhang, M.J.' 3 
# 
_citation.id                        primary 
_citation.title                     'Lipid-Induced Conformational Switch Controls Fusion Activity of Longin Domain SNARE Ykt6' 
_citation.journal_abbrev            Mol.Cell 
_citation.journal_volume            37 
_citation.page_first                383 
_citation.page_last                 395 
_citation.year                      2010 
_citation.journal_id_ASTM           MOCEFL 
_citation.country                   US 
_citation.journal_id_ISSN           1097-2765 
_citation.journal_id_CSD            2168 
_citation.book_publisher            ? 
_citation.pdbx_database_id_PubMed   20159557 
_citation.pdbx_database_id_DOI      10.1016/j.molcel.2010.01.024 
# 
loop_
_citation_author.citation_id 
_citation_author.name 
_citation_author.ordinal 
_citation_author.identifier_ORCID 
primary 'Wen, W.Y.'    1  ? 
primary 'Yu, J.'       2  ? 
primary 'Pan, L.F.'    3  ? 
primary 'Wei, Z.Y.'    4  ? 
primary 'Weng, J.W.'   5  ? 
primary 'Wang, W.N.'   6  ? 
primary 'Ong, Y.S.'    7  ? 
primary 'Tran, T.H.T.' 8  ? 
primary 'Hong, W.J.'   9  ? 
primary 'Zhang, M.J.'  10 ? 
# 
_cell.entry_id           3KYQ 
_cell.length_a           54.810 
_cell.length_b           59.710 
_cell.length_c           108.330 
_cell.angle_alpha        90.00 
_cell.angle_beta         90.00 
_cell.angle_gamma        90.00 
_cell.Z_PDB              8 
_cell.pdbx_unique_axis   ? 
_cell.length_a_esd       ? 
_cell.length_b_esd       ? 
_cell.length_c_esd       ? 
_cell.angle_alpha_esd    ? 
_cell.angle_beta_esd     ? 
_cell.angle_gamma_esd    ? 
# 
_symmetry.entry_id                         3KYQ 
_symmetry.space_group_name_H-M             'C 2 2 21' 
_symmetry.pdbx_full_space_group_name_H-M   ? 
_symmetry.cell_setting                     ? 
_symmetry.Int_Tables_number                20 
_symmetry.space_group_name_Hall            ? 
# 
loop_
_entity.id 
_entity.type 
_entity.src_method 
_entity.pdbx_description 
_entity.formula_weight 
_entity.pdbx_number_of_molecules 
_entity.pdbx_ec 
_entity.pdbx_mutation 
_entity.pdbx_fragment 
_entity.details 
1 polymer     man 'Synaptobrevin homolog YKT6'                  22511.650 1  2.3.1.- ? ? ? 
2 non-polymer syn 'SULFATE ION'                                 96.063    2  ?       ? ? ? 
3 non-polymer syn 'dodecyl 2-(trimethylammonio)ethyl phosphate' 351.462   1  ?       ? ? ? 
4 water       nat water                                         18.015    86 ?       ? ? ? 
# 
_entity_name_com.entity_id   1 
_entity_name_com.name        YKT6 
# 
_entity_poly.entity_id                      1 
_entity_poly.type                           'polypeptide(L)' 
_entity_poly.nstd_linkage                   no 
_entity_poly.nstd_monomer                   no 
_entity_poly.pdbx_seq_one_letter_code       
;LMKLYSLSVFYKGEPKAVLLKAAYDVSSFSFFQRSSVQEFMTFTSQLIVERSAKGSRASVKEQEYLCHVYVRSDSLAGVV
IADSEYPSRVAFTLLEKVLDEFSKQVDRIDWPVGSPATIHYTALDGHLSRYQNPREADPMSKVQAELDETKIILHNTMES
LLERGEKLDDLVSKSEVLGTQSKAFYKTARKQNSCCAIM
;
_entity_poly.pdbx_seq_one_letter_code_can   
;LMKLYSLSVFYKGEPKAVLLKAAYDVSSFSFFQRSSVQEFMTFTSQLIVERSAKGSRASVKEQEYLCHVYVRSDSLAGVV
IADSEYPSRVAFTLLEKVLDEFSKQVDRIDWPVGSPATIHYTALDGHLSRYQNPREADPMSKVQAELDETKIILHNTMES
LLERGEKLDDLVSKSEVLGTQSKAFYKTARKQNSCCAIM
;
_entity_poly.pdbx_strand_id                 A 
_entity_poly.pdbx_target_identifier         ? 
# 
loop_
_entity_poly_seq.entity_id 
_entity_poly_seq.num 
_entity_poly_seq.mon_id 
_entity_poly_seq.hetero 
1 1   LEU n 
1 2   MET n 
1 3   LYS n 
1 4   LEU n 
1 5   TYR n 
1 6   SER n 
1 7   LEU n 
1 8   SER n 
1 9   VAL n 
1 10  PHE n 
1 11  TYR n 
1 12  LYS n 
1 13  GLY n 
1 14  GLU n 
1 15  PRO n 
1 16  LYS n 
1 17  ALA n 
1 18  VAL n 
1 19  LEU n 
1 20  LEU n 
1 21  LYS n 
1 22  ALA n 
1 23  ALA n 
1 24  TYR n 
1 25  ASP n 
1 26  VAL n 
1 27  SER n 
1 28  SER n 
1 29  PHE n 
1 30  SER n 
1 31  PHE n 
1 32  PHE n 
1 33  GLN n 
1 34  ARG n 
1 35  SER n 
1 36  SER n 
1 37  VAL n 
1 38  GLN n 
1 39  GLU n 
1 40  PHE n 
1 41  MET n 
1 42  THR n 
1 43  PHE n 
1 44  THR n 
1 45  SER n 
1 46  GLN n 
1 47  LEU n 
1 48  ILE n 
1 49  VAL n 
1 50  GLU n 
1 51  ARG n 
1 52  SER n 
1 53  ALA n 
1 54  LYS n 
1 55  GLY n 
1 56  SER n 
1 57  ARG n 
1 58  ALA n 
1 59  SER n 
1 60  VAL n 
1 61  LYS n 
1 62  GLU n 
1 63  GLN n 
1 64  GLU n 
1 65  TYR n 
1 66  LEU n 
1 67  CYS n 
1 68  HIS n 
1 69  VAL n 
1 70  TYR n 
1 71  VAL n 
1 72  ARG n 
1 73  SER n 
1 74  ASP n 
1 75  SER n 
1 76  LEU n 
1 77  ALA n 
1 78  GLY n 
1 79  VAL n 
1 80  VAL n 
1 81  ILE n 
1 82  ALA n 
1 83  ASP n 
1 84  SER n 
1 85  GLU n 
1 86  TYR n 
1 87  PRO n 
1 88  SER n 
1 89  ARG n 
1 90  VAL n 
1 91  ALA n 
1 92  PHE n 
1 93  THR n 
1 94  LEU n 
1 95  LEU n 
1 96  GLU n 
1 97  LYS n 
1 98  VAL n 
1 99  LEU n 
1 100 ASP n 
1 101 GLU n 
1 102 PHE n 
1 103 SER n 
1 104 LYS n 
1 105 GLN n 
1 106 VAL n 
1 107 ASP n 
1 108 ARG n 
1 109 ILE n 
1 110 ASP n 
1 111 TRP n 
1 112 PRO n 
1 113 VAL n 
1 114 GLY n 
1 115 SER n 
1 116 PRO n 
1 117 ALA n 
1 118 THR n 
1 119 ILE n 
1 120 HIS n 
1 121 TYR n 
1 122 THR n 
1 123 ALA n 
1 124 LEU n 
1 125 ASP n 
1 126 GLY n 
1 127 HIS n 
1 128 LEU n 
1 129 SER n 
1 130 ARG n 
1 131 TYR n 
1 132 GLN n 
1 133 ASN n 
1 134 PRO n 
1 135 ARG n 
1 136 GLU n 
1 137 ALA n 
1 138 ASP n 
1 139 PRO n 
1 140 MET n 
1 141 SER n 
1 142 LYS n 
1 143 VAL n 
1 144 GLN n 
1 145 ALA n 
1 146 GLU n 
1 147 LEU n 
1 148 ASP n 
1 149 GLU n 
1 150 THR n 
1 151 LYS n 
1 152 ILE n 
1 153 ILE n 
1 154 LEU n 
1 155 HIS n 
1 156 ASN n 
1 157 THR n 
1 158 MET n 
1 159 GLU n 
1 160 SER n 
1 161 LEU n 
1 162 LEU n 
1 163 GLU n 
1 164 ARG n 
1 165 GLY n 
1 166 GLU n 
1 167 LYS n 
1 168 LEU n 
1 169 ASP n 
1 170 ASP n 
1 171 LEU n 
1 172 VAL n 
1 173 SER n 
1 174 LYS n 
1 175 SER n 
1 176 GLU n 
1 177 VAL n 
1 178 LEU n 
1 179 GLY n 
1 180 THR n 
1 181 GLN n 
1 182 SER n 
1 183 LYS n 
1 184 ALA n 
1 185 PHE n 
1 186 TYR n 
1 187 LYS n 
1 188 THR n 
1 189 ALA n 
1 190 ARG n 
1 191 LYS n 
1 192 GLN n 
1 193 ASN n 
1 194 SER n 
1 195 CYS n 
1 196 CYS n 
1 197 ALA n 
1 198 ILE n 
1 199 MET n 
# 
_entity_src_gen.entity_id                          1 
_entity_src_gen.pdbx_src_id                        1 
_entity_src_gen.pdbx_alt_source_flag               sample 
_entity_src_gen.pdbx_seq_type                      ? 
_entity_src_gen.pdbx_beg_seq_num                   ? 
_entity_src_gen.pdbx_end_seq_num                   ? 
_entity_src_gen.gene_src_common_name               Rat 
_entity_src_gen.gene_src_genus                     ? 
_entity_src_gen.pdbx_gene_src_gene                 Ykt6 
_entity_src_gen.gene_src_species                   ? 
_entity_src_gen.gene_src_strain                    ? 
_entity_src_gen.gene_src_tissue                    ? 
_entity_src_gen.gene_src_tissue_fraction           ? 
_entity_src_gen.gene_src_details                   ? 
_entity_src_gen.pdbx_gene_src_fragment             ? 
_entity_src_gen.pdbx_gene_src_scientific_name      'Rattus norvegicus' 
_entity_src_gen.pdbx_gene_src_ncbi_taxonomy_id     10116 
_entity_src_gen.pdbx_gene_src_variant              ? 
_entity_src_gen.pdbx_gene_src_cell_line            ? 
_entity_src_gen.pdbx_gene_src_atcc                 ? 
_entity_src_gen.pdbx_gene_src_organ                ? 
_entity_src_gen.pdbx_gene_src_organelle            ? 
_entity_src_gen.pdbx_gene_src_cell                 ? 
_entity_src_gen.pdbx_gene_src_cellular_location    ? 
_entity_src_gen.host_org_common_name               ? 
_entity_src_gen.pdbx_host_org_scientific_name      'Escherichia coli' 
_entity_src_gen.pdbx_host_org_ncbi_taxonomy_id     469008 
_entity_src_gen.host_org_genus                     ? 
_entity_src_gen.pdbx_host_org_gene                 ? 
_entity_src_gen.pdbx_host_org_organ                ? 
_entity_src_gen.host_org_species                   ? 
_entity_src_gen.pdbx_host_org_tissue               ? 
_entity_src_gen.pdbx_host_org_tissue_fraction      ? 
_entity_src_gen.pdbx_host_org_strain               'BL21 DE3' 
_entity_src_gen.pdbx_host_org_variant              ? 
_entity_src_gen.pdbx_host_org_cell_line            ? 
_entity_src_gen.pdbx_host_org_atcc                 ? 
_entity_src_gen.pdbx_host_org_culture_collection   ? 
_entity_src_gen.pdbx_host_org_cell                 ? 
_entity_src_gen.pdbx_host_org_organelle            ? 
_entity_src_gen.pdbx_host_org_cellular_location    ? 
_entity_src_gen.pdbx_host_org_vector_type          plasmid 
_entity_src_gen.pdbx_host_org_vector               ? 
_entity_src_gen.host_org_details                   ? 
_entity_src_gen.expression_system_id               ? 
_entity_src_gen.plasmid_name                       'modified pET32a' 
_entity_src_gen.plasmid_details                    ? 
_entity_src_gen.pdbx_description                   ? 
# 
_struct_ref.id                         1 
_struct_ref.db_name                    UNP 
_struct_ref.db_code                    YKT6_RAT 
_struct_ref.pdbx_db_accession          Q5EGY4 
_struct_ref.entity_id                  1 
_struct_ref.pdbx_seq_one_letter_code   
;MKLYSLSVFYKGEPKAVLLKAAYDVSSFSFFQRSSVQEFMTFTSQLIVERSAKGSRASVKEQEYLCHVYVRSDSLAGVVI
ADSEYPSRVAFTLLEKVLDEFSKQVDRIDWPVGSPATIHYTALDGHLSRYQNPREADPMSKVQAELDETKIILHNTMESL
LERGEKLDDLVSKSEVLGTQSKAFYKTARKQNSCCAIM
;
_struct_ref.pdbx_align_begin           1 
_struct_ref.pdbx_db_isoform            ? 
# 
_struct_ref_seq.align_id                      1 
_struct_ref_seq.ref_id                        1 
_struct_ref_seq.pdbx_PDB_id_code              3KYQ 
_struct_ref_seq.pdbx_strand_id                A 
_struct_ref_seq.seq_align_beg                 2 
_struct_ref_seq.pdbx_seq_align_beg_ins_code   ? 
_struct_ref_seq.seq_align_end                 199 
_struct_ref_seq.pdbx_seq_align_end_ins_code   ? 
_struct_ref_seq.pdbx_db_accession             Q5EGY4 
_struct_ref_seq.db_align_beg                  1 
_struct_ref_seq.pdbx_db_align_beg_ins_code    ? 
_struct_ref_seq.db_align_end                  198 
_struct_ref_seq.pdbx_db_align_end_ins_code    ? 
_struct_ref_seq.pdbx_auth_seq_align_beg       1 
_struct_ref_seq.pdbx_auth_seq_align_end       198 
# 
_struct_ref_seq_dif.align_id                     1 
_struct_ref_seq_dif.pdbx_pdb_id_code             3KYQ 
_struct_ref_seq_dif.mon_id                       LEU 
_struct_ref_seq_dif.pdbx_pdb_strand_id           A 
_struct_ref_seq_dif.seq_num                      1 
_struct_ref_seq_dif.pdbx_pdb_ins_code            ? 
_struct_ref_seq_dif.pdbx_seq_db_name             UNP 
_struct_ref_seq_dif.pdbx_seq_db_accession_code   Q5EGY4 
_struct_ref_seq_dif.db_mon_id                    ? 
_struct_ref_seq_dif.pdbx_seq_db_seq_num          ? 
_struct_ref_seq_dif.details                      'expression tag' 
_struct_ref_seq_dif.pdbx_auth_seq_num            0 
_struct_ref_seq_dif.pdbx_ordinal                 1 
# 
loop_
_chem_comp.id 
_chem_comp.type 
_chem_comp.mon_nstd_flag 
_chem_comp.name 
_chem_comp.pdbx_synonyms 
_chem_comp.formula 
_chem_comp.formula_weight 
ALA 'L-peptide linking' y ALANINE                                       ?                     'C3 H7 N O2'     89.093  
ARG 'L-peptide linking' y ARGININE                                      ?                     'C6 H15 N4 O2 1' 175.209 
ASN 'L-peptide linking' y ASPARAGINE                                    ?                     'C4 H8 N2 O3'    132.118 
ASP 'L-peptide linking' y 'ASPARTIC ACID'                               ?                     'C4 H7 N O4'     133.103 
CYS 'L-peptide linking' y CYSTEINE                                      ?                     'C3 H7 N O2 S'   121.158 
DPV non-polymer         . 'dodecyl 2-(trimethylammonio)ethyl phosphate' dodecylphosphocholine 'C17 H38 N O4 P' 351.462 
GLN 'L-peptide linking' y GLUTAMINE                                     ?                     'C5 H10 N2 O3'   146.144 
GLU 'L-peptide linking' y 'GLUTAMIC ACID'                               ?                     'C5 H9 N O4'     147.129 
GLY 'peptide linking'   y GLYCINE                                       ?                     'C2 H5 N O2'     75.067  
HIS 'L-peptide linking' y HISTIDINE                                     ?                     'C6 H10 N3 O2 1' 156.162 
HOH non-polymer         . WATER                                         ?                     'H2 O'           18.015  
ILE 'L-peptide linking' y ISOLEUCINE                                    ?                     'C6 H13 N O2'    131.173 
LEU 'L-peptide linking' y LEUCINE                                       ?                     'C6 H13 N O2'    131.173 
LYS 'L-peptide linking' y LYSINE                                        ?                     'C6 H15 N2 O2 1' 147.195 
MET 'L-peptide linking' y METHIONINE                                    ?                     'C5 H11 N O2 S'  149.211 
PHE 'L-peptide linking' y PHENYLALANINE                                 ?                     'C9 H11 N O2'    165.189 
PRO 'L-peptide linking' y PROLINE                                       ?                     'C5 H9 N O2'     115.130 
SER 'L-peptide linking' y SERINE                                        ?                     'C3 H7 N O3'     105.093 
SO4 non-polymer         . 'SULFATE ION'                                 ?                     'O4 S -2'        96.063  
THR 'L-peptide linking' y THREONINE                                     ?                     'C4 H9 N O3'     119.119 
TRP 'L-peptide linking' y TRYPTOPHAN                                    ?                     'C11 H12 N2 O2'  204.225 
TYR 'L-peptide linking' y TYROSINE                                      ?                     'C9 H11 N O3'    181.189 
VAL 'L-peptide linking' y VALINE                                        ?                     'C5 H11 N O2'    117.146 
# 
_exptl.entry_id          3KYQ 
_exptl.method            'X-RAY DIFFRACTION' 
_exptl.crystals_number   1 
# 
_exptl_crystal.id                    1 
_exptl_crystal.density_meas          ? 
_exptl_crystal.density_Matthews      1.97 
_exptl_crystal.density_percent_sol   37.52 
_exptl_crystal.description           ? 
_exptl_crystal.F_000                 ? 
_exptl_crystal.preparation           ? 
# 
_exptl_crystal_grow.crystal_id      1 
_exptl_crystal_grow.method          'VAPOR DIFFUSION, HANGING DROP' 
_exptl_crystal_grow.temp            289 
_exptl_crystal_grow.temp_details    ? 
_exptl_crystal_grow.pH              8.5 
_exptl_crystal_grow.pdbx_details    '2M (NH4)2SO4, 0.1M Tris, pH 8.5, VAPOR DIFFUSION, HANGING DROP, temperature 289K' 
_exptl_crystal_grow.pdbx_pH_range   . 
# 
_diffrn.id                     1 
_diffrn.ambient_temp           100 
_diffrn.ambient_temp_details   ? 
_diffrn.crystal_id             1 
# 
_diffrn_detector.diffrn_id              1 
_diffrn_detector.detector               'IMAGE PLATE' 
_diffrn_detector.type                   'RIGAKU RAXIS IV++' 
_diffrn_detector.pdbx_collection_date   2008-07-01 
_diffrn_detector.details                ? 
# 
_diffrn_radiation.diffrn_id                        1 
_diffrn_radiation.wavelength_id                    1 
_diffrn_radiation.pdbx_monochromatic_or_laue_m_l   M 
_diffrn_radiation.monochromator                    GRAPHITE 
_diffrn_radiation.pdbx_diffrn_protocol             'SINGLE WAVELENGTH' 
_diffrn_radiation.pdbx_scattering_type             x-ray 
# 
_diffrn_radiation_wavelength.id           1 
_diffrn_radiation_wavelength.wavelength   1.5418 
_diffrn_radiation_wavelength.wt           1.0 
# 
_diffrn_source.diffrn_id                   1 
_diffrn_source.source                      'ROTATING ANODE' 
_diffrn_source.type                        'RIGAKU MICROMAX-007' 
_diffrn_source.pdbx_synchrotron_site       ? 
_diffrn_source.pdbx_synchrotron_beamline   ? 
_diffrn_source.pdbx_wavelength             ? 
_diffrn_source.pdbx_wavelength_list        1.5418 
# 
_reflns.entry_id                     3KYQ 
_reflns.observed_criterion_sigma_I   ? 
_reflns.observed_criterion_sigma_F   ? 
_reflns.d_resolution_low             30.0 
_reflns.d_resolution_high            2.443 
_reflns.number_obs                   6788 
_reflns.number_all                   6900 
_reflns.percent_possible_obs         100.0 
_reflns.pdbx_Rmerge_I_obs            0.067 
_reflns.pdbx_Rsym_value              ? 
_reflns.pdbx_netI_over_sigmaI        10.0 
_reflns.B_iso_Wilson_estimate        ? 
_reflns.pdbx_redundancy              5.1 
_reflns.R_free_details               ? 
_reflns.limit_h_max                  ? 
_reflns.limit_h_min                  ? 
_reflns.limit_k_max                  ? 
_reflns.limit_k_min                  ? 
_reflns.limit_l_max                  ? 
_reflns.limit_l_min                  ? 
_reflns.observed_criterion_F_max     ? 
_reflns.observed_criterion_F_min     ? 
_reflns.pdbx_chi_squared             ? 
_reflns.pdbx_scaling_rejects         ? 
_reflns.pdbx_ordinal                 1 
_reflns.pdbx_diffrn_id               1 
# 
_reflns_shell.d_res_high             2.443 
_reflns_shell.d_res_low              2.506 
_reflns_shell.percent_possible_all   100.0 
_reflns_shell.Rmerge_I_obs           0.336 
_reflns_shell.pdbx_Rsym_value        ? 
_reflns_shell.meanI_over_sigI_obs    2.2 
_reflns_shell.pdbx_redundancy        5.2 
_reflns_shell.percent_possible_obs   ? 
_reflns_shell.number_unique_all      ? 
_reflns_shell.number_measured_all    ? 
_reflns_shell.number_measured_obs    ? 
_reflns_shell.number_unique_obs      ? 
_reflns_shell.pdbx_chi_squared       ? 
_reflns_shell.pdbx_ordinal           1 
_reflns_shell.pdbx_diffrn_id         1 
# 
_refine.entry_id                                 3KYQ 
_refine.ls_number_reflns_obs                     6195 
_refine.ls_number_reflns_all                     ? 
_refine.pdbx_ls_sigma_I                          ? 
_refine.pdbx_ls_sigma_F                          ? 
_refine.pdbx_data_cutoff_high_absF               ? 
_refine.pdbx_data_cutoff_low_absF                ? 
_refine.pdbx_data_cutoff_high_rms_absF           ? 
_refine.ls_d_res_low                             30.00 
_refine.ls_d_res_high                            2.443 
_refine.ls_percent_reflns_obs                    99.96 
_refine.ls_R_factor_obs                          0.20516 
_refine.ls_R_factor_all                          ? 
_refine.ls_R_factor_R_work                       0.19940 
_refine.ls_R_factor_R_free                       0.26137 
_refine.ls_R_factor_R_free_error                 ? 
_refine.ls_R_factor_R_free_error_details         ? 
_refine.ls_percent_reflns_R_free                 9.9 
_refine.ls_number_reflns_R_free                  683 
_refine.ls_number_parameters                     ? 
_refine.ls_number_restraints                     ? 
_refine.occupancy_min                            ? 
_refine.occupancy_max                            ? 
_refine.correlation_coeff_Fo_to_Fc               0.937 
_refine.correlation_coeff_Fo_to_Fc_free          0.885 
_refine.B_iso_mean                               33.673 
_refine.aniso_B[1][1]                            -0.49 
_refine.aniso_B[2][2]                            1.11 
_refine.aniso_B[3][3]                            -0.63 
_refine.aniso_B[1][2]                            0.00 
_refine.aniso_B[1][3]                            0.00 
_refine.aniso_B[2][3]                            0.00 
_refine.solvent_model_details                    MASK 
_refine.solvent_model_param_ksol                 ? 
_refine.solvent_model_param_bsol                 ? 
_refine.pdbx_solvent_vdw_probe_radii             1.20 
_refine.pdbx_solvent_ion_probe_radii             0.80 
_refine.pdbx_solvent_shrinkage_radii             0.80 
_refine.pdbx_ls_cross_valid_method               THROUGHOUT 
_refine.details                                  'HYDROGENS HAVE BEEN ADDED IN THE RIDING POSITIONS' 
_refine.pdbx_starting_model                      'PDB ENTRY 3BW6' 
_refine.pdbx_method_to_determine_struct          'MOLECULAR REPLACEMENT' 
_refine.pdbx_isotropic_thermal_model             ? 
_refine.pdbx_stereochemistry_target_values       'MAXIMUM LIKELIHOOD' 
_refine.pdbx_stereochem_target_val_spec_case     ? 
_refine.pdbx_R_Free_selection_details            RANDOM 
_refine.pdbx_overall_ESU_R                       ? 
_refine.pdbx_overall_ESU_R_Free                  0.342 
_refine.overall_SU_ML                            0.215 
_refine.overall_SU_B                             18.161 
_refine.ls_redundancy_reflns_obs                 ? 
_refine.B_iso_min                                ? 
_refine.B_iso_max                                ? 
_refine.overall_SU_R_Cruickshank_DPI             ? 
_refine.overall_SU_R_free                        ? 
_refine.ls_wR_factor_R_free                      ? 
_refine.ls_wR_factor_R_work                      ? 
_refine.overall_FOM_free_R_set                   ? 
_refine.overall_FOM_work_R_set                   ? 
_refine.pdbx_refine_id                           'X-RAY DIFFRACTION' 
_refine.pdbx_overall_phase_error                 ? 
_refine.pdbx_TLS_residual_ADP_flag               'LIKELY RESIDUAL' 
_refine.pdbx_diffrn_id                           1 
_refine.pdbx_overall_SU_R_free_Cruickshank_DPI   ? 
_refine.pdbx_overall_SU_R_Blow_DPI               ? 
_refine.pdbx_overall_SU_R_free_Blow_DPI          ? 
# 
_refine_hist.pdbx_refine_id                   'X-RAY DIFFRACTION' 
_refine_hist.cycle_id                         LAST 
_refine_hist.pdbx_number_atoms_protein        1540 
_refine_hist.pdbx_number_atoms_nucleic_acid   0 
_refine_hist.pdbx_number_atoms_ligand         33 
_refine_hist.number_atoms_solvent             86 
_refine_hist.number_atoms_total               1659 
_refine_hist.d_res_high                       2.443 
_refine_hist.d_res_low                        30.00 
# 
loop_
_refine_ls_restr.type 
_refine_ls_restr.dev_ideal 
_refine_ls_restr.dev_ideal_target 
_refine_ls_restr.weight 
_refine_ls_restr.number 
_refine_ls_restr.pdbx_refine_id 
_refine_ls_restr.pdbx_restraint_function 
r_bond_refined_d         0.007  0.022  ? 1599 'X-RAY DIFFRACTION' ? 
r_angle_refined_deg      1.060  1.987  ? 2155 'X-RAY DIFFRACTION' ? 
r_dihedral_angle_1_deg   5.369  5.000  ? 192  'X-RAY DIFFRACTION' ? 
r_dihedral_angle_2_deg   37.731 23.944 ? 71   'X-RAY DIFFRACTION' ? 
r_dihedral_angle_3_deg   17.486 15.000 ? 289  'X-RAY DIFFRACTION' ? 
r_dihedral_angle_4_deg   14.732 15.000 ? 10   'X-RAY DIFFRACTION' ? 
r_chiral_restr           0.074  0.200  ? 240  'X-RAY DIFFRACTION' ? 
r_gen_planes_refined     0.003  0.020  ? 1163 'X-RAY DIFFRACTION' ? 
r_nbd_refined            0.187  0.200  ? 658  'X-RAY DIFFRACTION' ? 
r_nbtor_refined          0.297  0.200  ? 1078 'X-RAY DIFFRACTION' ? 
r_xyhbond_nbd_refined    0.145  0.200  ? 84   'X-RAY DIFFRACTION' ? 
r_symmetry_vdw_refined   0.222  0.200  ? 38   'X-RAY DIFFRACTION' ? 
r_symmetry_hbond_refined 0.105  0.200  ? 13   'X-RAY DIFFRACTION' ? 
r_mcbond_it              0.605  1.500  ? 990  'X-RAY DIFFRACTION' ? 
r_mcangle_it             0.936  2.000  ? 1557 'X-RAY DIFFRACTION' ? 
r_scbond_it              0.980  3.000  ? 675  'X-RAY DIFFRACTION' ? 
r_scangle_it             1.581  4.500  ? 598  'X-RAY DIFFRACTION' ? 
# 
_refine_ls_shell.pdbx_total_number_of_bins_used   20 
_refine_ls_shell.d_res_high                       2.443 
_refine_ls_shell.d_res_low                        2.506 
_refine_ls_shell.number_reflns_R_work             451 
_refine_ls_shell.R_factor_R_work                  0.229 
_refine_ls_shell.percent_reflns_obs               99.80 
_refine_ls_shell.R_factor_R_free                  0.339 
_refine_ls_shell.R_factor_R_free_error            ? 
_refine_ls_shell.percent_reflns_R_free            ? 
_refine_ls_shell.number_reflns_R_free             57 
_refine_ls_shell.number_reflns_all                ? 
_refine_ls_shell.R_factor_all                     ? 
_refine_ls_shell.number_reflns_obs                ? 
_refine_ls_shell.redundancy_reflns_obs            ? 
_refine_ls_shell.pdbx_refine_id                   'X-RAY DIFFRACTION' 
# 
_struct.entry_id                  3KYQ 
_struct.title                     'Lipid-induced Conformational Switch Controls Fusion Activity of Longin Domain SNARE Ykt6' 
_struct.pdbx_model_details        ? 
_struct.pdbx_CASP_flag            N 
_struct.pdbx_model_type_details   ? 
# 
_struct_keywords.entry_id        3KYQ 
_struct_keywords.pdbx_keywords   TRANSFERASE 
_struct_keywords.text            
;v-SNARE homolog, lipid binding, Cytoplasmic vesicle, ER-Golgi transport, Golgi apparatus, Lipoprotein, Palmitate, Prenylation, Protein transport, Transferase, Transport
;
# 
loop_
_struct_asym.id 
_struct_asym.pdbx_blank_PDB_chainid_flag 
_struct_asym.pdbx_modified 
_struct_asym.entity_id 
_struct_asym.details 
A N N 1 ? 
B N N 2 ? 
C N N 2 ? 
D N N 3 ? 
E N N 4 ? 
# 
_struct_biol.id        1 
_struct_biol.details   ? 
# 
loop_
_struct_conf.conf_type_id 
_struct_conf.id 
_struct_conf.pdbx_PDB_helix_id 
_struct_conf.beg_label_comp_id 
_struct_conf.beg_label_asym_id 
_struct_conf.beg_label_seq_id 
_struct_conf.pdbx_beg_PDB_ins_code 
_struct_conf.end_label_comp_id 
_struct_conf.end_label_asym_id 
_struct_conf.end_label_seq_id 
_struct_conf.pdbx_end_PDB_ins_code 
_struct_conf.beg_auth_comp_id 
_struct_conf.beg_auth_asym_id 
_struct_conf.beg_auth_seq_id 
_struct_conf.end_auth_comp_id 
_struct_conf.end_auth_asym_id 
_struct_conf.end_auth_seq_id 
_struct_conf.pdbx_PDB_helix_class 
_struct_conf.details 
_struct_conf.pdbx_PDB_helix_length 
HELX_P HELX_P1 1 GLN A 33  ? ARG A 51  ? GLN A 32  ARG A 50  1 ? 19 
HELX_P HELX_P2 2 PRO A 87  ? VAL A 106 ? PRO A 86  VAL A 105 1 ? 20 
HELX_P HELX_P3 3 ASP A 107 ? TRP A 111 ? ASP A 106 TRP A 110 5 ? 5  
HELX_P HELX_P4 4 ALA A 123 ? TYR A 131 ? ALA A 122 TYR A 130 1 ? 9  
HELX_P HELX_P5 5 GLN A 132 ? ALA A 137 ? GLN A 131 ALA A 136 5 ? 6  
HELX_P HELX_P6 6 MET A 140 ? GLU A 149 ? MET A 139 GLU A 148 1 ? 10 
HELX_P HELX_P7 7 THR A 157 ? LEU A 161 ? THR A 156 LEU A 160 5 ? 5  
HELX_P HELX_P8 8 LYS A 167 ? SER A 175 ? LYS A 166 SER A 174 1 ? 9  
HELX_P HELX_P9 9 GLY A 179 ? ASN A 193 ? GLY A 178 ASN A 192 1 ? 15 
# 
_struct_conf_type.id          HELX_P 
_struct_conf_type.criteria    ? 
_struct_conf_type.reference   ? 
# 
_struct_mon_prot_cis.pdbx_id                1 
_struct_mon_prot_cis.label_comp_id          GLU 
_struct_mon_prot_cis.label_seq_id           14 
_struct_mon_prot_cis.label_asym_id          A 
_struct_mon_prot_cis.label_alt_id           . 
_struct_mon_prot_cis.pdbx_PDB_ins_code      ? 
_struct_mon_prot_cis.auth_comp_id           GLU 
_struct_mon_prot_cis.auth_seq_id            13 
_struct_mon_prot_cis.auth_asym_id           A 
_struct_mon_prot_cis.pdbx_label_comp_id_2   PRO 
_struct_mon_prot_cis.pdbx_label_seq_id_2    15 
_struct_mon_prot_cis.pdbx_label_asym_id_2   A 
_struct_mon_prot_cis.pdbx_PDB_ins_code_2    ? 
_struct_mon_prot_cis.pdbx_auth_comp_id_2    PRO 
_struct_mon_prot_cis.pdbx_auth_seq_id_2     14 
_struct_mon_prot_cis.pdbx_auth_asym_id_2    A 
_struct_mon_prot_cis.pdbx_PDB_model_num     1 
_struct_mon_prot_cis.pdbx_omega_angle       -0.24 
# 
_struct_sheet.id               A 
_struct_sheet.type             ? 
_struct_sheet.number_strands   6 
_struct_sheet.details          ? 
# 
loop_
_struct_sheet_order.sheet_id 
_struct_sheet_order.range_id_1 
_struct_sheet_order.range_id_2 
_struct_sheet_order.offset 
_struct_sheet_order.sense 
A 1 2 ? anti-parallel 
A 2 3 ? anti-parallel 
A 3 4 ? anti-parallel 
A 4 5 ? anti-parallel 
A 5 6 ? parallel      
# 
loop_
_struct_sheet_range.sheet_id 
_struct_sheet_range.id 
_struct_sheet_range.beg_label_comp_id 
_struct_sheet_range.beg_label_asym_id 
_struct_sheet_range.beg_label_seq_id 
_struct_sheet_range.pdbx_beg_PDB_ins_code 
_struct_sheet_range.end_label_comp_id 
_struct_sheet_range.end_label_asym_id 
_struct_sheet_range.end_label_seq_id 
_struct_sheet_range.pdbx_end_PDB_ins_code 
_struct_sheet_range.beg_auth_comp_id 
_struct_sheet_range.beg_auth_asym_id 
_struct_sheet_range.beg_auth_seq_id 
_struct_sheet_range.end_auth_comp_id 
_struct_sheet_range.end_auth_asym_id 
_struct_sheet_range.end_auth_seq_id 
A 1 ALA A 17  ? TYR A 24  ? ALA A 16  TYR A 23  
A 2 LEU A 4   ? LYS A 12  ? LEU A 3   LYS A 11  
A 3 LEU A 76  ? ASP A 83  ? LEU A 75  ASP A 82  
A 4 TYR A 65  ? VAL A 71  ? TYR A 64  VAL A 70  
A 5 SER A 56  ? LYS A 61  ? SER A 55  LYS A 60  
A 6 ILE A 153 ? HIS A 155 ? ILE A 152 HIS A 154 
# 
loop_
_pdbx_struct_sheet_hbond.sheet_id 
_pdbx_struct_sheet_hbond.range_id_1 
_pdbx_struct_sheet_hbond.range_id_2 
_pdbx_struct_sheet_hbond.range_1_label_atom_id 
_pdbx_struct_sheet_hbond.range_1_label_comp_id 
_pdbx_struct_sheet_hbond.range_1_label_asym_id 
_pdbx_struct_sheet_hbond.range_1_label_seq_id 
_pdbx_struct_sheet_hbond.range_1_PDB_ins_code 
_pdbx_struct_sheet_hbond.range_1_auth_atom_id 
_pdbx_struct_sheet_hbond.range_1_auth_comp_id 
_pdbx_struct_sheet_hbond.range_1_auth_asym_id 
_pdbx_struct_sheet_hbond.range_1_auth_seq_id 
_pdbx_struct_sheet_hbond.range_2_label_atom_id 
_pdbx_struct_sheet_hbond.range_2_label_comp_id 
_pdbx_struct_sheet_hbond.range_2_label_asym_id 
_pdbx_struct_sheet_hbond.range_2_label_seq_id 
_pdbx_struct_sheet_hbond.range_2_PDB_ins_code 
_pdbx_struct_sheet_hbond.range_2_auth_atom_id 
_pdbx_struct_sheet_hbond.range_2_auth_comp_id 
_pdbx_struct_sheet_hbond.range_2_auth_asym_id 
_pdbx_struct_sheet_hbond.range_2_auth_seq_id 
A 1 2 O ALA A 23 ? O ALA A 22 N LEU A 7   ? N LEU A 6   
A 2 3 N TYR A 5  ? N TYR A 4  O ILE A 81  ? O ILE A 80  
A 3 4 O VAL A 80 ? O VAL A 79 N HIS A 68  ? N HIS A 67  
A 4 5 O VAL A 69 ? O VAL A 68 N ALA A 58  ? N ALA A 57  
A 5 6 N LYS A 61 ? N LYS A 60 O HIS A 155 ? O HIS A 154 
# 
loop_
_struct_site.id 
_struct_site.pdbx_evidence_code 
_struct_site.pdbx_auth_asym_id 
_struct_site.pdbx_auth_comp_id 
_struct_site.pdbx_auth_seq_id 
_struct_site.pdbx_auth_ins_code 
_struct_site.pdbx_num_residues 
_struct_site.details 
AC1 Software A SO4 199 ? 5  'BINDING SITE FOR RESIDUE SO4 A 199' 
AC2 Software A SO4 200 ? 3  'BINDING SITE FOR RESIDUE SO4 A 200' 
AC3 Software A DPV 201 ? 10 'BINDING SITE FOR RESIDUE DPV A 201' 
# 
loop_
_struct_site_gen.id 
_struct_site_gen.site_id 
_struct_site_gen.pdbx_num_res 
_struct_site_gen.label_comp_id 
_struct_site_gen.label_asym_id 
_struct_site_gen.label_seq_id 
_struct_site_gen.pdbx_auth_ins_code 
_struct_site_gen.auth_comp_id 
_struct_site_gen.auth_asym_id 
_struct_site_gen.auth_seq_id 
_struct_site_gen.label_atom_id 
_struct_site_gen.label_alt_id 
_struct_site_gen.symmetry 
_struct_site_gen.details 
1  AC1 5  LYS A 12  ? LYS A 11  . ? 1_555 ? 
2  AC1 5  ALA A 53  ? ALA A 52  . ? 1_555 ? 
3  AC1 5  LYS A 54  ? LYS A 53  . ? 1_555 ? 
4  AC1 5  LYS A 191 ? LYS A 190 . ? 5_445 ? 
5  AC1 5  HOH E .   ? HOH A 276 . ? 1_555 ? 
6  AC2 3  ARG A 34  ? ARG A 33  . ? 1_555 ? 
7  AC2 3  LYS A 104 ? LYS A 103 . ? 5_555 ? 
8  AC2 3  ALA A 117 ? ALA A 116 . ? 3_555 ? 
9  AC3 10 TYR A 5   ? TYR A 4   . ? 1_555 ? 
10 AC3 10 SER A 28  ? SER A 27  . ? 1_555 ? 
11 AC3 10 PHE A 29  ? PHE A 28  . ? 1_555 ? 
12 AC3 10 GLN A 33  ? GLN A 32  . ? 1_555 ? 
13 AC3 10 THR A 44  ? THR A 43  . ? 1_555 ? 
14 AC3 10 GLU A 62  ? GLU A 61  . ? 1_555 ? 
15 AC3 10 TYR A 65  ? TYR A 64  . ? 1_555 ? 
16 AC3 10 CYS A 67  ? CYS A 66  . ? 1_555 ? 
17 AC3 10 HOH E .   ? HOH A 234 . ? 1_555 ? 
18 AC3 10 HOH E .   ? HOH A 280 . ? 1_555 ? 
# 
_atom_sites.entry_id                    3KYQ 
_atom_sites.fract_transf_matrix[1][1]   0.00282544 
_atom_sites.fract_transf_matrix[1][2]   -0.01246978 
_atom_sites.fract_transf_matrix[1][3]   -0.01301544 
_atom_sites.fract_transf_matrix[2][1]   0.00063352 
_atom_sites.fract_transf_matrix[2][2]   -0.01201585 
_atom_sites.fract_transf_matrix[2][3]   0.01164962 
_atom_sites.fract_transf_matrix[3][1]   -0.00911295 
_atom_sites.fract_transf_matrix[3][2]   -0.00124344 
_atom_sites.fract_transf_matrix[3][3]   -0.00078696 
_atom_sites.fract_transf_vector[1]      -0.176497 
_atom_sites.fract_transf_vector[2]      0.112582 
_atom_sites.fract_transf_vector[3]      0.139049 
# 
loop_
_atom_type.symbol 
C 
N 
O 
P 
S 
# 
loop_
_atom_site.group_PDB 
_atom_site.id 
_atom_site.type_symbol 
_atom_site.label_atom_id 
_atom_site.label_alt_id 
_atom_site.label_comp_id 
_atom_site.label_asym_id 
_atom_site.label_entity_id 
_atom_site.label_seq_id 
_atom_site.pdbx_PDB_ins_code 
_atom_site.Cartn_x 
_atom_site.Cartn_y 
_atom_site.Cartn_z 
_atom_site.occupancy 
_atom_site.B_iso_or_equiv 
_atom_site.pdbx_formal_charge 
_atom_site.auth_seq_id 
_atom_site.auth_comp_id 
_atom_site.auth_asym_id 
_atom_site.auth_atom_id 
_atom_site.pdbx_PDB_model_num 
ATOM   1    N N   . LEU A 1 1   ? 5.885   -10.658 -15.400 1.00 36.66 ? 0   LEU A N   1 
ATOM   2    C CA  . LEU A 1 1   ? 6.794   -9.481  -15.560 1.00 36.80 ? 0   LEU A CA  1 
ATOM   3    C C   . LEU A 1 1   ? 6.104   -8.180  -15.154 1.00 36.49 ? 0   LEU A C   1 
ATOM   4    O O   . LEU A 1 1   ? 4.981   -7.904  -15.593 1.00 36.83 ? 0   LEU A O   1 
ATOM   5    C CB  . LEU A 1 1   ? 7.295   -9.383  -17.011 1.00 37.07 ? 0   LEU A CB  1 
ATOM   6    C CG  . LEU A 1 1   ? 8.006   -8.100  -17.488 1.00 37.64 ? 0   LEU A CG  1 
ATOM   7    C CD1 . LEU A 1 1   ? 9.393   -7.937  -16.853 1.00 38.23 ? 0   LEU A CD1 1 
ATOM   8    C CD2 . LEU A 1 1   ? 8.112   -8.076  -19.008 1.00 37.56 ? 0   LEU A CD2 1 
ATOM   9    N N   . MET A 1 2   ? 6.790   -7.390  -14.323 1.00 35.87 ? 1   MET A N   1 
ATOM   10   C CA  . MET A 1 2   ? 6.319   -6.065  -13.883 1.00 35.00 ? 1   MET A CA  1 
ATOM   11   C C   . MET A 1 2   ? 4.865   -6.051  -13.414 1.00 33.98 ? 1   MET A C   1 
ATOM   12   O O   . MET A 1 2   ? 3.985   -5.491  -14.079 1.00 33.93 ? 1   MET A O   1 
ATOM   13   C CB  . MET A 1 2   ? 6.547   -5.015  -14.971 1.00 35.28 ? 1   MET A CB  1 
ATOM   14   C CG  . MET A 1 2   ? 7.904   -4.354  -14.912 1.00 36.53 ? 1   MET A CG  1 
ATOM   15   S SD  . MET A 1 2   ? 8.283   -3.413  -16.404 1.00 39.53 ? 1   MET A SD  1 
ATOM   16   C CE  . MET A 1 2   ? 6.773   -2.468  -16.621 1.00 39.32 ? 1   MET A CE  1 
ATOM   17   N N   . LYS A 1 3   ? 4.633   -6.668  -12.260 1.00 32.59 ? 2   LYS A N   1 
ATOM   18   C CA  . LYS A 1 3   ? 3.290   -6.794  -11.712 1.00 31.16 ? 2   LYS A CA  1 
ATOM   19   C C   . LYS A 1 3   ? 2.965   -5.851  -10.557 1.00 29.77 ? 2   LYS A C   1 
ATOM   20   O O   . LYS A 1 3   ? 3.836   -5.465  -9.774  1.00 29.18 ? 2   LYS A O   1 
ATOM   21   C CB  . LYS A 1 3   ? 3.031   -8.233  -11.263 1.00 31.56 ? 2   LYS A CB  1 
ATOM   22   C CG  . LYS A 1 3   ? 1.991   -8.948  -12.095 1.00 32.73 ? 2   LYS A CG  1 
ATOM   23   C CD  . LYS A 1 3   ? 1.155   -9.868  -11.219 1.00 34.45 ? 2   LYS A CD  1 
ATOM   24   C CE  . LYS A 1 3   ? -0.339  -9.670  -11.468 1.00 35.04 ? 2   LYS A CE  1 
ATOM   25   N NZ  . LYS A 1 3   ? -0.761  -9.963  -12.876 1.00 35.33 ? 2   LYS A NZ  1 
ATOM   26   N N   . LEU A 1 4   ? 1.684   -5.497  -10.480 1.00 28.24 ? 3   LEU A N   1 
ATOM   27   C CA  . LEU A 1 4   ? 1.093   -4.869  -9.304  1.00 26.43 ? 3   LEU A CA  1 
ATOM   28   C C   . LEU A 1 4   ? 0.301   -5.916  -8.532  1.00 25.69 ? 3   LEU A C   1 
ATOM   29   O O   . LEU A 1 4   ? -0.459  -6.690  -9.115  1.00 25.37 ? 3   LEU A O   1 
ATOM   30   C CB  . LEU A 1 4   ? 0.172   -3.727  -9.715  1.00 26.02 ? 3   LEU A CB  1 
ATOM   31   C CG  . LEU A 1 4   ? 0.788   -2.555  -10.488 1.00 25.16 ? 3   LEU A CG  1 
ATOM   32   C CD1 . LEU A 1 4   ? -0.323  -1.634  -10.954 1.00 23.96 ? 3   LEU A CD1 1 
ATOM   33   C CD2 . LEU A 1 4   ? 1.777   -1.806  -9.603  1.00 24.63 ? 3   LEU A CD2 1 
ATOM   34   N N   . TYR A 1 5   ? 0.483   -5.931  -7.217  1.00 24.72 ? 4   TYR A N   1 
ATOM   35   C CA  . TYR A 1 5   ? -0.111  -6.955  -6.376  1.00 23.82 ? 4   TYR A CA  1 
ATOM   36   C C   . TYR A 1 5   ? -1.237  -6.426  -5.512  1.00 23.24 ? 4   TYR A C   1 
ATOM   37   O O   . TYR A 1 5   ? -2.201  -7.144  -5.237  1.00 22.78 ? 4   TYR A O   1 
ATOM   38   C CB  . TYR A 1 5   ? 0.957   -7.598  -5.498  1.00 23.83 ? 4   TYR A CB  1 
ATOM   39   C CG  . TYR A 1 5   ? 2.064   -8.251  -6.282  1.00 23.99 ? 4   TYR A CG  1 
ATOM   40   C CD1 . TYR A 1 5   ? 3.252   -7.576  -6.530  1.00 23.40 ? 4   TYR A CD1 1 
ATOM   41   C CD2 . TYR A 1 5   ? 1.918   -9.548  -6.783  1.00 23.99 ? 4   TYR A CD2 1 
ATOM   42   C CE1 . TYR A 1 5   ? 4.270   -8.168  -7.247  1.00 24.13 ? 4   TYR A CE1 1 
ATOM   43   C CE2 . TYR A 1 5   ? 2.933   -10.153 -7.499  1.00 24.15 ? 4   TYR A CE2 1 
ATOM   44   C CZ  . TYR A 1 5   ? 4.108   -9.457  -7.728  1.00 23.92 ? 4   TYR A CZ  1 
ATOM   45   O OH  . TYR A 1 5   ? 5.122   -10.042 -8.444  1.00 23.09 ? 4   TYR A OH  1 
ATOM   46   N N   . SER A 1 6   ? -1.112  -5.180  -5.070  1.00 22.76 ? 5   SER A N   1 
ATOM   47   C CA  . SER A 1 6   ? -2.160  -4.576  -4.251  1.00 22.41 ? 5   SER A CA  1 
ATOM   48   C C   . SER A 1 6   ? -2.211  -3.069  -4.361  1.00 22.33 ? 5   SER A C   1 
ATOM   49   O O   . SER A 1 6   ? -1.204  -2.409  -4.617  1.00 22.51 ? 5   SER A O   1 
ATOM   50   C CB  . SER A 1 6   ? -2.027  -4.984  -2.787  1.00 22.04 ? 5   SER A CB  1 
ATOM   51   O OG  . SER A 1 6   ? -0.935  -4.326  -2.195  1.00 22.31 ? 5   SER A OG  1 
ATOM   52   N N   . LEU A 1 7   ? -3.414  -2.542  -4.169  1.00 22.25 ? 6   LEU A N   1 
ATOM   53   C CA  . LEU A 1 7   ? -3.665  -1.117  -4.155  1.00 21.97 ? 6   LEU A CA  1 
ATOM   54   C C   . LEU A 1 7   ? -4.698  -0.895  -3.062  1.00 22.02 ? 6   LEU A C   1 
ATOM   55   O O   . LEU A 1 7   ? -5.755  -1.529  -3.070  1.00 22.01 ? 6   LEU A O   1 
ATOM   56   C CB  . LEU A 1 7   ? -4.184  -0.663  -5.525  1.00 22.01 ? 6   LEU A CB  1 
ATOM   57   C CG  . LEU A 1 7   ? -4.572  0.796   -5.794  1.00 21.52 ? 6   LEU A CG  1 
ATOM   58   C CD1 . LEU A 1 7   ? -3.351  1.699   -5.729  1.00 21.31 ? 6   LEU A CD1 1 
ATOM   59   C CD2 . LEU A 1 7   ? -5.248  0.910   -7.149  1.00 20.13 ? 6   LEU A CD2 1 
ATOM   60   N N   . SER A 1 8   ? -4.384  -0.021  -2.108  1.00 21.91 ? 7   SER A N   1 
ATOM   61   C CA  . SER A 1 8   ? -5.294  0.239   -0.990  1.00 21.82 ? 7   SER A CA  1 
ATOM   62   C C   . SER A 1 8   ? -5.299  1.688   -0.510  1.00 21.55 ? 7   SER A C   1 
ATOM   63   O O   . SER A 1 8   ? -4.307  2.405   -0.632  1.00 21.59 ? 7   SER A O   1 
ATOM   64   C CB  . SER A 1 8   ? -4.996  -0.703  0.178   1.00 22.01 ? 7   SER A CB  1 
ATOM   65   O OG  . SER A 1 8   ? -3.604  -0.829  0.373   1.00 23.02 ? 7   SER A OG  1 
ATOM   66   N N   . VAL A 1 9   ? -6.438  2.103   0.033   1.00 21.23 ? 8   VAL A N   1 
ATOM   67   C CA  . VAL A 1 9   ? -6.635  3.463   0.516   1.00 20.99 ? 8   VAL A CA  1 
ATOM   68   C C   . VAL A 1 9   ? -6.842  3.427   2.023   1.00 21.00 ? 8   VAL A C   1 
ATOM   69   O O   . VAL A 1 9   ? -7.641  2.645   2.534   1.00 20.97 ? 8   VAL A O   1 
ATOM   70   C CB  . VAL A 1 9   ? -7.832  4.152   -0.205  1.00 21.14 ? 8   VAL A CB  1 
ATOM   71   C CG1 . VAL A 1 9   ? -8.232  5.461   0.481   1.00 20.12 ? 8   VAL A CG1 1 
ATOM   72   C CG2 . VAL A 1 9   ? -7.507  4.381   -1.676  1.00 20.69 ? 8   VAL A CG2 1 
ATOM   73   N N   . PHE A 1 10  ? -6.098  4.266   2.729   1.00 21.15 ? 9   PHE A N   1 
ATOM   74   C CA  . PHE A 1 10  ? -6.185  4.343   4.172   1.00 21.75 ? 9   PHE A CA  1 
ATOM   75   C C   . PHE A 1 10  ? -6.556  5.749   4.624   1.00 22.43 ? 9   PHE A C   1 
ATOM   76   O O   . PHE A 1 10  ? -6.241  6.740   3.953   1.00 22.24 ? 9   PHE A O   1 
ATOM   77   C CB  . PHE A 1 10  ? -4.843  3.963   4.816   1.00 21.41 ? 9   PHE A CB  1 
ATOM   78   C CG  . PHE A 1 10  ? -4.548  2.480   4.804   1.00 21.16 ? 9   PHE A CG  1 
ATOM   79   C CD1 . PHE A 1 10  ? -4.847  1.693   5.904   1.00 19.42 ? 9   PHE A CD1 1 
ATOM   80   C CD2 . PHE A 1 10  ? -3.940  1.883   3.698   1.00 20.13 ? 9   PHE A CD2 1 
ATOM   81   C CE1 . PHE A 1 10  ? -4.567  0.335   5.900   1.00 19.90 ? 9   PHE A CE1 1 
ATOM   82   C CE2 . PHE A 1 10  ? -3.654  0.530   3.687   1.00 20.23 ? 9   PHE A CE2 1 
ATOM   83   C CZ  . PHE A 1 10  ? -3.968  -0.249  4.788   1.00 20.33 ? 9   PHE A CZ  1 
ATOM   84   N N   . TYR A 1 11  ? -7.239  5.821   5.760   1.00 23.19 ? 10  TYR A N   1 
ATOM   85   C CA  . TYR A 1 11  ? -7.256  7.034   6.541   1.00 24.18 ? 10  TYR A CA  1 
ATOM   86   C C   . TYR A 1 11  ? -6.121  6.939   7.566   1.00 24.84 ? 10  TYR A C   1 
ATOM   87   O O   . TYR A 1 11  ? -6.028  5.964   8.314   1.00 24.76 ? 10  TYR A O   1 
ATOM   88   C CB  . TYR A 1 11  ? -8.610  7.232   7.226   1.00 24.30 ? 10  TYR A CB  1 
ATOM   89   C CG  . TYR A 1 11  ? -8.569  8.245   8.348   1.00 24.43 ? 10  TYR A CG  1 
ATOM   90   C CD1 . TYR A 1 11  ? -8.439  9.606   8.081   1.00 24.56 ? 10  TYR A CD1 1 
ATOM   91   C CD2 . TYR A 1 11  ? -8.638  7.833   9.676   1.00 24.78 ? 10  TYR A CD2 1 
ATOM   92   C CE1 . TYR A 1 11  ? -8.382  10.533  9.108   1.00 25.88 ? 10  TYR A CE1 1 
ATOM   93   C CE2 . TYR A 1 11  ? -8.585  8.746   10.711  1.00 26.16 ? 10  TYR A CE2 1 
ATOM   94   C CZ  . TYR A 1 11  ? -8.462  10.094  10.421  1.00 26.63 ? 10  TYR A CZ  1 
ATOM   95   O OH  . TYR A 1 11  ? -8.415  10.995  11.453  1.00 27.66 ? 10  TYR A OH  1 
ATOM   96   N N   . LYS A 1 12  ? -5.249  7.941   7.591   1.00 25.77 ? 11  LYS A N   1 
ATOM   97   C CA  . LYS A 1 12  ? -4.181  7.963   8.574   1.00 27.16 ? 11  LYS A CA  1 
ATOM   98   C C   . LYS A 1 12  ? -4.637  8.661   9.854   1.00 28.36 ? 11  LYS A C   1 
ATOM   99   O O   . LYS A 1 12  ? -4.724  9.891   9.903   1.00 28.27 ? 11  LYS A O   1 
ATOM   100  C CB  . LYS A 1 12  ? -2.927  8.639   8.020   1.00 27.01 ? 11  LYS A CB  1 
ATOM   101  C CG  . LYS A 1 12  ? -1.682  8.397   8.867   1.00 26.86 ? 11  LYS A CG  1 
ATOM   102  C CD  . LYS A 1 12  ? -0.810  9.629   8.916   1.00 27.16 ? 11  LYS A CD  1 
ATOM   103  C CE  . LYS A 1 12  ? 0.659   9.280   9.026   1.00 26.46 ? 11  LYS A CE  1 
ATOM   104  N NZ  . LYS A 1 12  ? 1.040   8.518   10.246  1.00 27.10 ? 11  LYS A NZ  1 
ATOM   105  N N   . GLY A 1 13  ? -4.949  7.866   10.874  1.00 29.87 ? 12  GLY A N   1 
ATOM   106  C CA  . GLY A 1 13  ? -5.180  8.390   12.216  1.00 32.03 ? 12  GLY A CA  1 
ATOM   107  C C   . GLY A 1 13  ? -3.913  8.254   13.036  1.00 33.60 ? 12  GLY A C   1 
ATOM   108  O O   . GLY A 1 13  ? -2.975  7.563   12.629  1.00 34.07 ? 12  GLY A O   1 
ATOM   109  N N   . GLU A 1 14  ? -3.868  8.921   14.183  1.00 35.03 ? 13  GLU A N   1 
ATOM   110  C CA  . GLU A 1 14  ? -2.761  8.747   15.120  1.00 36.13 ? 13  GLU A CA  1 
ATOM   111  C C   . GLU A 1 14  ? -3.243  7.918   16.306  1.00 36.27 ? 13  GLU A C   1 
ATOM   112  O O   . GLU A 1 14  ? -4.169  8.337   17.006  1.00 36.70 ? 13  GLU A O   1 
ATOM   113  C CB  . GLU A 1 14  ? -2.220  10.102  15.588  1.00 36.61 ? 13  GLU A CB  1 
ATOM   114  C CG  . GLU A 1 14  ? -1.046  10.638  14.759  1.00 38.80 ? 13  GLU A CG  1 
ATOM   115  C CD  . GLU A 1 14  ? -0.866  12.147  14.899  1.00 41.81 ? 13  GLU A CD  1 
ATOM   116  O OE1 . GLU A 1 14  ? 0.173   12.585  15.454  1.00 42.50 ? 13  GLU A OE1 1 
ATOM   117  O OE2 . GLU A 1 14  ? -1.771  12.899  14.460  1.00 43.35 ? 13  GLU A OE2 1 
ATOM   118  N N   . PRO A 1 15  ? -2.628  6.736   16.533  1.00 36.21 ? 14  PRO A N   1 
ATOM   119  C CA  . PRO A 1 15  ? -1.535  6.177   15.728  1.00 35.98 ? 14  PRO A CA  1 
ATOM   120  C C   . PRO A 1 15  ? -2.005  5.282   14.571  1.00 35.59 ? 14  PRO A C   1 
ATOM   121  O O   . PRO A 1 15  ? -1.234  5.022   13.644  1.00 35.90 ? 14  PRO A O   1 
ATOM   122  C CB  . PRO A 1 15  ? -0.771  5.331   16.747  1.00 35.93 ? 14  PRO A CB  1 
ATOM   123  C CG  . PRO A 1 15  ? -1.847  4.811   17.662  1.00 36.34 ? 14  PRO A CG  1 
ATOM   124  C CD  . PRO A 1 15  ? -2.973  5.846   17.659  1.00 36.15 ? 14  PRO A CD  1 
ATOM   125  N N   . LYS A 1 16  ? -3.261  4.843   14.625  1.00 34.79 ? 15  LYS A N   1 
ATOM   126  C CA  . LYS A 1 16  ? -3.770  3.783   13.762  1.00 33.92 ? 15  LYS A CA  1 
ATOM   127  C C   . LYS A 1 16  ? -4.183  4.242   12.359  1.00 32.84 ? 15  LYS A C   1 
ATOM   128  O O   . LYS A 1 16  ? -4.813  5.288   12.198  1.00 32.78 ? 15  LYS A O   1 
ATOM   129  C CB  . LYS A 1 16  ? -4.949  3.112   14.462  1.00 34.39 ? 15  LYS A CB  1 
ATOM   130  C CG  . LYS A 1 16  ? -5.180  1.676   14.052  1.00 35.88 ? 15  LYS A CG  1 
ATOM   131  C CD  . LYS A 1 16  ? -5.851  0.897   15.175  1.00 37.81 ? 15  LYS A CD  1 
ATOM   132  C CE  . LYS A 1 16  ? -6.516  -0.353  14.631  1.00 39.15 ? 15  LYS A CE  1 
ATOM   133  N NZ  . LYS A 1 16  ? -5.520  -1.259  13.965  1.00 40.67 ? 15  LYS A NZ  1 
ATOM   134  N N   . ALA A 1 17  ? -3.822  3.449   11.348  1.00 31.38 ? 16  ALA A N   1 
ATOM   135  C CA  . ALA A 1 17  ? -4.290  3.666   9.975   1.00 29.84 ? 16  ALA A CA  1 
ATOM   136  C C   . ALA A 1 17  ? -5.527  2.819   9.716   1.00 28.82 ? 16  ALA A C   1 
ATOM   137  O O   . ALA A 1 17  ? -5.508  1.607   9.908   1.00 28.63 ? 16  ALA A O   1 
ATOM   138  C CB  . ALA A 1 17  ? -3.199  3.340   8.962   1.00 29.67 ? 16  ALA A CB  1 
ATOM   139  N N   . VAL A 1 18  ? -6.603  3.465   9.284   1.00 27.71 ? 17  VAL A N   1 
ATOM   140  C CA  . VAL A 1 18  ? -7.853  2.770   9.018   1.00 26.70 ? 17  VAL A CA  1 
ATOM   141  C C   . VAL A 1 18  ? -7.954  2.421   7.540   1.00 26.09 ? 17  VAL A C   1 
ATOM   142  O O   . VAL A 1 18  ? -8.004  3.307   6.686   1.00 25.80 ? 17  VAL A O   1 
ATOM   143  C CB  . VAL A 1 18  ? -9.097  3.605   9.417   1.00 26.77 ? 17  VAL A CB  1 
ATOM   144  C CG1 . VAL A 1 18  ? -10.311 2.708   9.535   1.00 26.80 ? 17  VAL A CG1 1 
ATOM   145  C CG2 . VAL A 1 18  ? -8.871  4.356   10.727  1.00 26.87 ? 17  VAL A CG2 1 
ATOM   146  N N   . LEU A 1 19  ? -7.983  1.122   7.250   1.00 25.22 ? 18  LEU A N   1 
ATOM   147  C CA  . LEU A 1 19  ? -8.272  0.636   5.909   1.00 24.38 ? 18  LEU A CA  1 
ATOM   148  C C   . LEU A 1 19  ? -9.679  1.045   5.463   1.00 23.95 ? 18  LEU A C   1 
ATOM   149  O O   . LEU A 1 19  ? -10.677 0.791   6.152   1.00 23.63 ? 18  LEU A O   1 
ATOM   150  C CB  . LEU A 1 19  ? -8.109  -0.884  5.833   1.00 24.08 ? 18  LEU A CB  1 
ATOM   151  C CG  . LEU A 1 19  ? -8.304  -1.511  4.445   1.00 24.27 ? 18  LEU A CG  1 
ATOM   152  C CD1 . LEU A 1 19  ? -7.311  -0.948  3.420   1.00 23.69 ? 18  LEU A CD1 1 
ATOM   153  C CD2 . LEU A 1 19  ? -8.207  -3.030  4.512   1.00 23.43 ? 18  LEU A CD2 1 
ATOM   154  N N   . LEU A 1 20  ? -9.745  1.685   4.303   1.00 23.35 ? 19  LEU A N   1 
ATOM   155  C CA  . LEU A 1 20  ? -11.017 2.114   3.739   1.00 22.68 ? 19  LEU A CA  1 
ATOM   156  C C   . LEU A 1 20  ? -11.437 1.203   2.591   1.00 22.51 ? 19  LEU A C   1 
ATOM   157  O O   . LEU A 1 20  ? -12.587 0.786   2.523   1.00 22.72 ? 19  LEU A O   1 
ATOM   158  C CB  . LEU A 1 20  ? -10.952 3.586   3.299   1.00 22.22 ? 19  LEU A CB  1 
ATOM   159  C CG  . LEU A 1 20  ? -10.691 4.599   4.423   1.00 21.56 ? 19  LEU A CG  1 
ATOM   160  C CD1 . LEU A 1 20  ? -10.597 6.014   3.886   1.00 20.22 ? 19  LEU A CD1 1 
ATOM   161  C CD2 . LEU A 1 20  ? -11.752 4.511   5.528   1.00 20.19 ? 19  LEU A CD2 1 
ATOM   162  N N   . LYS A 1 21  ? -10.498 0.888   1.703   1.00 22.24 ? 20  LYS A N   1 
ATOM   163  C CA  . LYS A 1 21  ? -10.772 0.079   0.522   1.00 22.08 ? 20  LYS A CA  1 
ATOM   164  C C   . LYS A 1 21  ? -9.475  -0.510  -0.015  1.00 22.22 ? 20  LYS A C   1 
ATOM   165  O O   . LYS A 1 21  ? -8.458  0.173   -0.063  1.00 22.18 ? 20  LYS A O   1 
ATOM   166  C CB  . LYS A 1 21  ? -11.473 0.918   -0.558  1.00 22.00 ? 20  LYS A CB  1 
ATOM   167  C CG  . LYS A 1 21  ? -12.228 0.119   -1.628  1.00 22.02 ? 20  LYS A CG  1 
ATOM   168  C CD  . LYS A 1 21  ? -13.258 -0.865  -1.051  1.00 21.21 ? 20  LYS A CD  1 
ATOM   169  C CE  . LYS A 1 21  ? -14.392 -0.150  -0.342  1.00 21.53 ? 20  LYS A CE  1 
ATOM   170  N NZ  . LYS A 1 21  ? -15.586 -1.028  -0.168  1.00 21.97 ? 20  LYS A NZ  1 
ATOM   171  N N   . ALA A 1 22  ? -9.516  -1.782  -0.410  1.00 22.51 ? 21  ALA A N   1 
ATOM   172  C CA  . ALA A 1 22  ? -8.336  -2.474  -0.929  1.00 22.57 ? 21  ALA A CA  1 
ATOM   173  C C   . ALA A 1 22  ? -8.642  -3.341  -2.154  1.00 22.63 ? 21  ALA A C   1 
ATOM   174  O O   . ALA A 1 22  ? -9.714  -3.936  -2.250  1.00 22.66 ? 21  ALA A O   1 
ATOM   175  C CB  . ALA A 1 22  ? -7.684  -3.310  0.176   1.00 22.43 ? 21  ALA A CB  1 
ATOM   176  N N   . ALA A 1 23  ? -7.688  -3.394  -3.082  1.00 22.77 ? 22  ALA A N   1 
ATOM   177  C CA  . ALA A 1 23  ? -7.736  -4.304  -4.228  1.00 22.87 ? 22  ALA A CA  1 
ATOM   178  C C   . ALA A 1 23  ? -6.438  -5.095  -4.301  1.00 23.09 ? 22  ALA A C   1 
ATOM   179  O O   . ALA A 1 23  ? -5.353  -4.548  -4.061  1.00 22.97 ? 22  ALA A O   1 
ATOM   180  C CB  . ALA A 1 23  ? -7.951  -3.536  -5.521  1.00 22.85 ? 22  ALA A CB  1 
ATOM   181  N N   . TYR A 1 24  ? -6.555  -6.378  -4.638  1.00 23.32 ? 23  TYR A N   1 
ATOM   182  C CA  . TYR A 1 24  ? -5.399  -7.273  -4.702  1.00 23.26 ? 23  TYR A CA  1 
ATOM   183  C C   . TYR A 1 24  ? -5.353  -8.068  -5.999  1.00 23.51 ? 23  TYR A C   1 
ATOM   184  O O   . TYR A 1 24  ? -6.390  -8.373  -6.587  1.00 23.34 ? 23  TYR A O   1 
ATOM   185  C CB  . TYR A 1 24  ? -5.407  -8.258  -3.534  1.00 23.33 ? 23  TYR A CB  1 
ATOM   186  C CG  . TYR A 1 24  ? -5.633  -7.648  -2.171  1.00 22.72 ? 23  TYR A CG  1 
ATOM   187  C CD1 . TYR A 1 24  ? -6.912  -7.582  -1.624  1.00 22.72 ? 23  TYR A CD1 1 
ATOM   188  C CD2 . TYR A 1 24  ? -4.569  -7.168  -1.419  1.00 22.60 ? 23  TYR A CD2 1 
ATOM   189  C CE1 . TYR A 1 24  ? -7.131  -7.030  -0.367  1.00 23.15 ? 23  TYR A CE1 1 
ATOM   190  C CE2 . TYR A 1 24  ? -4.772  -6.606  -0.158  1.00 23.17 ? 23  TYR A CE2 1 
ATOM   191  C CZ  . TYR A 1 24  ? -6.054  -6.543  0.354   1.00 23.27 ? 23  TYR A CZ  1 
ATOM   192  O OH  . TYR A 1 24  ? -6.263  -6.003  1.590   1.00 23.83 ? 23  TYR A OH  1 
ATOM   193  N N   . ASP A 1 25  ? -4.141  -8.396  -6.438  1.00 23.79 ? 24  ASP A N   1 
ATOM   194  C CA  . ASP A 1 25  ? -3.940  -9.394  -7.483  1.00 24.24 ? 24  ASP A CA  1 
ATOM   195  C C   . ASP A 1 25  ? -2.880  -10.402 -7.025  1.00 24.29 ? 24  ASP A C   1 
ATOM   196  O O   . ASP A 1 25  ? -1.679  -10.198 -7.223  1.00 24.23 ? 24  ASP A O   1 
ATOM   197  C CB  . ASP A 1 25  ? -3.561  -8.735  -8.818  1.00 24.23 ? 24  ASP A CB  1 
ATOM   198  C CG  . ASP A 1 25  ? -3.607  -9.709  -9.993  1.00 25.09 ? 24  ASP A CG  1 
ATOM   199  O OD1 . ASP A 1 25  ? -3.733  -10.939 -9.783  1.00 25.85 ? 24  ASP A OD1 1 
ATOM   200  O OD2 . ASP A 1 25  ? -3.510  -9.237  -11.147 1.00 26.39 ? 24  ASP A OD2 1 
ATOM   201  N N   . VAL A 1 26  ? -3.339  -11.482 -6.397  1.00 24.47 ? 25  VAL A N   1 
ATOM   202  C CA  . VAL A 1 26  ? -2.445  -12.517 -5.868  1.00 24.54 ? 25  VAL A CA  1 
ATOM   203  C C   . VAL A 1 26  ? -2.477  -13.788 -6.717  1.00 24.38 ? 25  VAL A C   1 
ATOM   204  O O   . VAL A 1 26  ? -2.097  -14.863 -6.258  1.00 24.26 ? 25  VAL A O   1 
ATOM   205  C CB  . VAL A 1 26  ? -2.718  -12.830 -4.364  1.00 24.57 ? 25  VAL A CB  1 
ATOM   206  C CG1 . VAL A 1 26  ? -2.179  -11.723 -3.496  1.00 24.86 ? 25  VAL A CG1 1 
ATOM   207  C CG2 . VAL A 1 26  ? -4.202  -13.032 -4.095  1.00 25.04 ? 25  VAL A CG2 1 
ATOM   208  N N   . SER A 1 27  ? -2.907  -13.636 -7.967  1.00 24.43 ? 26  SER A N   1 
ATOM   209  C CA  . SER A 1 27  ? -3.099  -14.754 -8.885  1.00 24.33 ? 26  SER A CA  1 
ATOM   210  C C   . SER A 1 27  ? -1.796  -15.451 -9.284  1.00 24.31 ? 26  SER A C   1 
ATOM   211  O O   . SER A 1 27  ? -1.810  -16.636 -9.638  1.00 24.53 ? 26  SER A O   1 
ATOM   212  C CB  . SER A 1 27  ? -3.854  -14.291 -10.129 1.00 24.13 ? 26  SER A CB  1 
ATOM   213  O OG  . SER A 1 27  ? -3.068  -13.396 -10.890 1.00 24.50 ? 26  SER A OG  1 
ATOM   214  N N   . SER A 1 28  ? -0.679  -14.731 -9.222  1.00 24.19 ? 27  SER A N   1 
ATOM   215  C CA  . SER A 1 28  ? 0.625   -15.325 -9.547  1.00 24.25 ? 27  SER A CA  1 
ATOM   216  C C   . SER A 1 28  ? 1.188   -16.202 -8.424  1.00 24.26 ? 27  SER A C   1 
ATOM   217  O O   . SER A 1 28  ? 2.154   -16.941 -8.641  1.00 24.51 ? 27  SER A O   1 
ATOM   218  C CB  . SER A 1 28  ? 1.643   -14.264 -9.984  1.00 23.98 ? 27  SER A CB  1 
ATOM   219  O OG  . SER A 1 28  ? 1.905   -13.332 -8.953  1.00 24.52 ? 27  SER A OG  1 
ATOM   220  N N   . PHE A 1 29  ? 0.579   -16.121 -7.239  1.00 24.16 ? 28  PHE A N   1 
ATOM   221  C CA  . PHE A 1 29  ? 0.960   -16.950 -6.091  1.00 24.25 ? 28  PHE A CA  1 
ATOM   222  C C   . PHE A 1 29  ? 0.207   -18.279 -6.100  1.00 24.64 ? 28  PHE A C   1 
ATOM   223  O O   . PHE A 1 29  ? -0.847  -18.405 -6.735  1.00 24.48 ? 28  PHE A O   1 
ATOM   224  C CB  . PHE A 1 29  ? 0.679   -16.216 -4.775  1.00 24.13 ? 28  PHE A CB  1 
ATOM   225  C CG  . PHE A 1 29  ? 1.534   -14.994 -4.558  1.00 24.44 ? 28  PHE A CG  1 
ATOM   226  C CD1 . PHE A 1 29  ? 1.154   -13.760 -5.074  1.00 23.62 ? 28  PHE A CD1 1 
ATOM   227  C CD2 . PHE A 1 29  ? 2.713   -15.076 -3.818  1.00 24.70 ? 28  PHE A CD2 1 
ATOM   228  C CE1 . PHE A 1 29  ? 1.942   -12.630 -4.872  1.00 24.12 ? 28  PHE A CE1 1 
ATOM   229  C CE2 . PHE A 1 29  ? 3.506   -13.947 -3.613  1.00 24.70 ? 28  PHE A CE2 1 
ATOM   230  C CZ  . PHE A 1 29  ? 3.117   -12.723 -4.143  1.00 23.79 ? 28  PHE A CZ  1 
ATOM   231  N N   . SER A 1 30  ? 0.749   -19.267 -5.393  1.00 25.03 ? 29  SER A N   1 
ATOM   232  C CA  . SER A 1 30  ? 0.080   -20.561 -5.258  1.00 25.79 ? 29  SER A CA  1 
ATOM   233  C C   . SER A 1 30  ? -1.233  -20.405 -4.491  1.00 25.93 ? 29  SER A C   1 
ATOM   234  O O   . SER A 1 30  ? -1.307  -19.650 -3.520  1.00 26.05 ? 29  SER A O   1 
ATOM   235  C CB  . SER A 1 30  ? 0.989   -21.581 -4.560  1.00 25.83 ? 29  SER A CB  1 
ATOM   236  O OG  . SER A 1 30  ? 2.185   -21.789 -5.294  1.00 26.68 ? 29  SER A OG  1 
ATOM   237  N N   . PHE A 1 31  ? -2.258  -21.131 -4.934  1.00 26.11 ? 30  PHE A N   1 
ATOM   238  C CA  . PHE A 1 31  ? -3.598  -21.068 -4.348  1.00 26.24 ? 30  PHE A CA  1 
ATOM   239  C C   . PHE A 1 31  ? -3.590  -21.028 -2.822  1.00 26.43 ? 30  PHE A C   1 
ATOM   240  O O   . PHE A 1 31  ? -4.324  -20.245 -2.219  1.00 26.51 ? 30  PHE A O   1 
ATOM   241  C CB  . PHE A 1 31  ? -4.456  -22.239 -4.849  1.00 26.31 ? 30  PHE A CB  1 
ATOM   242  C CG  . PHE A 1 31  ? -5.762  -22.391 -4.129  1.00 26.50 ? 30  PHE A CG  1 
ATOM   243  C CD1 . PHE A 1 31  ? -6.874  -21.644 -4.510  1.00 27.13 ? 30  PHE A CD1 1 
ATOM   244  C CD2 . PHE A 1 31  ? -5.886  -23.286 -3.068  1.00 27.03 ? 30  PHE A CD2 1 
ATOM   245  C CE1 . PHE A 1 31  ? -8.088  -21.779 -3.841  1.00 27.25 ? 30  PHE A CE1 1 
ATOM   246  C CE2 . PHE A 1 31  ? -7.094  -23.428 -2.392  1.00 26.81 ? 30  PHE A CE2 1 
ATOM   247  C CZ  . PHE A 1 31  ? -8.196  -22.675 -2.776  1.00 27.02 ? 30  PHE A CZ  1 
ATOM   248  N N   . PHE A 1 32  ? -2.762  -21.873 -2.211  1.00 26.57 ? 31  PHE A N   1 
ATOM   249  C CA  . PHE A 1 32  ? -2.710  -22.006 -0.756  1.00 26.67 ? 31  PHE A CA  1 
ATOM   250  C C   . PHE A 1 32  ? -2.047  -20.812 -0.052  1.00 26.67 ? 31  PHE A C   1 
ATOM   251  O O   . PHE A 1 32  ? -2.195  -20.637 1.157   1.00 26.84 ? 31  PHE A O   1 
ATOM   252  C CB  . PHE A 1 32  ? -2.051  -23.343 -0.359  1.00 26.59 ? 31  PHE A CB  1 
ATOM   253  C CG  . PHE A 1 32  ? -0.546  -23.323 -0.378  1.00 26.77 ? 31  PHE A CG  1 
ATOM   254  C CD1 . PHE A 1 32  ? 0.172   -23.099 0.791   1.00 26.94 ? 31  PHE A CD1 1 
ATOM   255  C CD2 . PHE A 1 32  ? 0.155   -23.548 -1.557  1.00 27.23 ? 31  PHE A CD2 1 
ATOM   256  C CE1 . PHE A 1 32  ? 1.559   -23.084 0.779   1.00 26.99 ? 31  PHE A CE1 1 
ATOM   257  C CE2 . PHE A 1 32  ? 1.546   -23.537 -1.574  1.00 26.55 ? 31  PHE A CE2 1 
ATOM   258  C CZ  . PHE A 1 32  ? 2.246   -23.305 -0.407  1.00 26.46 ? 31  PHE A CZ  1 
ATOM   259  N N   . GLN A 1 33  ? -1.331  -19.992 -0.815  1.00 26.77 ? 32  GLN A N   1 
ATOM   260  C CA  . GLN A 1 33  ? -0.624  -18.826 -0.269  1.00 26.69 ? 32  GLN A CA  1 
ATOM   261  C C   . GLN A 1 33  ? -1.454  -17.547 -0.324  1.00 26.68 ? 32  GLN A C   1 
ATOM   262  O O   . GLN A 1 33  ? -1.288  -16.663 0.520   1.00 26.68 ? 32  GLN A O   1 
ATOM   263  C CB  . GLN A 1 33  ? 0.692   -18.609 -1.017  1.00 26.61 ? 32  GLN A CB  1 
ATOM   264  C CG  . GLN A 1 33  ? 1.715   -19.708 -0.788  1.00 26.56 ? 32  GLN A CG  1 
ATOM   265  C CD  . GLN A 1 33  ? 2.944   -19.573 -1.662  1.00 26.57 ? 32  GLN A CD  1 
ATOM   266  O OE1 . GLN A 1 33  ? 2.882   -19.074 -2.787  1.00 27.11 ? 32  GLN A OE1 1 
ATOM   267  N NE2 . GLN A 1 33  ? 4.074   -20.026 -1.146  1.00 26.98 ? 32  GLN A NE2 1 
ATOM   268  N N   . ARG A 1 34  ? -2.356  -17.484 -1.305  1.00 26.62 ? 33  ARG A N   1 
ATOM   269  C CA  . ARG A 1 34  ? -3.076  -16.267 -1.702  1.00 26.58 ? 33  ARG A CA  1 
ATOM   270  C C   . ARG A 1 34  ? -3.745  -15.472 -0.582  1.00 27.01 ? 33  ARG A C   1 
ATOM   271  O O   . ARG A 1 34  ? -3.591  -14.252 -0.499  1.00 26.86 ? 33  ARG A O   1 
ATOM   272  C CB  . ARG A 1 34  ? -4.094  -16.599 -2.794  1.00 26.43 ? 33  ARG A CB  1 
ATOM   273  C CG  . ARG A 1 34  ? -3.437  -17.170 -4.032  1.00 25.52 ? 33  ARG A CG  1 
ATOM   274  C CD  . ARG A 1 34  ? -4.403  -17.446 -5.147  1.00 22.51 ? 33  ARG A CD  1 
ATOM   275  N NE  . ARG A 1 34  ? -3.656  -17.902 -6.311  1.00 22.44 ? 33  ARG A NE  1 
ATOM   276  C CZ  . ARG A 1 34  ? -4.149  -18.650 -7.291  1.00 21.31 ? 33  ARG A CZ  1 
ATOM   277  N NH1 . ARG A 1 34  ? -5.412  -19.041 -7.270  1.00 21.54 ? 33  ARG A NH1 1 
ATOM   278  N NH2 . ARG A 1 34  ? -3.369  -19.008 -8.292  1.00 21.18 ? 33  ARG A NH2 1 
ATOM   279  N N   . SER A 1 35  ? -4.486  -16.167 0.272   1.00 27.56 ? 34  SER A N   1 
ATOM   280  C CA  . SER A 1 35  ? -5.176  -15.538 1.394   1.00 27.99 ? 34  SER A CA  1 
ATOM   281  C C   . SER A 1 35  ? -4.182  -14.892 2.363   1.00 28.05 ? 34  SER A C   1 
ATOM   282  O O   . SER A 1 35  ? -4.416  -13.782 2.836   1.00 28.25 ? 34  SER A O   1 
ATOM   283  C CB  . SER A 1 35  ? -6.082  -16.565 2.088   1.00 28.06 ? 34  SER A CB  1 
ATOM   284  O OG  . SER A 1 35  ? -6.195  -16.328 3.480   1.00 29.46 ? 34  SER A OG  1 
ATOM   285  N N   . SER A 1 36  ? -3.068  -15.581 2.617   1.00 28.26 ? 35  SER A N   1 
ATOM   286  C CA  . SER A 1 36  ? -2.004  -15.116 3.517   1.00 28.39 ? 35  SER A CA  1 
ATOM   287  C C   . SER A 1 36  ? -1.203  -13.949 2.955   1.00 28.44 ? 35  SER A C   1 
ATOM   288  O O   . SER A 1 36  ? -0.807  -13.047 3.699   1.00 28.40 ? 35  SER A O   1 
ATOM   289  C CB  . SER A 1 36  ? -1.030  -16.258 3.840   1.00 28.33 ? 35  SER A CB  1 
ATOM   290  O OG  . SER A 1 36  ? -1.483  -17.034 4.930   1.00 29.09 ? 35  SER A OG  1 
ATOM   291  N N   . VAL A 1 37  ? -0.932  -14.001 1.650   1.00 28.55 ? 36  VAL A N   1 
ATOM   292  C CA  . VAL A 1 37  ? -0.193  -12.951 0.945   1.00 28.67 ? 36  VAL A CA  1 
ATOM   293  C C   . VAL A 1 37  ? -1.003  -11.648 0.920   1.00 28.79 ? 36  VAL A C   1 
ATOM   294  O O   . VAL A 1 37  ? -0.440  -10.561 1.026   1.00 28.68 ? 36  VAL A O   1 
ATOM   295  C CB  . VAL A 1 37  ? 0.215   -13.408 -0.489  1.00 28.71 ? 36  VAL A CB  1 
ATOM   296  C CG1 . VAL A 1 37  ? 0.822   -12.261 -1.298  1.00 28.16 ? 36  VAL A CG1 1 
ATOM   297  C CG2 . VAL A 1 37  ? 1.205   -14.578 -0.413  1.00 28.75 ? 36  VAL A CG2 1 
ATOM   298  N N   . GLN A 1 38  ? -2.322  -11.781 0.797   1.00 29.10 ? 37  GLN A N   1 
ATOM   299  C CA  . GLN A 1 38  ? -3.251  -10.656 0.841   1.00 29.39 ? 37  GLN A CA  1 
ATOM   300  C C   . GLN A 1 38  ? -3.236  -9.952  2.188   1.00 29.06 ? 37  GLN A C   1 
ATOM   301  O O   . GLN A 1 38  ? -3.196  -8.724  2.253   1.00 29.16 ? 37  GLN A O   1 
ATOM   302  C CB  . GLN A 1 38  ? -4.669  -11.120 0.529   1.00 29.41 ? 37  GLN A CB  1 
ATOM   303  C CG  . GLN A 1 38  ? -5.060  -10.960 -0.920  1.00 31.06 ? 37  GLN A CG  1 
ATOM   304  C CD  . GLN A 1 38  ? -6.533  -11.241 -1.166  1.00 33.51 ? 37  GLN A CD  1 
ATOM   305  O OE1 . GLN A 1 38  ? -6.891  -11.862 -2.165  1.00 34.79 ? 37  GLN A OE1 1 
ATOM   306  N NE2 . GLN A 1 38  ? -7.394  -10.784 -0.254  1.00 34.97 ? 37  GLN A NE2 1 
ATOM   307  N N   . GLU A 1 39  ? -3.277  -10.747 3.252   1.00 28.94 ? 38  GLU A N   1 
ATOM   308  C CA  . GLU A 1 39  ? -3.258  -10.257 4.626   1.00 28.73 ? 38  GLU A CA  1 
ATOM   309  C C   . GLU A 1 39  ? -1.941  -9.571  4.933   1.00 28.37 ? 38  GLU A C   1 
ATOM   310  O O   . GLU A 1 39  ? -1.918  -8.530  5.586   1.00 28.47 ? 38  GLU A O   1 
ATOM   311  C CB  . GLU A 1 39  ? -3.489  -11.409 5.608   1.00 28.86 ? 38  GLU A CB  1 
ATOM   312  C CG  . GLU A 1 39  ? -4.946  -11.836 5.730   1.00 29.93 ? 38  GLU A CG  1 
ATOM   313  C CD  . GLU A 1 39  ? -5.168  -12.974 6.724   1.00 31.66 ? 38  GLU A CD  1 
ATOM   314  O OE1 . GLU A 1 39  ? -4.292  -13.240 7.577   1.00 31.33 ? 38  GLU A OE1 1 
ATOM   315  O OE2 . GLU A 1 39  ? -6.242  -13.609 6.651   1.00 33.09 ? 38  GLU A OE2 1 
ATOM   316  N N   . PHE A 1 40  ? -0.845  -10.151 4.451   1.00 28.07 ? 39  PHE A N   1 
ATOM   317  C CA  . PHE A 1 40  ? 0.467   -9.563  4.671   1.00 27.63 ? 39  PHE A CA  1 
ATOM   318  C C   . PHE A 1 40  ? 0.700   -8.279  3.881   1.00 27.20 ? 39  PHE A C   1 
ATOM   319  O O   . PHE A 1 40  ? 1.457   -7.414  4.318   1.00 26.85 ? 39  PHE A O   1 
ATOM   320  C CB  . PHE A 1 40  ? 1.595   -10.561 4.420   1.00 27.81 ? 39  PHE A CB  1 
ATOM   321  C CG  . PHE A 1 40  ? 2.779   -10.323 5.300   1.00 28.77 ? 39  PHE A CG  1 
ATOM   322  C CD1 . PHE A 1 40  ? 3.828   -9.512  4.876   1.00 29.99 ? 39  PHE A CD1 1 
ATOM   323  C CD2 . PHE A 1 40  ? 2.820   -10.863 6.582   1.00 29.67 ? 39  PHE A CD2 1 
ATOM   324  C CE1 . PHE A 1 40  ? 4.916   -9.262  5.707   1.00 30.67 ? 39  PHE A CE1 1 
ATOM   325  C CE2 . PHE A 1 40  ? 3.899   -10.625 7.418   1.00 30.07 ? 39  PHE A CE2 1 
ATOM   326  C CZ  . PHE A 1 40  ? 4.950   -9.822  6.981   1.00 30.94 ? 39  PHE A CZ  1 
ATOM   327  N N   . MET A 1 41  ? 0.045   -8.147  2.734   1.00 26.77 ? 40  MET A N   1 
ATOM   328  C CA  . MET A 1 41  ? 0.126   -6.907  1.975   1.00 26.93 ? 40  MET A CA  1 
ATOM   329  C C   . MET A 1 41  ? -0.736  -5.812  2.587   1.00 26.75 ? 40  MET A C   1 
ATOM   330  O O   . MET A 1 41  ? -0.392  -4.645  2.507   1.00 26.67 ? 40  MET A O   1 
ATOM   331  C CB  . MET A 1 41  ? -0.216  -7.129  0.506   1.00 27.12 ? 40  MET A CB  1 
ATOM   332  C CG  . MET A 1 41  ? 0.904   -7.813  -0.246  1.00 27.61 ? 40  MET A CG  1 
ATOM   333  S SD  . MET A 1 41  ? 0.522   -8.160  -1.954  1.00 29.58 ? 40  MET A SD  1 
ATOM   334  C CE  . MET A 1 41  ? -1.155  -8.767  -1.848  1.00 29.81 ? 40  MET A CE  1 
ATOM   335  N N   . THR A 1 42  ? -1.845  -6.204  3.213   1.00 26.92 ? 41  THR A N   1 
ATOM   336  C CA  . THR A 1 42  ? -2.680  -5.276  3.970   1.00 26.98 ? 41  THR A CA  1 
ATOM   337  C C   . THR A 1 42  ? -1.944  -4.828  5.223   1.00 26.73 ? 41  THR A C   1 
ATOM   338  O O   . THR A 1 42  ? -1.905  -3.635  5.527   1.00 26.90 ? 41  THR A O   1 
ATOM   339  C CB  . THR A 1 42  ? -4.034  -5.913  4.350   1.00 27.17 ? 41  THR A CB  1 
ATOM   340  O OG1 . THR A 1 42  ? -4.615  -6.504  3.185   1.00 27.45 ? 41  THR A OG1 1 
ATOM   341  C CG2 . THR A 1 42  ? -4.998  -4.862  4.902   1.00 27.69 ? 41  THR A CG2 1 
ATOM   342  N N   . PHE A 1 43  ? -1.350  -5.793  5.928   1.00 26.35 ? 42  PHE A N   1 
ATOM   343  C CA  . PHE A 1 43  ? -0.541  -5.538  7.121   1.00 26.21 ? 42  PHE A CA  1 
ATOM   344  C C   . PHE A 1 43  ? 0.651   -4.615  6.826   1.00 26.03 ? 42  PHE A C   1 
ATOM   345  O O   . PHE A 1 43  ? 0.939   -3.687  7.591   1.00 26.14 ? 42  PHE A O   1 
ATOM   346  C CB  . PHE A 1 43  ? -0.061  -6.870  7.738   1.00 26.18 ? 42  PHE A CB  1 
ATOM   347  C CG  . PHE A 1 43  ? 0.977   -6.708  8.815   1.00 26.19 ? 42  PHE A CG  1 
ATOM   348  C CD1 . PHE A 1 43  ? 0.601   -6.412  10.125  1.00 26.76 ? 42  PHE A CD1 1 
ATOM   349  C CD2 . PHE A 1 43  ? 2.333   -6.845  8.522   1.00 26.08 ? 42  PHE A CD2 1 
ATOM   350  C CE1 . PHE A 1 43  ? 1.558   -6.253  11.127  1.00 26.13 ? 42  PHE A CE1 1 
ATOM   351  C CE2 . PHE A 1 43  ? 3.297   -6.679  9.512   1.00 25.86 ? 42  PHE A CE2 1 
ATOM   352  C CZ  . PHE A 1 43  ? 2.909   -6.382  10.817  1.00 26.13 ? 42  PHE A CZ  1 
ATOM   353  N N   . THR A 1 44  ? 1.342   -4.894  5.722   1.00 25.71 ? 43  THR A N   1 
ATOM   354  C CA  . THR A 1 44  ? 2.493   -4.114  5.289   1.00 25.32 ? 43  THR A CA  1 
ATOM   355  C C   . THR A 1 44  ? 2.071   -2.704  4.879   1.00 25.02 ? 43  THR A C   1 
ATOM   356  O O   . THR A 1 44  ? 2.737   -1.730  5.233   1.00 25.08 ? 43  THR A O   1 
ATOM   357  C CB  . THR A 1 44  ? 3.249   -4.820  4.128   1.00 25.45 ? 43  THR A CB  1 
ATOM   358  O OG1 . THR A 1 44  ? 3.694   -6.117  4.556   1.00 25.39 ? 43  THR A OG1 1 
ATOM   359  C CG2 . THR A 1 44  ? 4.452   -4.005  3.683   1.00 25.32 ? 43  THR A CG2 1 
ATOM   360  N N   . SER A 1 45  ? 0.957   -2.607  4.150   1.00 24.67 ? 44  SER A N   1 
ATOM   361  C CA  . SER A 1 45  ? 0.406   -1.324  3.701   1.00 24.18 ? 44  SER A CA  1 
ATOM   362  C C   . SER A 1 45  ? -0.044  -0.441  4.861   1.00 24.23 ? 44  SER A C   1 
ATOM   363  O O   . SER A 1 45  ? 0.180   0.769   4.846   1.00 23.94 ? 44  SER A O   1 
ATOM   364  C CB  . SER A 1 45  ? -0.759  -1.544  2.734   1.00 24.27 ? 44  SER A CB  1 
ATOM   365  O OG  . SER A 1 45  ? -0.324  -2.144  1.526   1.00 23.35 ? 44  SER A OG  1 
ATOM   366  N N   . GLN A 1 46  ? -0.676  -1.053  5.861   1.00 24.39 ? 45  GLN A N   1 
ATOM   367  C CA  . GLN A 1 46  ? -1.095  -0.341  7.069   1.00 24.83 ? 45  GLN A CA  1 
ATOM   368  C C   . GLN A 1 46  ? 0.087   0.252   7.850   1.00 25.04 ? 45  GLN A C   1 
ATOM   369  O O   . GLN A 1 46  ? 0.051   1.426   8.229   1.00 25.03 ? 45  GLN A O   1 
ATOM   370  C CB  . GLN A 1 46  ? -1.933  -1.253  7.971   1.00 24.75 ? 45  GLN A CB  1 
ATOM   371  C CG  . GLN A 1 46  ? -2.492  -0.548  9.198   1.00 26.10 ? 45  GLN A CG  1 
ATOM   372  C CD  . GLN A 1 46  ? -3.402  -1.418  10.042  1.00 27.33 ? 45  GLN A CD  1 
ATOM   373  O OE1 . GLN A 1 46  ? -3.086  -1.727  11.183  1.00 28.94 ? 45  GLN A OE1 1 
ATOM   374  N NE2 . GLN A 1 46  ? -4.547  -1.803  9.488   1.00 29.02 ? 45  GLN A NE2 1 
ATOM   375  N N   . LEU A 1 47  ? 1.124   -0.564  8.067   1.00 25.26 ? 46  LEU A N   1 
ATOM   376  C CA  . LEU A 1 47  ? 2.313   -0.175  8.826   1.00 25.47 ? 46  LEU A CA  1 
ATOM   377  C C   . LEU A 1 47  ? 3.120   0.924   8.151   1.00 25.64 ? 46  LEU A C   1 
ATOM   378  O O   . LEU A 1 47  ? 3.719   1.764   8.831   1.00 25.81 ? 46  LEU A O   1 
ATOM   379  C CB  . LEU A 1 47  ? 3.210   -1.394  9.087   1.00 25.69 ? 46  LEU A CB  1 
ATOM   380  C CG  . LEU A 1 47  ? 4.514   -1.212  9.885   1.00 26.06 ? 46  LEU A CG  1 
ATOM   381  C CD1 . LEU A 1 47  ? 4.232   -0.841  11.338  1.00 26.70 ? 46  LEU A CD1 1 
ATOM   382  C CD2 . LEU A 1 47  ? 5.357   -2.474  9.824   1.00 26.98 ? 46  LEU A CD2 1 
ATOM   383  N N   . ILE A 1 48  ? 3.150   0.916   6.820   1.00 25.66 ? 47  ILE A N   1 
ATOM   384  C CA  . ILE A 1 48  ? 3.887   1.943   6.077   1.00 25.57 ? 47  ILE A CA  1 
ATOM   385  C C   . ILE A 1 48  ? 3.191   3.306   6.162   1.00 25.23 ? 47  ILE A C   1 
ATOM   386  O O   . ILE A 1 48  ? 3.860   4.337   6.235   1.00 25.17 ? 47  ILE A O   1 
ATOM   387  C CB  . ILE A 1 48  ? 4.155   1.533   4.613   1.00 25.59 ? 47  ILE A CB  1 
ATOM   388  C CG1 . ILE A 1 48  ? 5.003   0.255   4.572   1.00 26.69 ? 47  ILE A CG1 1 
ATOM   389  C CG2 . ILE A 1 48  ? 4.886   2.646   3.865   1.00 25.56 ? 47  ILE A CG2 1 
ATOM   390  C CD1 . ILE A 1 48  ? 5.035   -0.438  3.209   1.00 26.98 ? 47  ILE A CD1 1 
ATOM   391  N N   . VAL A 1 49  ? 1.858   3.303   6.160   1.00 24.98 ? 48  VAL A N   1 
ATOM   392  C CA  . VAL A 1 49  ? 1.079   4.535   6.285   1.00 24.61 ? 48  VAL A CA  1 
ATOM   393  C C   . VAL A 1 49  ? 1.302   5.152   7.665   1.00 24.84 ? 48  VAL A C   1 
ATOM   394  O O   . VAL A 1 49  ? 1.530   6.358   7.780   1.00 24.67 ? 48  VAL A O   1 
ATOM   395  C CB  . VAL A 1 49  ? -0.431  4.300   6.019   1.00 24.54 ? 48  VAL A CB  1 
ATOM   396  C CG1 . VAL A 1 49  ? -1.273  5.505   6.449   1.00 24.04 ? 48  VAL A CG1 1 
ATOM   397  C CG2 . VAL A 1 49  ? -0.666  3.994   4.562   1.00 23.84 ? 48  VAL A CG2 1 
ATOM   398  N N   . GLU A 1 50  ? 1.266   4.304   8.693   1.00 24.97 ? 49  GLU A N   1 
ATOM   399  C CA  . GLU A 1 50  ? 1.414   4.725   10.084  1.00 25.31 ? 49  GLU A CA  1 
ATOM   400  C C   . GLU A 1 50  ? 2.784   5.307   10.409  1.00 25.10 ? 49  GLU A C   1 
ATOM   401  O O   . GLU A 1 50  ? 2.894   6.212   11.234  1.00 25.25 ? 49  GLU A O   1 
ATOM   402  C CB  . GLU A 1 50  ? 1.121   3.560   11.026  1.00 25.42 ? 49  GLU A CB  1 
ATOM   403  C CG  . GLU A 1 50  ? -0.360  3.241   11.150  1.00 26.55 ? 49  GLU A CG  1 
ATOM   404  C CD  . GLU A 1 50  ? -0.629  1.901   11.810  1.00 28.33 ? 49  GLU A CD  1 
ATOM   405  O OE1 . GLU A 1 50  ? -1.812  1.503   11.879  1.00 28.81 ? 49  GLU A OE1 1 
ATOM   406  O OE2 . GLU A 1 50  ? 0.338   1.245   12.259  1.00 29.16 ? 49  GLU A OE2 1 
ATOM   407  N N   . ARG A 1 51  ? 3.817   4.787   9.759   1.00 24.86 ? 50  ARG A N   1 
ATOM   408  C CA  . ARG A 1 51  ? 5.185   5.228   10.009  1.00 24.62 ? 50  ARG A CA  1 
ATOM   409  C C   . ARG A 1 51  ? 5.634   6.319   9.042   1.00 24.44 ? 50  ARG A C   1 
ATOM   410  O O   . ARG A 1 51  ? 6.776   6.784   9.112   1.00 24.46 ? 50  ARG A O   1 
ATOM   411  C CB  . ARG A 1 51  ? 6.157   4.042   9.946   1.00 24.64 ? 50  ARG A CB  1 
ATOM   412  C CG  . ARG A 1 51  ? 5.857   2.907   10.906  1.00 24.73 ? 50  ARG A CG  1 
ATOM   413  C CD  . ARG A 1 51  ? 5.708   3.373   12.350  1.00 25.45 ? 50  ARG A CD  1 
ATOM   414  N NE  . ARG A 1 51  ? 5.144   2.302   13.170  1.00 26.03 ? 50  ARG A NE  1 
ATOM   415  C CZ  . ARG A 1 51  ? 5.847   1.528   13.989  1.00 26.17 ? 50  ARG A CZ  1 
ATOM   416  N NH1 . ARG A 1 51  ? 7.149   1.714   14.129  1.00 26.15 ? 50  ARG A NH1 1 
ATOM   417  N NH2 . ARG A 1 51  ? 5.238   0.574   14.681  1.00 27.06 ? 50  ARG A NH2 1 
ATOM   418  N N   . SER A 1 52  ? 4.741   6.716   8.140   1.00 24.26 ? 51  SER A N   1 
ATOM   419  C CA  . SER A 1 52  ? 5.043   7.765   7.169   1.00 24.15 ? 51  SER A CA  1 
ATOM   420  C C   . SER A 1 52  ? 4.382   9.066   7.569   1.00 24.27 ? 51  SER A C   1 
ATOM   421  O O   . SER A 1 52  ? 3.295   9.063   8.117   1.00 24.53 ? 51  SER A O   1 
ATOM   422  C CB  . SER A 1 52  ? 4.585   7.363   5.769   1.00 23.93 ? 51  SER A CB  1 
ATOM   423  O OG  . SER A 1 52  ? 5.370   6.300   5.276   1.00 23.33 ? 51  SER A OG  1 
ATOM   424  N N   . ALA A 1 53  ? 5.054   10.176  7.291   1.00 24.65 ? 52  ALA A N   1 
ATOM   425  C CA  . ALA A 1 53  ? 4.539   11.505  7.602   1.00 24.83 ? 52  ALA A CA  1 
ATOM   426  C C   . ALA A 1 53  ? 3.481   11.977  6.593   1.00 25.10 ? 52  ALA A C   1 
ATOM   427  O O   . ALA A 1 53  ? 3.522   11.609  5.414   1.00 25.18 ? 52  ALA A O   1 
ATOM   428  C CB  . ALA A 1 53  ? 5.692   12.504  7.683   1.00 24.55 ? 52  ALA A CB  1 
ATOM   429  N N   . LYS A 1 54  ? 2.535   12.787  7.067   1.00 25.26 ? 53  LYS A N   1 
ATOM   430  C CA  . LYS A 1 54  ? 1.560   13.440  6.195   1.00 25.62 ? 53  LYS A CA  1 
ATOM   431  C C   . LYS A 1 54  ? 2.270   14.354  5.209   1.00 25.56 ? 53  LYS A C   1 
ATOM   432  O O   . LYS A 1 54  ? 3.239   15.026  5.563   1.00 25.95 ? 53  LYS A O   1 
ATOM   433  C CB  . LYS A 1 54  ? 0.542   14.240  7.008   1.00 25.67 ? 53  LYS A CB  1 
ATOM   434  C CG  . LYS A 1 54  ? -0.183  13.425  8.058   1.00 26.91 ? 53  LYS A CG  1 
ATOM   435  C CD  . LYS A 1 54  ? -1.462  14.096  8.514   1.00 29.33 ? 53  LYS A CD  1 
ATOM   436  C CE  . LYS A 1 54  ? -2.426  13.062  9.097   1.00 31.44 ? 53  LYS A CE  1 
ATOM   437  N NZ  . LYS A 1 54  ? -2.100  12.649  10.501  1.00 32.82 ? 53  LYS A NZ  1 
ATOM   438  N N   . GLY A 1 55  ? 1.789   14.363  3.971   1.00 25.58 ? 54  GLY A N   1 
ATOM   439  C CA  . GLY A 1 55  ? 2.400   15.143  2.898   1.00 25.50 ? 54  GLY A CA  1 
ATOM   440  C C   . GLY A 1 55  ? 3.685   14.550  2.346   1.00 25.52 ? 54  GLY A C   1 
ATOM   441  O O   . GLY A 1 55  ? 4.487   15.261  1.746   1.00 25.80 ? 54  GLY A O   1 
ATOM   442  N N   . SER A 1 56  ? 3.887   13.249  2.536   1.00 25.32 ? 55  SER A N   1 
ATOM   443  C CA  . SER A 1 56  ? 5.120   12.610  2.086   1.00 25.43 ? 55  SER A CA  1 
ATOM   444  C C   . SER A 1 56  ? 4.894   11.413  1.157   1.00 25.41 ? 55  SER A C   1 
ATOM   445  O O   . SER A 1 56  ? 3.913   10.684  1.284   1.00 25.13 ? 55  SER A O   1 
ATOM   446  C CB  . SER A 1 56  ? 5.985   12.197  3.282   1.00 25.39 ? 55  SER A CB  1 
ATOM   447  O OG  . SER A 1 56  ? 5.373   11.139  3.997   1.00 25.41 ? 55  SER A OG  1 
ATOM   448  N N   . ARG A 1 57  ? 5.823   11.239  0.223   1.00 25.60 ? 56  ARG A N   1 
ATOM   449  C CA  . ARG A 1 57  ? 5.863   10.080  -0.653  1.00 25.80 ? 56  ARG A CA  1 
ATOM   450  C C   . ARG A 1 57  ? 7.086   9.243   -0.307  1.00 26.07 ? 56  ARG A C   1 
ATOM   451  O O   . ARG A 1 57  ? 8.180   9.778   -0.109  1.00 25.96 ? 56  ARG A O   1 
ATOM   452  C CB  . ARG A 1 57  ? 5.917   10.507  -2.117  1.00 25.52 ? 56  ARG A CB  1 
ATOM   453  C CG  . ARG A 1 57  ? 4.625   11.078  -2.634  1.00 25.79 ? 56  ARG A CG  1 
ATOM   454  C CD  . ARG A 1 57  ? 4.817   11.694  -4.005  1.00 25.99 ? 56  ARG A CD  1 
ATOM   455  N NE  . ARG A 1 57  ? 3.571   12.243  -4.531  1.00 26.18 ? 56  ARG A NE  1 
ATOM   456  C CZ  . ARG A 1 57  ? 3.185   13.512  -4.407  1.00 25.88 ? 56  ARG A CZ  1 
ATOM   457  N NH1 . ARG A 1 57  ? 3.951   14.388  -3.777  1.00 26.10 ? 56  ARG A NH1 1 
ATOM   458  N NH2 . ARG A 1 57  ? 2.028   13.909  -4.925  1.00 25.99 ? 56  ARG A NH2 1 
ATOM   459  N N   . ALA A 1 58  ? 6.890   7.933   -0.233  1.00 26.53 ? 57  ALA A N   1 
ATOM   460  C CA  . ALA A 1 58  ? 7.962   7.007   0.102   1.00 27.17 ? 57  ALA A CA  1 
ATOM   461  C C   . ALA A 1 58  ? 7.877   5.691   -0.670  1.00 27.70 ? 57  ALA A C   1 
ATOM   462  O O   . ALA A 1 58  ? 6.792   5.243   -1.066  1.00 27.81 ? 57  ALA A O   1 
ATOM   463  C CB  . ALA A 1 58  ? 7.991   6.749   1.611   1.00 26.83 ? 57  ALA A CB  1 
ATOM   464  N N   . SER A 1 59  ? 9.037   5.084   -0.890  1.00 28.55 ? 58  SER A N   1 
ATOM   465  C CA  . SER A 1 59  ? 9.124   3.730   -1.423  1.00 29.36 ? 58  SER A CA  1 
ATOM   466  C C   . SER A 1 59  ? 9.879   2.853   -0.440  1.00 30.28 ? 58  SER A C   1 
ATOM   467  O O   . SER A 1 59  ? 10.976  3.197   0.000   1.00 30.28 ? 58  SER A O   1 
ATOM   468  C CB  . SER A 1 59  ? 9.804   3.723   -2.788  1.00 29.10 ? 58  SER A CB  1 
ATOM   469  O OG  . SER A 1 59  ? 8.972   4.317   -3.764  1.00 28.28 ? 58  SER A OG  1 
ATOM   470  N N   . VAL A 1 60  ? 9.268   1.733   -0.074  1.00 31.68 ? 59  VAL A N   1 
ATOM   471  C CA  . VAL A 1 60  ? 9.873   0.791   0.867   1.00 33.00 ? 59  VAL A CA  1 
ATOM   472  C C   . VAL A 1 60  ? 10.282  -0.491  0.135   1.00 34.17 ? 59  VAL A C   1 
ATOM   473  O O   . VAL A 1 60  ? 9.436   -1.227  -0.378  1.00 34.18 ? 59  VAL A O   1 
ATOM   474  C CB  . VAL A 1 60  ? 8.923   0.451   2.051   1.00 32.67 ? 59  VAL A CB  1 
ATOM   475  C CG1 . VAL A 1 60  ? 9.666   -0.335  3.125   1.00 32.59 ? 59  VAL A CG1 1 
ATOM   476  C CG2 . VAL A 1 60  ? 8.335   1.711   2.646   1.00 32.53 ? 59  VAL A CG2 1 
ATOM   477  N N   . LYS A 1 61  ? 11.585  -0.741  0.073   1.00 35.81 ? 60  LYS A N   1 
ATOM   478  C CA  . LYS A 1 61  ? 12.076  -1.972  -0.529  1.00 37.55 ? 60  LYS A CA  1 
ATOM   479  C C   . LYS A 1 61  ? 12.109  -3.079  0.513   1.00 38.34 ? 60  LYS A C   1 
ATOM   480  O O   . LYS A 1 61  ? 12.459  -2.847  1.670   1.00 38.65 ? 60  LYS A O   1 
ATOM   481  C CB  . LYS A 1 61  ? 13.460  -1.773  -1.155  1.00 37.60 ? 60  LYS A CB  1 
ATOM   482  C CG  . LYS A 1 61  ? 13.843  -2.884  -2.129  1.00 39.02 ? 60  LYS A CG  1 
ATOM   483  C CD  . LYS A 1 61  ? 15.122  -2.570  -2.895  1.00 40.77 ? 60  LYS A CD  1 
ATOM   484  C CE  . LYS A 1 61  ? 15.079  -3.236  -4.266  1.00 41.88 ? 60  LYS A CE  1 
ATOM   485  N NZ  . LYS A 1 61  ? 16.442  -3.321  -4.916  1.00 43.16 ? 60  LYS A NZ  1 
ATOM   486  N N   . GLU A 1 62  ? 11.717  -4.278  0.107   1.00 39.54 ? 61  GLU A N   1 
ATOM   487  C CA  . GLU A 1 62  ? 11.860  -5.434  0.973   1.00 40.66 ? 61  GLU A CA  1 
ATOM   488  C C   . GLU A 1 62  ? 12.589  -6.561  0.244   1.00 40.94 ? 61  GLU A C   1 
ATOM   489  O O   . GLU A 1 62  ? 13.824  -6.612  0.264   1.00 41.44 ? 61  GLU A O   1 
ATOM   490  C CB  . GLU A 1 62  ? 10.507  -5.878  1.547   1.00 41.03 ? 61  GLU A CB  1 
ATOM   491  C CG  . GLU A 1 62  ? 10.614  -6.773  2.792   1.00 42.51 ? 61  GLU A CG  1 
ATOM   492  C CD  . GLU A 1 62  ? 11.757  -6.363  3.720   1.00 44.45 ? 61  GLU A CD  1 
ATOM   493  O OE1 . GLU A 1 62  ? 12.660  -7.198  3.941   1.00 45.55 ? 61  GLU A OE1 1 
ATOM   494  O OE2 . GLU A 1 62  ? 11.766  -5.206  4.203   1.00 44.84 ? 61  GLU A OE2 1 
ATOM   495  N N   . GLN A 1 63  ? 11.851  -7.457  -0.400  1.00 40.89 ? 62  GLN A N   1 
ATOM   496  C CA  . GLN A 1 63  ? 12.504  -8.523  -1.150  1.00 40.90 ? 62  GLN A CA  1 
ATOM   497  C C   . GLN A 1 63  ? 12.661  -8.054  -2.600  1.00 40.53 ? 62  GLN A C   1 
ATOM   498  O O   . GLN A 1 63  ? 13.410  -7.107  -2.867  1.00 40.69 ? 62  GLN A O   1 
ATOM   499  C CB  . GLN A 1 63  ? 11.744  -9.856  -1.013  1.00 41.05 ? 62  GLN A CB  1 
ATOM   500  C CG  . GLN A 1 63  ? 11.598  -10.354 0.441   1.00 41.90 ? 62  GLN A CG  1 
ATOM   501  C CD  . GLN A 1 63  ? 12.897  -10.916 1.025   1.00 43.29 ? 62  GLN A CD  1 
ATOM   502  O OE1 . GLN A 1 63  ? 13.284  -12.052 0.735   1.00 43.75 ? 62  GLN A OE1 1 
ATOM   503  N NE2 . GLN A 1 63  ? 13.563  -10.126 1.865   1.00 43.58 ? 62  GLN A NE2 1 
ATOM   504  N N   . GLU A 1 64  ? 11.951  -8.694  -3.522  1.00 39.76 ? 63  GLU A N   1 
ATOM   505  C CA  . GLU A 1 64  ? 11.901  -8.240  -4.911  1.00 39.12 ? 63  GLU A CA  1 
ATOM   506  C C   . GLU A 1 64  ? 10.758  -7.234  -5.126  1.00 38.15 ? 63  GLU A C   1 
ATOM   507  O O   . GLU A 1 64  ? 10.478  -6.826  -6.258  1.00 38.02 ? 63  GLU A O   1 
ATOM   508  C CB  . GLU A 1 64  ? 11.754  -9.436  -5.857  1.00 39.46 ? 63  GLU A CB  1 
ATOM   509  C CG  . GLU A 1 64  ? 10.888  -10.568 -5.300  1.00 40.59 ? 63  GLU A CG  1 
ATOM   510  C CD  . GLU A 1 64  ? 9.963   -11.158 -6.348  1.00 42.66 ? 63  GLU A CD  1 
ATOM   511  O OE1 . GLU A 1 64  ? 9.127   -10.400 -6.893  1.00 43.29 ? 63  GLU A OE1 1 
ATOM   512  O OE2 . GLU A 1 64  ? 10.065  -12.377 -6.617  1.00 43.25 ? 63  GLU A OE2 1 
ATOM   513  N N   . TYR A 1 65  ? 10.119  -6.839  -4.023  1.00 36.81 ? 64  TYR A N   1 
ATOM   514  C CA  . TYR A 1 65  ? 8.954   -5.959  -4.047  1.00 35.67 ? 64  TYR A CA  1 
ATOM   515  C C   . TYR A 1 65  ? 9.305   -4.515  -3.714  1.00 34.44 ? 64  TYR A C   1 
ATOM   516  O O   . TYR A 1 65  ? 10.323  -4.233  -3.085  1.00 34.41 ? 64  TYR A O   1 
ATOM   517  C CB  . TYR A 1 65  ? 7.878   -6.461  -3.071  1.00 35.87 ? 64  TYR A CB  1 
ATOM   518  C CG  . TYR A 1 65  ? 7.489   -7.909  -3.273  1.00 36.53 ? 64  TYR A CG  1 
ATOM   519  C CD1 . TYR A 1 65  ? 6.636   -8.286  -4.311  1.00 37.23 ? 64  TYR A CD1 1 
ATOM   520  C CD2 . TYR A 1 65  ? 7.978   -8.905  -2.425  1.00 37.64 ? 64  TYR A CD2 1 
ATOM   521  C CE1 . TYR A 1 65  ? 6.284   -9.618  -4.505  1.00 38.37 ? 64  TYR A CE1 1 
ATOM   522  C CE2 . TYR A 1 65  ? 7.631   -10.243 -2.607  1.00 38.04 ? 64  TYR A CE2 1 
ATOM   523  C CZ  . TYR A 1 65  ? 6.785   -10.591 -3.647  1.00 38.56 ? 64  TYR A CZ  1 
ATOM   524  O OH  . TYR A 1 65  ? 6.442   -11.909 -3.830  1.00 39.40 ? 64  TYR A OH  1 
ATOM   525  N N   . LEU A 1 66  ? 8.440   -3.605  -4.139  1.00 33.07 ? 65  LEU A N   1 
ATOM   526  C CA  . LEU A 1 66  ? 8.572   -2.193  -3.824  1.00 31.86 ? 65  LEU A CA  1 
ATOM   527  C C   . LEU A 1 66  ? 7.201   -1.672  -3.409  1.00 31.00 ? 65  LEU A C   1 
ATOM   528  O O   . LEU A 1 66  ? 6.236   -1.787  -4.167  1.00 30.99 ? 65  LEU A O   1 
ATOM   529  C CB  . LEU A 1 66  ? 9.105   -1.438  -5.048  1.00 31.92 ? 65  LEU A CB  1 
ATOM   530  C CG  . LEU A 1 66  ? 10.103  -0.280  -4.921  1.00 31.80 ? 65  LEU A CG  1 
ATOM   531  C CD1 . LEU A 1 66  ? 11.255  -0.590  -3.978  1.00 31.58 ? 65  LEU A CD1 1 
ATOM   532  C CD2 . LEU A 1 66  ? 10.636  0.065   -6.304  1.00 32.01 ? 65  LEU A CD2 1 
ATOM   533  N N   . CYS A 1 67  ? 7.111   -1.131  -2.195  1.00 29.86 ? 66  CYS A N   1 
ATOM   534  C CA  . CYS A 1 67  ? 5.853   -0.577  -1.687  1.00 28.98 ? 66  CYS A CA  1 
ATOM   535  C C   . CYS A 1 67  ? 5.863   0.938   -1.715  1.00 27.50 ? 66  CYS A C   1 
ATOM   536  O O   . CYS A 1 67  ? 6.575   1.572   -0.939  1.00 27.46 ? 66  CYS A O   1 
ATOM   537  C CB  . CYS A 1 67  ? 5.569   -1.058  -0.263  1.00 29.09 ? 66  CYS A CB  1 
ATOM   538  S SG  . CYS A 1 67  ? 5.819   -2.810  -0.038  1.00 31.34 ? 66  CYS A SG  1 
ATOM   539  N N   . HIS A 1 68  ? 5.055   1.502   -2.606  1.00 25.99 ? 67  HIS A N   1 
ATOM   540  C CA  . HIS A 1 68  ? 4.952   2.947   -2.781  1.00 24.60 ? 67  HIS A CA  1 
ATOM   541  C C   . HIS A 1 68  ? 3.765   3.502   -2.002  1.00 23.65 ? 67  HIS A C   1 
ATOM   542  O O   . HIS A 1 68  ? 2.643   3.023   -2.126  1.00 23.34 ? 67  HIS A O   1 
ATOM   543  C CB  . HIS A 1 68  ? 4.832   3.297   -4.267  1.00 24.53 ? 67  HIS A CB  1 
ATOM   544  C CG  . HIS A 1 68  ? 5.847   2.614   -5.135  1.00 25.10 ? 67  HIS A CG  1 
ATOM   545  N ND1 . HIS A 1 68  ? 7.122   3.107   -5.319  1.00 25.47 ? 67  HIS A ND1 1 
ATOM   546  C CD2 . HIS A 1 68  ? 5.776   1.472   -5.861  1.00 24.25 ? 67  HIS A CD2 1 
ATOM   547  C CE1 . HIS A 1 68  ? 7.791   2.299   -6.122  1.00 24.94 ? 67  HIS A CE1 1 
ATOM   548  N NE2 . HIS A 1 68  ? 6.995   1.302   -6.469  1.00 24.21 ? 67  HIS A NE2 1 
ATOM   549  N N   . VAL A 1 69  ? 4.031   4.517   -1.192  1.00 22.95 ? 68  VAL A N   1 
ATOM   550  C CA  . VAL A 1 69  ? 3.004   5.156   -0.385  1.00 21.95 ? 68  VAL A CA  1 
ATOM   551  C C   . VAL A 1 69  ? 2.960   6.659   -0.647  1.00 21.71 ? 68  VAL A C   1 
ATOM   552  O O   . VAL A 1 69  ? 3.990   7.296   -0.888  1.00 21.20 ? 68  VAL A O   1 
ATOM   553  C CB  . VAL A 1 69  ? 3.220   4.879   1.131   1.00 22.14 ? 68  VAL A CB  1 
ATOM   554  C CG1 . VAL A 1 69  ? 4.581   5.386   1.596   1.00 21.67 ? 68  VAL A CG1 1 
ATOM   555  C CG2 . VAL A 1 69  ? 2.093   5.481   1.973   1.00 21.47 ? 68  VAL A CG2 1 
ATOM   556  N N   . TYR A 1 70  ? 1.752   7.212   -0.616  1.00 21.38 ? 69  TYR A N   1 
ATOM   557  C CA  . TYR A 1 70  ? 1.566   8.647   -0.607  1.00 20.90 ? 69  TYR A CA  1 
ATOM   558  C C   . TYR A 1 70  ? 0.560   8.950   0.473   1.00 20.90 ? 69  TYR A C   1 
ATOM   559  O O   . TYR A 1 70  ? -0.613  8.619   0.336   1.00 21.27 ? 69  TYR A O   1 
ATOM   560  C CB  . TYR A 1 70  ? 1.095   9.162   -1.975  1.00 20.96 ? 69  TYR A CB  1 
ATOM   561  C CG  . TYR A 1 70  ? 0.784   10.654  -2.039  1.00 20.89 ? 69  TYR A CG  1 
ATOM   562  C CD1 . TYR A 1 70  ? 1.450   11.569  -1.220  1.00 20.39 ? 69  TYR A CD1 1 
ATOM   563  C CD2 . TYR A 1 70  ? -0.158  11.147  -2.946  1.00 21.15 ? 69  TYR A CD2 1 
ATOM   564  C CE1 . TYR A 1 70  ? 1.173   12.929  -1.279  1.00 21.59 ? 69  TYR A CE1 1 
ATOM   565  C CE2 . TYR A 1 70  ? -0.438  12.515  -3.024  1.00 21.50 ? 69  TYR A CE2 1 
ATOM   566  C CZ  . TYR A 1 70  ? 0.231   13.400  -2.182  1.00 21.95 ? 69  TYR A CZ  1 
ATOM   567  O OH  . TYR A 1 70  ? -0.037  14.755  -2.228  1.00 22.19 ? 69  TYR A OH  1 
ATOM   568  N N   . VAL A 1 71  ? 1.038   9.544   1.561   1.00 20.85 ? 70  VAL A N   1 
ATOM   569  C CA  . VAL A 1 71  ? 0.181   10.038  2.622   1.00 20.75 ? 70  VAL A CA  1 
ATOM   570  C C   . VAL A 1 71  ? 0.000   11.528  2.378   1.00 20.79 ? 70  VAL A C   1 
ATOM   571  O O   . VAL A 1 71  ? 0.941   12.297  2.518   1.00 20.61 ? 70  VAL A O   1 
ATOM   572  C CB  . VAL A 1 71  ? 0.795   9.807   4.025   1.00 20.90 ? 70  VAL A CB  1 
ATOM   573  C CG1 . VAL A 1 71  ? -0.198  10.211  5.120   1.00 20.99 ? 70  VAL A CG1 1 
ATOM   574  C CG2 . VAL A 1 71  ? 1.219   8.353   4.207   1.00 20.54 ? 70  VAL A CG2 1 
ATOM   575  N N   . ARG A 1 72  ? -1.207  11.929  1.993   1.00 21.04 ? 71  ARG A N   1 
ATOM   576  C CA  . ARG A 1 72  ? -1.491  13.338  1.707   1.00 21.29 ? 71  ARG A CA  1 
ATOM   577  C C   . ARG A 1 72  ? -1.653  14.143  2.998   1.00 21.58 ? 71  ARG A C   1 
ATOM   578  O O   . ARG A 1 72  ? -1.810  13.578  4.083   1.00 21.56 ? 71  ARG A O   1 
ATOM   579  C CB  . ARG A 1 72  ? -2.736  13.482  0.822   1.00 20.86 ? 71  ARG A CB  1 
ATOM   580  C CG  . ARG A 1 72  ? -2.744  12.564  -0.387  1.00 20.60 ? 71  ARG A CG  1 
ATOM   581  C CD  . ARG A 1 72  ? -3.725  13.020  -1.449  1.00 19.34 ? 71  ARG A CD  1 
ATOM   582  N NE  . ARG A 1 72  ? -5.075  13.145  -0.908  1.00 18.21 ? 71  ARG A NE  1 
ATOM   583  C CZ  . ARG A 1 72  ? -6.168  13.331  -1.639  1.00 16.93 ? 71  ARG A CZ  1 
ATOM   584  N NH1 . ARG A 1 72  ? -6.091  13.404  -2.963  1.00 14.83 ? 71  ARG A NH1 1 
ATOM   585  N NH2 . ARG A 1 72  ? -7.344  13.439  -1.034  1.00 16.61 ? 71  ARG A NH2 1 
ATOM   586  N N   . SER A 1 73  ? -1.625  15.466  2.878   1.00 22.15 ? 72  SER A N   1 
ATOM   587  C CA  . SER A 1 73  ? -1.764  16.336  4.046   1.00 22.75 ? 72  SER A CA  1 
ATOM   588  C C   . SER A 1 73  ? -3.185  16.331  4.635   1.00 22.83 ? 72  SER A C   1 
ATOM   589  O O   . SER A 1 73  ? -3.393  16.802  5.758   1.00 23.10 ? 72  SER A O   1 
ATOM   590  C CB  . SER A 1 73  ? -1.295  17.757  3.726   1.00 22.62 ? 72  SER A CB  1 
ATOM   591  O OG  . SER A 1 73  ? -1.951  18.259  2.579   1.00 24.20 ? 72  SER A OG  1 
ATOM   592  N N   . ASP A 1 74  ? -4.151  15.787  3.889   1.00 22.85 ? 73  ASP A N   1 
ATOM   593  C CA  . ASP A 1 74  ? -5.541  15.693  4.364   1.00 22.89 ? 73  ASP A CA  1 
ATOM   594  C C   . ASP A 1 74  ? -5.834  14.367  5.060   1.00 22.70 ? 73  ASP A C   1 
ATOM   595  O O   . ASP A 1 74  ? -6.977  14.100  5.424   1.00 22.79 ? 73  ASP A O   1 
ATOM   596  C CB  . ASP A 1 74  ? -6.540  15.923  3.219   1.00 23.07 ? 73  ASP A CB  1 
ATOM   597  C CG  . ASP A 1 74  ? -6.570  14.771  2.214   1.00 23.72 ? 73  ASP A CG  1 
ATOM   598  O OD1 . ASP A 1 74  ? -7.565  14.673  1.471   1.00 25.31 ? 73  ASP A OD1 1 
ATOM   599  O OD2 . ASP A 1 74  ? -5.614  13.968  2.158   1.00 23.30 ? 73  ASP A OD2 1 
ATOM   600  N N   . SER A 1 75  ? -4.792  13.547  5.222   1.00 22.56 ? 74  SER A N   1 
ATOM   601  C CA  . SER A 1 75  ? -4.851  12.262  5.934   1.00 22.34 ? 74  SER A CA  1 
ATOM   602  C C   . SER A 1 75  ? -5.349  11.078  5.099   1.00 21.92 ? 74  SER A C   1 
ATOM   603  O O   . SER A 1 75  ? -5.544  9.986   5.626   1.00 21.89 ? 74  SER A O   1 
ATOM   604  C CB  . SER A 1 75  ? -5.654  12.374  7.237   1.00 22.33 ? 74  SER A CB  1 
ATOM   605  O OG  . SER A 1 75  ? -5.144  13.421  8.042   1.00 23.42 ? 74  SER A OG  1 
ATOM   606  N N   . LEU A 1 76  ? -5.558  11.292  3.806   1.00 21.50 ? 75  LEU A N   1 
ATOM   607  C CA  . LEU A 1 76  ? -5.804  10.174  2.906   1.00 21.01 ? 75  LEU A CA  1 
ATOM   608  C C   . LEU A 1 76  ? -4.462  9.630   2.430   1.00 21.02 ? 75  LEU A C   1 
ATOM   609  O O   . LEU A 1 76  ? -3.588  10.392  2.013   1.00 21.10 ? 75  LEU A O   1 
ATOM   610  C CB  . LEU A 1 76  ? -6.676  10.588  1.718   1.00 20.58 ? 75  LEU A CB  1 
ATOM   611  C CG  . LEU A 1 76  ? -7.477  9.475   1.026   1.00 19.76 ? 75  LEU A CG  1 
ATOM   612  C CD1 . LEU A 1 76  ? -8.524  8.854   1.971   1.00 18.35 ? 75  LEU A CD1 1 
ATOM   613  C CD2 . LEU A 1 76  ? -8.132  9.993   -0.250  1.00 16.98 ? 75  LEU A CD2 1 
ATOM   614  N N   . ALA A 1 77  ? -4.295  8.313   2.524   1.00 21.05 ? 76  ALA A N   1 
ATOM   615  C CA  . ALA A 1 77  ? -3.076  7.658   2.070   1.00 20.88 ? 76  ALA A CA  1 
ATOM   616  C C   . ALA A 1 77  ? -3.396  6.533   1.106   1.00 21.00 ? 76  ALA A C   1 
ATOM   617  O O   . ALA A 1 77  ? -4.422  5.869   1.239   1.00 20.80 ? 76  ALA A O   1 
ATOM   618  C CB  . ALA A 1 77  ? -2.283  7.136   3.247   1.00 20.99 ? 76  ALA A CB  1 
ATOM   619  N N   . GLY A 1 78  ? -2.512  6.337   0.130   1.00 21.09 ? 77  GLY A N   1 
ATOM   620  C CA  . GLY A 1 78  ? -2.635  5.247   -0.828  1.00 20.84 ? 77  GLY A CA  1 
ATOM   621  C C   . GLY A 1 78  ? -1.372  4.420   -0.816  1.00 21.01 ? 77  GLY A C   1 
ATOM   622  O O   . GLY A 1 78  ? -0.275  4.968   -0.692  1.00 21.11 ? 77  GLY A O   1 
ATOM   623  N N   . VAL A 1 79  ? -1.520  3.100   -0.915  1.00 20.85 ? 78  VAL A N   1 
ATOM   624  C CA  . VAL A 1 79  ? -0.374  2.209   -0.997  1.00 20.85 ? 78  VAL A CA  1 
ATOM   625  C C   . VAL A 1 79  ? -0.509  1.269   -2.192  1.00 21.35 ? 78  VAL A C   1 
ATOM   626  O O   . VAL A 1 79  ? -1.536  0.617   -2.368  1.00 21.28 ? 78  VAL A O   1 
ATOM   627  C CB  . VAL A 1 79  ? -0.141  1.393   0.311   1.00 21.04 ? 78  VAL A CB  1 
ATOM   628  C CG1 . VAL A 1 79  ? 1.154   0.559   0.224   1.00 19.85 ? 78  VAL A CG1 1 
ATOM   629  C CG2 . VAL A 1 79  ? -0.070  2.307   1.513   1.00 20.56 ? 78  VAL A CG2 1 
ATOM   630  N N   . VAL A 1 80  ? 0.531   1.227   -3.019  1.00 21.78 ? 79  VAL A N   1 
ATOM   631  C CA  . VAL A 1 80  ? 0.621   0.246   -4.087  1.00 22.45 ? 79  VAL A CA  1 
ATOM   632  C C   . VAL A 1 80  ? 1.828   -0.674  -3.861  1.00 22.72 ? 79  VAL A C   1 
ATOM   633  O O   . VAL A 1 80  ? 2.958   -0.214  -3.681  1.00 22.43 ? 79  VAL A O   1 
ATOM   634  C CB  . VAL A 1 80  ? 0.612   0.904   -5.517  1.00 22.42 ? 79  VAL A CB  1 
ATOM   635  C CG1 . VAL A 1 80  ? 1.754   1.889   -5.702  1.00 22.87 ? 79  VAL A CG1 1 
ATOM   636  C CG2 . VAL A 1 80  ? 0.647   -0.150  -6.596  1.00 22.94 ? 79  VAL A CG2 1 
ATOM   637  N N   . ILE A 1 81  ? 1.567   -1.976  -3.836  1.00 23.22 ? 80  ILE A N   1 
ATOM   638  C CA  . ILE A 1 81  ? 2.640   -2.962  -3.761  1.00 23.81 ? 80  ILE A CA  1 
ATOM   639  C C   . ILE A 1 81  ? 2.871   -3.582  -5.143  1.00 24.24 ? 80  ILE A C   1 
ATOM   640  O O   . ILE A 1 81  ? 1.955   -4.137  -5.756  1.00 24.21 ? 80  ILE A O   1 
ATOM   641  C CB  . ILE A 1 81  ? 2.394   -4.015  -2.649  1.00 23.82 ? 80  ILE A CB  1 
ATOM   642  C CG1 . ILE A 1 81  ? 2.379   -3.315  -1.284  1.00 23.40 ? 80  ILE A CG1 1 
ATOM   643  C CG2 . ILE A 1 81  ? 3.463   -5.121  -2.695  1.00 24.08 ? 80  ILE A CG2 1 
ATOM   644  C CD1 . ILE A 1 81  ? 1.925   -4.170  -0.126  1.00 23.64 ? 80  ILE A CD1 1 
ATOM   645  N N   . ALA A 1 82  ? 4.105   -3.451  -5.622  1.00 24.71 ? 81  ALA A N   1 
ATOM   646  C CA  . ALA A 1 82  ? 4.484   -3.878  -6.960  1.00 25.27 ? 81  ALA A CA  1 
ATOM   647  C C   . ALA A 1 82  ? 5.784   -4.682  -6.937  1.00 25.71 ? 81  ALA A C   1 
ATOM   648  O O   . ALA A 1 82  ? 6.394   -4.858  -5.881  1.00 25.80 ? 81  ALA A O   1 
ATOM   649  C CB  . ALA A 1 82  ? 4.647   -2.654  -7.848  1.00 25.24 ? 81  ALA A CB  1 
ATOM   650  N N   . ASP A 1 83  ? 6.201   -5.184  -8.098  1.00 26.41 ? 82  ASP A N   1 
ATOM   651  C CA  . ASP A 1 83  ? 7.571   -5.668  -8.261  1.00 27.25 ? 82  ASP A CA  1 
ATOM   652  C C   . ASP A 1 83  ? 8.503   -4.461  -8.392  1.00 27.70 ? 82  ASP A C   1 
ATOM   653  O O   . ASP A 1 83  ? 8.102   -3.414  -8.918  1.00 27.69 ? 82  ASP A O   1 
ATOM   654  C CB  . ASP A 1 83  ? 7.706   -6.528  -9.508  1.00 27.40 ? 82  ASP A CB  1 
ATOM   655  C CG  . ASP A 1 83  ? 7.108   -7.908  -9.351  1.00 28.53 ? 82  ASP A CG  1 
ATOM   656  O OD1 . ASP A 1 83  ? 7.436   -8.617  -8.371  1.00 28.08 ? 82  ASP A OD1 1 
ATOM   657  O OD2 . ASP A 1 83  ? 6.315   -8.291  -10.241 1.00 30.55 ? 82  ASP A OD2 1 
ATOM   658  N N   . SER A 1 84  ? 9.744   -4.619  -7.928  1.00 28.07 ? 83  SER A N   1 
ATOM   659  C CA  . SER A 1 84  ? 10.744  -3.548  -7.955  1.00 28.73 ? 83  SER A CA  1 
ATOM   660  C C   . SER A 1 84  ? 10.968  -2.949  -9.341  1.00 28.91 ? 83  SER A C   1 
ATOM   661  O O   . SER A 1 84  ? 11.262  -1.763  -9.458  1.00 29.20 ? 83  SER A O   1 
ATOM   662  C CB  . SER A 1 84  ? 12.070  -4.052  -7.402  1.00 28.63 ? 83  SER A CB  1 
ATOM   663  O OG  . SER A 1 84  ? 12.550  -5.117  -8.199  1.00 29.92 ? 83  SER A OG  1 
ATOM   664  N N   . GLU A 1 85  ? 10.818  -3.771  -10.379 1.00 29.40 ? 84  GLU A N   1 
ATOM   665  C CA  . GLU A 1 85  ? 11.054  -3.354  -11.770 1.00 29.73 ? 84  GLU A CA  1 
ATOM   666  C C   . GLU A 1 85  ? 9.957   -2.476  -12.356 1.00 29.34 ? 84  GLU A C   1 
ATOM   667  O O   . GLU A 1 85  ? 10.192  -1.769  -13.335 1.00 29.61 ? 84  GLU A O   1 
ATOM   668  C CB  . GLU A 1 85  ? 11.333  -4.558  -12.695 1.00 29.94 ? 84  GLU A CB  1 
ATOM   669  C CG  . GLU A 1 85  ? 11.079  -5.962  -12.097 1.00 32.14 ? 84  GLU A CG  1 
ATOM   670  C CD  . GLU A 1 85  ? 9.668   -6.487  -12.330 1.00 34.56 ? 84  GLU A CD  1 
ATOM   671  O OE1 . GLU A 1 85  ? 8.702   -5.766  -12.001 1.00 36.48 ? 84  GLU A OE1 1 
ATOM   672  O OE2 . GLU A 1 85  ? 9.524   -7.626  -12.832 1.00 34.76 ? 84  GLU A OE2 1 
ATOM   673  N N   . TYR A 1 86  ? 8.764   -2.530  -11.767 1.00 29.08 ? 85  TYR A N   1 
ATOM   674  C CA  . TYR A 1 86  ? 7.656   -1.673  -12.180 1.00 28.55 ? 85  TYR A CA  1 
ATOM   675  C C   . TYR A 1 86  ? 8.073   -0.212  -11.960 1.00 28.38 ? 85  TYR A C   1 
ATOM   676  O O   . TYR A 1 86  ? 8.557   0.129   -10.876 1.00 28.16 ? 85  TYR A O   1 
ATOM   677  C CB  . TYR A 1 86  ? 6.376   -2.020  -11.397 1.00 28.60 ? 85  TYR A CB  1 
ATOM   678  C CG  . TYR A 1 86  ? 5.126   -1.340  -11.913 1.00 28.31 ? 85  TYR A CG  1 
ATOM   679  C CD1 . TYR A 1 86  ? 4.281   -1.981  -12.822 1.00 28.41 ? 85  TYR A CD1 1 
ATOM   680  C CD2 . TYR A 1 86  ? 4.787   -0.047  -11.497 1.00 28.39 ? 85  TYR A CD2 1 
ATOM   681  C CE1 . TYR A 1 86  ? 3.133   -1.346  -13.310 1.00 28.35 ? 85  TYR A CE1 1 
ATOM   682  C CE2 . TYR A 1 86  ? 3.643   0.591   -11.972 1.00 27.58 ? 85  TYR A CE2 1 
ATOM   683  C CZ  . TYR A 1 86  ? 2.824   -0.059  -12.876 1.00 28.37 ? 85  TYR A CZ  1 
ATOM   684  O OH  . TYR A 1 86  ? 1.694   0.576   -13.338 1.00 28.95 ? 85  TYR A OH  1 
ATOM   685  N N   . PRO A 1 87  ? 7.912   0.645   -12.995 1.00 28.12 ? 86  PRO A N   1 
ATOM   686  C CA  . PRO A 1 87  ? 8.368   2.040   -12.926 1.00 28.03 ? 86  PRO A CA  1 
ATOM   687  C C   . PRO A 1 87  ? 7.672   2.853   -11.832 1.00 27.96 ? 86  PRO A C   1 
ATOM   688  O O   . PRO A 1 87  ? 6.455   3.051   -11.876 1.00 27.96 ? 86  PRO A O   1 
ATOM   689  C CB  . PRO A 1 87  ? 8.055   2.594   -14.323 1.00 27.88 ? 86  PRO A CB  1 
ATOM   690  C CG  . PRO A 1 87  ? 7.059   1.665   -14.902 1.00 27.94 ? 86  PRO A CG  1 
ATOM   691  C CD  . PRO A 1 87  ? 7.294   0.331   -14.297 1.00 27.93 ? 86  PRO A CD  1 
ATOM   692  N N   . SER A 1 88  ? 8.462   3.312   -10.864 1.00 27.86 ? 87  SER A N   1 
ATOM   693  C CA  . SER A 1 88  ? 7.975   4.050   -9.700  1.00 27.91 ? 87  SER A CA  1 
ATOM   694  C C   . SER A 1 88  ? 7.239   5.333   -10.075 1.00 27.71 ? 87  SER A C   1 
ATOM   695  O O   . SER A 1 88  ? 6.280   5.723   -9.414  1.00 27.83 ? 87  SER A O   1 
ATOM   696  C CB  . SER A 1 88  ? 9.142   4.388   -8.778  1.00 27.91 ? 87  SER A CB  1 
ATOM   697  O OG  . SER A 1 88  ? 9.874   3.218   -8.453  1.00 29.03 ? 87  SER A OG  1 
ATOM   698  N N   . ARG A 1 89  ? 7.700   5.982   -11.137 1.00 27.45 ? 88  ARG A N   1 
ATOM   699  C CA  . ARG A 1 89  ? 7.077   7.200   -11.642 1.00 27.44 ? 88  ARG A CA  1 
ATOM   700  C C   . ARG A 1 89  ? 5.583   6.980   -11.898 1.00 26.81 ? 88  ARG A C   1 
ATOM   701  O O   . ARG A 1 89  ? 4.748   7.781   -11.459 1.00 26.78 ? 88  ARG A O   1 
ATOM   702  C CB  . ARG A 1 89  ? 7.781   7.667   -12.926 1.00 27.83 ? 88  ARG A CB  1 
ATOM   703  C CG  . ARG A 1 89  ? 9.310   7.487   -12.907 1.00 29.60 ? 88  ARG A CG  1 
ATOM   704  C CD  . ARG A 1 89  ? 9.760   6.105   -13.438 1.00 31.24 ? 88  ARG A CD  1 
ATOM   705  N NE  . ARG A 1 89  ? 10.675  5.446   -12.507 1.00 32.66 ? 88  ARG A NE  1 
ATOM   706  C CZ  . ARG A 1 89  ? 11.331  4.314   -12.751 1.00 34.03 ? 88  ARG A CZ  1 
ATOM   707  N NH1 . ARG A 1 89  ? 11.204  3.699   -13.919 1.00 34.99 ? 88  ARG A NH1 1 
ATOM   708  N NH2 . ARG A 1 89  ? 12.128  3.794   -11.825 1.00 34.25 ? 88  ARG A NH2 1 
ATOM   709  N N   . VAL A 1 90  ? 5.255   5.882   -12.585 1.00 25.89 ? 89  VAL A N   1 
ATOM   710  C CA  . VAL A 1 90  ? 3.863   5.567   -12.916 1.00 24.97 ? 89  VAL A CA  1 
ATOM   711  C C   . VAL A 1 90  ? 3.052   5.038   -11.725 1.00 24.00 ? 89  VAL A C   1 
ATOM   712  O O   . VAL A 1 90  ? 1.833   5.182   -11.692 1.00 23.49 ? 89  VAL A O   1 
ATOM   713  C CB  . VAL A 1 90  ? 3.723   4.664   -14.185 1.00 25.15 ? 89  VAL A CB  1 
ATOM   714  C CG1 . VAL A 1 90  ? 4.765   5.041   -15.249 1.00 25.44 ? 89  VAL A CG1 1 
ATOM   715  C CG2 . VAL A 1 90  ? 3.843   3.213   -13.848 1.00 25.76 ? 89  VAL A CG2 1 
ATOM   716  N N   . ALA A 1 91  ? 3.736   4.446   -10.744 1.00 23.28 ? 90  ALA A N   1 
ATOM   717  C CA  . ALA A 1 91  ? 3.095   3.972   -9.515  1.00 22.67 ? 90  ALA A CA  1 
ATOM   718  C C   . ALA A 1 91  ? 2.535   5.141   -8.703  1.00 22.33 ? 90  ALA A C   1 
ATOM   719  O O   . ALA A 1 91  ? 1.416   5.075   -8.188  1.00 21.94 ? 90  ALA A O   1 
ATOM   720  C CB  . ALA A 1 91  ? 4.069   3.174   -8.680  1.00 22.66 ? 90  ALA A CB  1 
ATOM   721  N N   . PHE A 1 92  ? 3.324   6.206   -8.595  1.00 21.85 ? 91  PHE A N   1 
ATOM   722  C CA  . PHE A 1 92  ? 2.881   7.428   -7.930  1.00 21.65 ? 91  PHE A CA  1 
ATOM   723  C C   . PHE A 1 92  ? 1.803   8.198   -8.707  1.00 21.43 ? 91  PHE A C   1 
ATOM   724  O O   . PHE A 1 92  ? 0.927   8.824   -8.108  1.00 21.59 ? 91  PHE A O   1 
ATOM   725  C CB  . PHE A 1 92  ? 4.082   8.304   -7.563  1.00 21.37 ? 91  PHE A CB  1 
ATOM   726  C CG  . PHE A 1 92  ? 4.881   7.756   -6.413  1.00 21.44 ? 91  PHE A CG  1 
ATOM   727  C CD1 . PHE A 1 92  ? 4.401   7.861   -5.103  1.00 20.61 ? 91  PHE A CD1 1 
ATOM   728  C CD2 . PHE A 1 92  ? 6.097   7.115   -6.632  1.00 20.94 ? 91  PHE A CD2 1 
ATOM   729  C CE1 . PHE A 1 92  ? 5.122   7.350   -4.037  1.00 20.19 ? 91  PHE A CE1 1 
ATOM   730  C CE2 . PHE A 1 92  ? 6.829   6.594   -5.566  1.00 20.14 ? 91  PHE A CE2 1 
ATOM   731  C CZ  . PHE A 1 92  ? 6.343   6.714   -4.267  1.00 20.65 ? 91  PHE A CZ  1 
ATOM   732  N N   . THR A 1 93  ? 1.866   8.137   -10.034 1.00 21.22 ? 92  THR A N   1 
ATOM   733  C CA  . THR A 1 93  ? 0.776   8.603   -10.892 1.00 21.22 ? 92  THR A CA  1 
ATOM   734  C C   . THR A 1 93  ? -0.533  7.867   -10.549 1.00 21.05 ? 92  THR A C   1 
ATOM   735  O O   . THR A 1 93  ? -1.592  8.496   -10.394 1.00 20.97 ? 92  THR A O   1 
ATOM   736  C CB  . THR A 1 93  ? 1.136   8.421   -12.386 1.00 21.20 ? 92  THR A CB  1 
ATOM   737  O OG1 . THR A 1 93  ? 2.228   9.288   -12.714 1.00 21.87 ? 92  THR A OG1 1 
ATOM   738  C CG2 . THR A 1 93  ? -0.045  8.758   -13.282 1.00 21.34 ? 92  THR A CG2 1 
ATOM   739  N N   . LEU A 1 94  ? -0.439  6.541   -10.424 1.00 20.82 ? 93  LEU A N   1 
ATOM   740  C CA  . LEU A 1 94  ? -1.556  5.697   -9.988  1.00 20.55 ? 93  LEU A CA  1 
ATOM   741  C C   . LEU A 1 94  ? -2.133  6.132   -8.636  1.00 20.42 ? 93  LEU A C   1 
ATOM   742  O O   . LEU A 1 94  ? -3.345  6.261   -8.503  1.00 20.51 ? 93  LEU A O   1 
ATOM   743  C CB  . LEU A 1 94  ? -1.148  4.212   -9.958  1.00 20.05 ? 93  LEU A CB  1 
ATOM   744  C CG  . LEU A 1 94  ? -2.105  3.197   -9.316  1.00 19.70 ? 93  LEU A CG  1 
ATOM   745  C CD1 . LEU A 1 94  ? -3.435  3.119   -10.065 1.00 18.79 ? 93  LEU A CD1 1 
ATOM   746  C CD2 . LEU A 1 94  ? -1.463  1.816   -9.204  1.00 19.35 ? 93  LEU A CD2 1 
ATOM   747  N N   . LEU A 1 95  ? -1.268  6.347   -7.646  1.00 20.83 ? 94  LEU A N   1 
ATOM   748  C CA  . LEU A 1 95  ? -1.689  6.787   -6.304  1.00 21.28 ? 94  LEU A CA  1 
ATOM   749  C C   . LEU A 1 95  ? -2.310  8.186   -6.315  1.00 21.81 ? 94  LEU A C   1 
ATOM   750  O O   . LEU A 1 95  ? -3.272  8.448   -5.601  1.00 21.99 ? 94  LEU A O   1 
ATOM   751  C CB  . LEU A 1 95  ? -0.528  6.719   -5.301  1.00 20.76 ? 94  LEU A CB  1 
ATOM   752  C CG  . LEU A 1 95  ? 0.019   5.326   -4.947  1.00 20.98 ? 94  LEU A CG  1 
ATOM   753  C CD1 . LEU A 1 95  ? 1.179   5.419   -3.975  1.00 19.31 ? 94  LEU A CD1 1 
ATOM   754  C CD2 . LEU A 1 95  ? -1.067  4.408   -4.384  1.00 19.93 ? 94  LEU A CD2 1 
ATOM   755  N N   . GLU A 1 96  ? -1.757  9.067   -7.142  1.00 22.49 ? 95  GLU A N   1 
ATOM   756  C CA  . GLU A 1 96  ? -2.272  10.419  -7.313  1.00 23.37 ? 95  GLU A CA  1 
ATOM   757  C C   . GLU A 1 96  ? -3.713  10.422  -7.824  1.00 23.55 ? 95  GLU A C   1 
ATOM   758  O O   . GLU A 1 96  ? -4.561  11.179  -7.334  1.00 23.76 ? 95  GLU A O   1 
ATOM   759  C CB  . GLU A 1 96  ? -1.373  11.188  -8.284  1.00 23.52 ? 95  GLU A CB  1 
ATOM   760  C CG  . GLU A 1 96  ? -1.604  12.686  -8.312  1.00 24.84 ? 95  GLU A CG  1 
ATOM   761  C CD  . GLU A 1 96  ? -1.088  13.387  -7.073  1.00 26.44 ? 95  GLU A CD  1 
ATOM   762  O OE1 . GLU A 1 96  ? -0.129  12.885  -6.445  1.00 27.01 ? 95  GLU A OE1 1 
ATOM   763  O OE2 . GLU A 1 96  ? -1.643  14.454  -6.734  1.00 28.15 ? 95  GLU A OE2 1 
ATOM   764  N N   . LYS A 1 97  ? -3.970  9.567   -8.807  1.00 23.82 ? 96  LYS A N   1 
ATOM   765  C CA  . LYS A 1 97  ? -5.258  9.483   -9.481  1.00 24.07 ? 96  LYS A CA  1 
ATOM   766  C C   . LYS A 1 97  ? -6.335  8.846   -8.603  1.00 23.81 ? 96  LYS A C   1 
ATOM   767  O O   . LYS A 1 97  ? -7.472  9.320   -8.594  1.00 23.90 ? 96  LYS A O   1 
ATOM   768  C CB  . LYS A 1 97  ? -5.096  8.715   -10.797 1.00 24.57 ? 96  LYS A CB  1 
ATOM   769  C CG  . LYS A 1 97  ? -6.298  8.750   -11.737 1.00 26.86 ? 96  LYS A CG  1 
ATOM   770  C CD  . LYS A 1 97  ? -7.123  7.474   -11.629 1.00 30.51 ? 96  LYS A CD  1 
ATOM   771  C CE  . LYS A 1 97  ? -8.548  7.681   -12.147 1.00 32.57 ? 96  LYS A CE  1 
ATOM   772  N NZ  . LYS A 1 97  ? -8.674  7.598   -13.643 1.00 34.07 ? 96  LYS A NZ  1 
ATOM   773  N N   . VAL A 1 98  ? -5.987  7.785   -7.866  1.00 23.24 ? 97  VAL A N   1 
ATOM   774  C CA  . VAL A 1 98  ? -6.995  7.088   -7.051  1.00 22.67 ? 97  VAL A CA  1 
ATOM   775  C C   . VAL A 1 98  ? -7.380  7.883   -5.808  1.00 22.24 ? 97  VAL A C   1 
ATOM   776  O O   . VAL A 1 98  ? -8.555  7.953   -5.466  1.00 22.33 ? 97  VAL A O   1 
ATOM   777  C CB  . VAL A 1 98  ? -6.646  5.584   -6.710  1.00 22.62 ? 97  VAL A CB  1 
ATOM   778  C CG1 . VAL A 1 98  ? -6.072  4.866   -7.924  1.00 22.42 ? 97  VAL A CG1 1 
ATOM   779  C CG2 . VAL A 1 98  ? -5.723  5.459   -5.513  1.00 22.21 ? 97  VAL A CG2 1 
ATOM   780  N N   . LEU A 1 99  ? -6.398  8.501   -5.160  1.00 21.64 ? 98  LEU A N   1 
ATOM   781  C CA  . LEU A 1 99  ? -6.662  9.358   -4.001  1.00 21.23 ? 98  LEU A CA  1 
ATOM   782  C C   . LEU A 1 99  ? -7.478  10.588  -4.371  1.00 20.94 ? 98  LEU A C   1 
ATOM   783  O O   . LEU A 1 99  ? -8.286  11.049  -3.578  1.00 21.01 ? 98  LEU A O   1 
ATOM   784  C CB  . LEU A 1 99  ? -5.368  9.758   -3.288  1.00 20.74 ? 98  LEU A CB  1 
ATOM   785  C CG  . LEU A 1 99  ? -4.565  8.582   -2.732  1.00 20.75 ? 98  LEU A CG  1 
ATOM   786  C CD1 . LEU A 1 99  ? -3.193  9.027   -2.221  1.00 20.95 ? 98  LEU A CD1 1 
ATOM   787  C CD2 . LEU A 1 99  ? -5.350  7.815   -1.665  1.00 19.98 ? 98  LEU A CD2 1 
ATOM   788  N N   . ASP A 1 100 ? -7.267  11.110  -5.574  1.00 21.19 ? 99  ASP A N   1 
ATOM   789  C CA  . ASP A 1 100 ? -8.052  12.241  -6.082  1.00 21.58 ? 99  ASP A CA  1 
ATOM   790  C C   . ASP A 1 100 ? -9.508  11.814  -6.229  1.00 21.55 ? 99  ASP A C   1 
ATOM   791  O O   . ASP A 1 100 ? -10.409 12.423  -5.648  1.00 21.53 ? 99  ASP A O   1 
ATOM   792  C CB  . ASP A 1 100 ? -7.491  12.727  -7.431  1.00 21.62 ? 99  ASP A CB  1 
ATOM   793  C CG  . ASP A 1 100 ? -8.277  13.892  -8.017  1.00 22.73 ? 99  ASP A CG  1 
ATOM   794  O OD1 . ASP A 1 100 ? -8.916  13.702  -9.072  1.00 22.21 ? 99  ASP A OD1 1 
ATOM   795  O OD2 . ASP A 1 100 ? -8.263  15.000  -7.423  1.00 25.49 ? 99  ASP A OD2 1 
ATOM   796  N N   . GLU A 1 101 ? -9.709  10.743  -6.993  1.00 21.78 ? 100 GLU A N   1 
ATOM   797  C CA  . GLU A 1 101 ? -11.023 10.217  -7.322  1.00 21.89 ? 100 GLU A CA  1 
ATOM   798  C C   . GLU A 1 101 ? -11.775 9.718   -6.085  1.00 21.74 ? 100 GLU A C   1 
ATOM   799  O O   . GLU A 1 101 ? -12.991 9.853   -6.000  1.00 22.03 ? 100 GLU A O   1 
ATOM   800  C CB  . GLU A 1 101 ? -10.873 9.105   -8.366  1.00 21.91 ? 100 GLU A CB  1 
ATOM   801  C CG  . GLU A 1 101 ? -12.185 8.556   -8.898  1.00 23.75 ? 100 GLU A CG  1 
ATOM   802  C CD  . GLU A 1 101 ? -11.988 7.443   -9.899  1.00 25.30 ? 100 GLU A CD  1 
ATOM   803  O OE1 . GLU A 1 101 ? -12.171 6.269   -9.524  1.00 25.13 ? 100 GLU A OE1 1 
ATOM   804  O OE2 . GLU A 1 101 ? -11.640 7.744   -11.063 1.00 27.66 ? 100 GLU A OE2 1 
ATOM   805  N N   . PHE A 1 102 ? -11.042 9.157   -5.128  1.00 21.64 ? 101 PHE A N   1 
ATOM   806  C CA  . PHE A 1 102 ? -11.618 8.668   -3.867  1.00 21.71 ? 101 PHE A CA  1 
ATOM   807  C C   . PHE A 1 102 ? -12.145 9.820   -3.001  1.00 21.88 ? 101 PHE A C   1 
ATOM   808  O O   . PHE A 1 102 ? -13.286 9.777   -2.527  1.00 21.49 ? 101 PHE A O   1 
ATOM   809  C CB  . PHE A 1 102 ? -10.570 7.859   -3.094  1.00 21.43 ? 101 PHE A CB  1 
ATOM   810  C CG  . PHE A 1 102 ? -11.104 7.164   -1.869  1.00 21.10 ? 101 PHE A CG  1 
ATOM   811  C CD1 . PHE A 1 102 ? -11.557 5.852   -1.943  1.00 20.41 ? 101 PHE A CD1 1 
ATOM   812  C CD2 . PHE A 1 102 ? -11.121 7.808   -0.638  1.00 20.37 ? 101 PHE A CD2 1 
ATOM   813  C CE1 . PHE A 1 102 ? -12.035 5.200   -0.811  1.00 19.90 ? 101 PHE A CE1 1 
ATOM   814  C CE2 . PHE A 1 102 ? -11.605 7.166   0.493   1.00 20.01 ? 101 PHE A CE2 1 
ATOM   815  C CZ  . PHE A 1 102 ? -12.058 5.857   0.404   1.00 20.47 ? 101 PHE A CZ  1 
ATOM   816  N N   . SER A 1 103 ? -11.309 10.842  -2.805  1.00 22.02 ? 102 SER A N   1 
ATOM   817  C CA  . SER A 1 103 ? -11.690 12.020  -2.037  1.00 22.31 ? 102 SER A CA  1 
ATOM   818  C C   . SER A 1 103 ? -12.824 12.823  -2.691  1.00 22.42 ? 102 SER A C   1 
ATOM   819  O O   . SER A 1 103 ? -13.552 13.538  -2.003  1.00 22.70 ? 102 SER A O   1 
ATOM   820  C CB  . SER A 1 103 ? -10.473 12.905  -1.766  1.00 22.40 ? 102 SER A CB  1 
ATOM   821  O OG  . SER A 1 103 ? -9.933  13.426  -2.964  1.00 23.13 ? 102 SER A OG  1 
ATOM   822  N N   . LYS A 1 104 ? -12.970 12.689  -4.008  1.00 22.70 ? 103 LYS A N   1 
ATOM   823  C CA  . LYS A 1 104 ? -14.070 13.302  -4.756  1.00 22.92 ? 103 LYS A CA  1 
ATOM   824  C C   . LYS A 1 104 ? -15.379 12.534  -4.585  1.00 23.17 ? 103 LYS A C   1 
ATOM   825  O O   . LYS A 1 104 ? -16.460 13.121  -4.639  1.00 23.02 ? 103 LYS A O   1 
ATOM   826  C CB  . LYS A 1 104 ? -13.728 13.377  -6.245  1.00 22.99 ? 103 LYS A CB  1 
ATOM   827  C CG  . LYS A 1 104 ? -12.733 14.458  -6.627  1.00 23.41 ? 103 LYS A CG  1 
ATOM   828  C CD  . LYS A 1 104 ? -12.375 14.370  -8.103  1.00 23.30 ? 103 LYS A CD  1 
ATOM   829  C CE  . LYS A 1 104 ? -11.679 15.640  -8.569  1.00 24.12 ? 103 LYS A CE  1 
ATOM   830  N NZ  . LYS A 1 104 ? -10.915 15.452  -9.838  1.00 23.90 ? 103 LYS A NZ  1 
ATOM   831  N N   . GLN A 1 105 ? -15.269 11.218  -4.407  1.00 23.62 ? 104 GLN A N   1 
ATOM   832  C CA  . GLN A 1 105 ? -16.425 10.342  -4.253  1.00 23.87 ? 104 GLN A CA  1 
ATOM   833  C C   . GLN A 1 105 ? -16.804 10.119  -2.791  1.00 24.02 ? 104 GLN A C   1 
ATOM   834  O O   . GLN A 1 105 ? -17.984 10.162  -2.438  1.00 24.20 ? 104 GLN A O   1 
ATOM   835  C CB  . GLN A 1 105 ? -16.176 8.994   -4.934  1.00 24.10 ? 104 GLN A CB  1 
ATOM   836  C CG  . GLN A 1 105 ? -16.184 9.045   -6.458  1.00 25.20 ? 104 GLN A CG  1 
ATOM   837  C CD  . GLN A 1 105 ? -16.054 7.667   -7.099  1.00 27.93 ? 104 GLN A CD  1 
ATOM   838  O OE1 . GLN A 1 105 ? -16.601 6.674   -6.605  1.00 29.33 ? 104 GLN A OE1 1 
ATOM   839  N NE2 . GLN A 1 105 ? -15.337 7.607   -8.216  1.00 28.41 ? 104 GLN A NE2 1 
ATOM   840  N N   . VAL A 1 106 ? -15.805 9.882   -1.944  1.00 23.97 ? 105 VAL A N   1 
ATOM   841  C CA  . VAL A 1 106 ? -16.053 9.508   -0.555  1.00 24.03 ? 105 VAL A CA  1 
ATOM   842  C C   . VAL A 1 106 ? -15.764 10.667  0.394   1.00 24.37 ? 105 VAL A C   1 
ATOM   843  O O   . VAL A 1 106 ? -14.607 11.065  0.571   1.00 24.94 ? 105 VAL A O   1 
ATOM   844  C CB  . VAL A 1 106 ? -15.228 8.267   -0.142  1.00 23.83 ? 105 VAL A CB  1 
ATOM   845  C CG1 . VAL A 1 106 ? -15.589 7.831   1.263   1.00 23.69 ? 105 VAL A CG1 1 
ATOM   846  C CG2 . VAL A 1 106 ? -15.454 7.131   -1.119  1.00 23.68 ? 105 VAL A CG2 1 
ATOM   847  N N   . ASP A 1 107 ? -16.816 11.201  1.011   1.00 24.25 ? 106 ASP A N   1 
ATOM   848  C CA  . ASP A 1 107 ? -16.655 12.315  1.924   1.00 24.32 ? 106 ASP A CA  1 
ATOM   849  C C   . ASP A 1 107 ? -15.816 11.949  3.142   1.00 24.13 ? 106 ASP A C   1 
ATOM   850  O O   . ASP A 1 107 ? -15.996 10.887  3.743   1.00 23.83 ? 106 ASP A O   1 
ATOM   851  C CB  . ASP A 1 107 ? -17.998 12.885  2.376   1.00 24.65 ? 106 ASP A CB  1 
ATOM   852  C CG  . ASP A 1 107 ? -17.855 14.274  2.967   1.00 25.63 ? 106 ASP A CG  1 
ATOM   853  O OD1 . ASP A 1 107 ? -17.809 15.247  2.179   1.00 26.02 ? 106 ASP A OD1 1 
ATOM   854  O OD2 . ASP A 1 107 ? -17.765 14.387  4.211   1.00 26.47 ? 106 ASP A OD2 1 
ATOM   855  N N   . ARG A 1 108 ? -14.924 12.868  3.506   1.00 23.99 ? 107 ARG A N   1 
ATOM   856  C CA  . ARG A 1 108 ? -13.995 12.686  4.618   1.00 23.80 ? 107 ARG A CA  1 
ATOM   857  C C   . ARG A 1 108 ? -14.628 12.437  5.988   1.00 23.49 ? 107 ARG A C   1 
ATOM   858  O O   . ARG A 1 108 ? -13.936 12.009  6.912   1.00 23.32 ? 107 ARG A O   1 
ATOM   859  C CB  . ARG A 1 108 ? -12.973 13.829  4.672   1.00 23.95 ? 107 ARG A CB  1 
ATOM   860  C CG  . ARG A 1 108 ? -13.532 15.227  4.893   1.00 24.58 ? 107 ARG A CG  1 
ATOM   861  C CD  . ARG A 1 108 ? -12.392 16.227  4.795   1.00 27.13 ? 107 ARG A CD  1 
ATOM   862  N NE  . ARG A 1 108 ? -12.797 17.611  5.029   1.00 28.72 ? 107 ARG A NE  1 
ATOM   863  C CZ  . ARG A 1 108 ? -13.216 18.446  4.080   1.00 30.14 ? 107 ARG A CZ  1 
ATOM   864  N NH1 . ARG A 1 108 ? -13.312 18.044  2.817   1.00 30.37 ? 107 ARG A NH1 1 
ATOM   865  N NH2 . ARG A 1 108 ? -13.543 19.692  4.396   1.00 30.64 ? 107 ARG A NH2 1 
ATOM   866  N N   . ILE A 1 109 ? -15.930 12.685  6.117   1.00 23.35 ? 108 ILE A N   1 
ATOM   867  C CA  . ILE A 1 109 ? -16.628 12.394  7.372   1.00 23.20 ? 108 ILE A CA  1 
ATOM   868  C C   . ILE A 1 109 ? -16.738 10.889  7.613   1.00 23.10 ? 108 ILE A C   1 
ATOM   869  O O   . ILE A 1 109 ? -16.840 10.442  8.755   1.00 23.14 ? 108 ILE A O   1 
ATOM   870  C CB  . ILE A 1 109 ? -18.014 13.097  7.469   1.00 23.41 ? 108 ILE A CB  1 
ATOM   871  C CG1 . ILE A 1 109 ? -18.481 13.163  8.931   1.00 22.92 ? 108 ILE A CG1 1 
ATOM   872  C CG2 . ILE A 1 109 ? -19.064 12.422  6.556   1.00 23.28 ? 108 ILE A CG2 1 
ATOM   873  C CD1 . ILE A 1 109 ? -19.285 14.391  9.263   1.00 22.21 ? 108 ILE A CD1 1 
ATOM   874  N N   . ASP A 1 110 ? -16.682 10.119  6.528   1.00 23.15 ? 109 ASP A N   1 
ATOM   875  C CA  . ASP A 1 110 ? -16.757 8.664   6.588   1.00 22.98 ? 109 ASP A CA  1 
ATOM   876  C C   . ASP A 1 110 ? -15.395 8.018   6.834   1.00 22.78 ? 109 ASP A C   1 
ATOM   877  O O   . ASP A 1 110 ? -15.326 6.833   7.145   1.00 23.10 ? 109 ASP A O   1 
ATOM   878  C CB  . ASP A 1 110 ? -17.351 8.106   5.283   1.00 23.36 ? 109 ASP A CB  1 
ATOM   879  C CG  . ASP A 1 110 ? -18.761 8.619   5.000   1.00 24.00 ? 109 ASP A CG  1 
ATOM   880  O OD1 . ASP A 1 110 ? -19.071 8.873   3.819   1.00 25.32 ? 109 ASP A OD1 1 
ATOM   881  O OD2 . ASP A 1 110 ? -19.561 8.762   5.948   1.00 25.29 ? 109 ASP A OD2 1 
ATOM   882  N N   . TRP A 1 111 ? -14.313 8.783   6.689   1.00 22.51 ? 110 TRP A N   1 
ATOM   883  C CA  . TRP A 1 111 ? -12.968 8.205   6.753   1.00 22.29 ? 110 TRP A CA  1 
ATOM   884  C C   . TRP A 1 111 ? -12.540 7.688   8.131   1.00 22.75 ? 110 TRP A C   1 
ATOM   885  O O   . TRP A 1 111 ? -12.025 6.576   8.222   1.00 23.08 ? 110 TRP A O   1 
ATOM   886  C CB  . TRP A 1 111 ? -11.892 9.162   6.217   1.00 21.97 ? 110 TRP A CB  1 
ATOM   887  C CG  . TRP A 1 111 ? -12.068 9.640   4.815   1.00 20.24 ? 110 TRP A CG  1 
ATOM   888  C CD1 . TRP A 1 111 ? -13.004 9.233   3.906   1.00 19.06 ? 110 TRP A CD1 1 
ATOM   889  C CD2 . TRP A 1 111 ? -11.252 10.604  4.145   1.00 19.95 ? 110 TRP A CD2 1 
ATOM   890  N NE1 . TRP A 1 111 ? -12.836 9.906   2.721   1.00 19.34 ? 110 TRP A NE1 1 
ATOM   891  C CE2 . TRP A 1 111 ? -11.765 10.752  2.838   1.00 19.42 ? 110 TRP A CE2 1 
ATOM   892  C CE3 . TRP A 1 111 ? -10.137 11.371  4.528   1.00 19.98 ? 110 TRP A CE3 1 
ATOM   893  C CZ2 . TRP A 1 111 ? -11.205 11.635  1.912   1.00 18.85 ? 110 TRP A CZ2 1 
ATOM   894  C CZ3 . TRP A 1 111 ? -9.583  12.248  3.605   1.00 18.85 ? 110 TRP A CZ3 1 
ATOM   895  C CH2 . TRP A 1 111 ? -10.122 12.372  2.312   1.00 18.62 ? 110 TRP A CH2 1 
ATOM   896  N N   . PRO A 1 112 ? -12.725 8.494   9.200   1.00 23.03 ? 111 PRO A N   1 
ATOM   897  C CA  . PRO A 1 112 ? -12.168 8.115   10.508  1.00 23.27 ? 111 PRO A CA  1 
ATOM   898  C C   . PRO A 1 112 ? -12.773 6.858   11.138  1.00 23.75 ? 111 PRO A C   1 
ATOM   899  O O   . PRO A 1 112 ? -12.086 6.163   11.890  1.00 23.81 ? 111 PRO A O   1 
ATOM   900  C CB  . PRO A 1 112 ? -12.450 9.353   11.380  1.00 23.29 ? 111 PRO A CB  1 
ATOM   901  C CG  . PRO A 1 112 ? -12.709 10.463  10.404  1.00 22.90 ? 111 PRO A CG  1 
ATOM   902  C CD  . PRO A 1 112 ? -13.407 9.800   9.274   1.00 22.80 ? 111 PRO A CD  1 
ATOM   903  N N   . VAL A 1 113 ? -14.041 6.576   10.844  1.00 24.19 ? 112 VAL A N   1 
ATOM   904  C CA  . VAL A 1 113 ? -14.688 5.351   11.318  1.00 24.61 ? 112 VAL A CA  1 
ATOM   905  C C   . VAL A 1 113 ? -15.088 4.422   10.165  1.00 24.59 ? 112 VAL A C   1 
ATOM   906  O O   . VAL A 1 113 ? -15.939 3.539   10.331  1.00 24.82 ? 112 VAL A O   1 
ATOM   907  C CB  . VAL A 1 113 ? -15.924 5.643   12.237  1.00 24.93 ? 112 VAL A CB  1 
ATOM   908  C CG1 . VAL A 1 113 ? -15.488 6.313   13.538  1.00 25.41 ? 112 VAL A CG1 1 
ATOM   909  C CG2 . VAL A 1 113 ? -16.985 6.482   11.517  1.00 25.53 ? 112 VAL A CG2 1 
ATOM   910  N N   . GLY A 1 114 ? -14.470 4.623   9.003   1.00 24.25 ? 113 GLY A N   1 
ATOM   911  C CA  . GLY A 1 114 ? -14.797 3.847   7.817   1.00 24.05 ? 113 GLY A CA  1 
ATOM   912  C C   . GLY A 1 114 ? -14.148 2.475   7.805   1.00 23.96 ? 113 GLY A C   1 
ATOM   913  O O   . GLY A 1 114 ? -13.206 2.214   8.545   1.00 24.05 ? 113 GLY A O   1 
ATOM   914  N N   . SER A 1 115 ? -14.676 1.602   6.958   1.00 23.66 ? 114 SER A N   1 
ATOM   915  C CA  . SER A 1 115 ? -14.124 0.276   6.721   1.00 23.68 ? 114 SER A CA  1 
ATOM   916  C C   . SER A 1 115 ? -14.557 -0.129  5.311   1.00 23.72 ? 114 SER A C   1 
ATOM   917  O O   . SER A 1 115 ? -15.448 0.521   4.744   1.00 23.77 ? 114 SER A O   1 
ATOM   918  C CB  . SER A 1 115 ? -14.608 -0.726  7.784   1.00 23.69 ? 114 SER A CB  1 
ATOM   919  O OG  . SER A 1 115 ? -16.018 -0.701  7.952   1.00 24.09 ? 114 SER A OG  1 
ATOM   920  N N   . PRO A 1 116 ? -13.918 -1.162  4.716   1.00 23.79 ? 115 PRO A N   1 
ATOM   921  C CA  . PRO A 1 116 ? -14.356 -1.593  3.382   1.00 23.91 ? 115 PRO A CA  1 
ATOM   922  C C   . PRO A 1 116 ? -15.866 -1.865  3.298   1.00 24.43 ? 115 PRO A C   1 
ATOM   923  O O   . PRO A 1 116 ? -16.507 -1.507  2.305   1.00 24.56 ? 115 PRO A O   1 
ATOM   924  C CB  . PRO A 1 116 ? -13.544 -2.867  3.145   1.00 23.82 ? 115 PRO A CB  1 
ATOM   925  C CG  . PRO A 1 116 ? -12.315 -2.684  3.968   1.00 23.24 ? 115 PRO A CG  1 
ATOM   926  C CD  . PRO A 1 116 ? -12.763 -1.952  5.193   1.00 23.67 ? 115 PRO A CD  1 
ATOM   927  N N   . ALA A 1 117 ? -16.421 -2.456  4.354   1.00 24.85 ? 116 ALA A N   1 
ATOM   928  C CA  . ALA A 1 117 ? -17.839 -2.796  4.418   1.00 25.25 ? 116 ALA A CA  1 
ATOM   929  C C   . ALA A 1 117 ? -18.765 -1.587  4.362   1.00 25.77 ? 116 ALA A C   1 
ATOM   930  O O   . ALA A 1 117 ? -19.881 -1.698  3.860   1.00 26.07 ? 116 ALA A O   1 
ATOM   931  C CB  . ALA A 1 117 ? -18.124 -3.621  5.664   1.00 25.17 ? 116 ALA A CB  1 
ATOM   932  N N   . THR A 1 118 ? -18.296 -0.441  4.865   1.00 26.20 ? 117 THR A N   1 
ATOM   933  C CA  . THR A 1 118 ? -19.104 0.784   4.931   1.00 26.60 ? 117 THR A CA  1 
ATOM   934  C C   . THR A 1 118 ? -18.755 1.847   3.888   1.00 26.71 ? 117 THR A C   1 
ATOM   935  O O   . THR A 1 118 ? -19.468 2.841   3.765   1.00 26.77 ? 117 THR A O   1 
ATOM   936  C CB  . THR A 1 118 ? -19.017 1.452   6.326   1.00 26.74 ? 117 THR A CB  1 
ATOM   937  O OG1 . THR A 1 118 ? -17.648 1.747   6.630   1.00 27.54 ? 117 THR A OG1 1 
ATOM   938  C CG2 . THR A 1 118 ? -19.597 0.546   7.406   1.00 26.78 ? 117 THR A CG2 1 
ATOM   939  N N   . ILE A 1 119 ? -17.653 1.650   3.162   1.00 26.94 ? 118 ILE A N   1 
ATOM   940  C CA  . ILE A 1 119 ? -17.192 2.604   2.152   1.00 27.14 ? 118 ILE A CA  1 
ATOM   941  C C   . ILE A 1 119 ? -17.545 2.066   0.781   1.00 27.57 ? 118 ILE A C   1 
ATOM   942  O O   . ILE A 1 119 ? -17.200 0.936   0.444   1.00 28.13 ? 118 ILE A O   1 
ATOM   943  C CB  . ILE A 1 119 ? -15.651 2.837   2.230   1.00 27.29 ? 118 ILE A CB  1 
ATOM   944  C CG1 . ILE A 1 119 ? -15.248 3.570   3.525   1.00 26.65 ? 118 ILE A CG1 1 
ATOM   945  C CG2 . ILE A 1 119 ? -15.119 3.528   0.962   1.00 26.97 ? 118 ILE A CG2 1 
ATOM   946  C CD1 . ILE A 1 119 ? -15.600 5.047   3.584   1.00 25.42 ? 118 ILE A CD1 1 
ATOM   947  N N   . HIS A 1 120 ? -18.246 2.867   -0.008  1.00 28.12 ? 119 HIS A N   1 
ATOM   948  C CA  . HIS A 1 120 ? -18.647 2.439   -1.339  1.00 28.43 ? 119 HIS A CA  1 
ATOM   949  C C   . HIS A 1 120 ? -17.829 3.181   -2.373  1.00 27.90 ? 119 HIS A C   1 
ATOM   950  O O   . HIS A 1 120 ? -18.052 4.361   -2.669  1.00 28.35 ? 119 HIS A O   1 
ATOM   951  C CB  . HIS A 1 120 ? -20.157 2.589   -1.547  1.00 29.19 ? 119 HIS A CB  1 
ATOM   952  C CG  . HIS A 1 120 ? -20.970 2.000   -0.432  1.00 31.50 ? 119 HIS A CG  1 
ATOM   953  N ND1 . HIS A 1 120 ? -21.821 2.753   0.353   1.00 32.76 ? 119 HIS A ND1 1 
ATOM   954  C CD2 . HIS A 1 120 ? -21.025 0.736   0.059   1.00 32.74 ? 119 HIS A CD2 1 
ATOM   955  C CE1 . HIS A 1 120 ? -22.379 1.976   1.264   1.00 34.02 ? 119 HIS A CE1 1 
ATOM   956  N NE2 . HIS A 1 120 ? -21.915 0.747   1.106   1.00 34.32 ? 119 HIS A NE2 1 
ATOM   957  N N   . TYR A 1 121 ? -16.833 2.463   -2.866  1.00 27.12 ? 120 TYR A N   1 
ATOM   958  C CA  . TYR A 1 121 ? -15.931 2.915   -3.895  1.00 26.26 ? 120 TYR A CA  1 
ATOM   959  C C   . TYR A 1 121 ? -15.486 1.615   -4.550  1.00 26.07 ? 120 TYR A C   1 
ATOM   960  O O   . TYR A 1 121 ? -14.810 0.798   -3.922  1.00 25.72 ? 120 TYR A O   1 
ATOM   961  C CB  . TYR A 1 121 ? -14.756 3.679   -3.278  1.00 25.85 ? 120 TYR A CB  1 
ATOM   962  C CG  . TYR A 1 121 ? -13.751 4.181   -4.285  1.00 24.86 ? 120 TYR A CG  1 
ATOM   963  C CD1 . TYR A 1 121 ? -12.541 3.511   -4.479  1.00 24.25 ? 120 TYR A CD1 1 
ATOM   964  C CD2 . TYR A 1 121 ? -14.003 5.324   -5.042  1.00 23.41 ? 120 TYR A CD2 1 
ATOM   965  C CE1 . TYR A 1 121 ? -11.606 3.965   -5.408  1.00 24.37 ? 120 TYR A CE1 1 
ATOM   966  C CE2 . TYR A 1 121 ? -13.080 5.781   -5.982  1.00 23.93 ? 120 TYR A CE2 1 
ATOM   967  C CZ  . TYR A 1 121 ? -11.881 5.099   -6.156  1.00 24.35 ? 120 TYR A CZ  1 
ATOM   968  O OH  . TYR A 1 121 ? -10.955 5.547   -7.076  1.00 25.13 ? 120 TYR A OH  1 
ATOM   969  N N   . THR A 1 122 ? -15.915 1.413   -5.795  1.00 25.95 ? 121 THR A N   1 
ATOM   970  C CA  . THR A 1 122 ? -15.726 0.143   -6.497  1.00 25.82 ? 121 THR A CA  1 
ATOM   971  C C   . THR A 1 122 ? -14.621 0.227   -7.536  1.00 25.72 ? 121 THR A C   1 
ATOM   972  O O   . THR A 1 122 ? -14.281 -0.773  -8.161  1.00 25.93 ? 121 THR A O   1 
ATOM   973  C CB  . THR A 1 122 ? -17.014 -0.298  -7.227  1.00 25.97 ? 121 THR A CB  1 
ATOM   974  O OG1 . THR A 1 122 ? -17.401 0.714   -8.167  1.00 26.29 ? 121 THR A OG1 1 
ATOM   975  C CG2 . THR A 1 122 ? -18.153 -0.549  -6.247  1.00 25.94 ? 121 THR A CG2 1 
ATOM   976  N N   . ALA A 1 123 ? -14.068 1.424   -7.719  1.00 25.69 ? 122 ALA A N   1 
ATOM   977  C CA  . ALA A 1 123 ? -13.133 1.697   -8.811  1.00 25.35 ? 122 ALA A CA  1 
ATOM   978  C C   . ALA A 1 123 ? -11.747 1.080   -8.630  1.00 25.24 ? 122 ALA A C   1 
ATOM   979  O O   . ALA A 1 123 ? -11.016 0.926   -9.605  1.00 25.53 ? 122 ALA A O   1 
ATOM   980  C CB  . ALA A 1 123 ? -13.017 3.189   -9.031  1.00 25.23 ? 122 ALA A CB  1 
ATOM   981  N N   . LEU A 1 124 ? -11.407 0.707   -7.400  1.00 25.04 ? 123 LEU A N   1 
ATOM   982  C CA  . LEU A 1 124 ? -10.038 0.321   -7.027  1.00 25.08 ? 123 LEU A CA  1 
ATOM   983  C C   . LEU A 1 124 ? -9.503  -0.917  -7.746  1.00 25.26 ? 123 LEU A C   1 
ATOM   984  O O   . LEU A 1 124 ? -8.321  -0.968  -8.105  1.00 25.47 ? 123 LEU A O   1 
ATOM   985  C CB  . LEU A 1 124 ? -9.946  0.136   -5.511  1.00 24.87 ? 123 LEU A CB  1 
ATOM   986  C CG  . LEU A 1 124 ? -8.767  0.754   -4.765  1.00 24.94 ? 123 LEU A CG  1 
ATOM   987  C CD1 . LEU A 1 124 ? -8.577  2.232   -5.098  1.00 24.78 ? 123 LEU A CD1 1 
ATOM   988  C CD2 . LEU A 1 124 ? -8.977  0.585   -3.289  1.00 24.21 ? 123 LEU A CD2 1 
ATOM   989  N N   . ASP A 1 125 ? -10.369 -1.910  -7.946  1.00 25.31 ? 124 ASP A N   1 
ATOM   990  C CA  . ASP A 1 125 ? -10.001 -3.129  -8.673  1.00 25.56 ? 124 ASP A CA  1 
ATOM   991  C C   . ASP A 1 125 ? -9.737  -2.837  -10.141 1.00 25.38 ? 124 ASP A C   1 
ATOM   992  O O   . ASP A 1 125 ? -8.928  -3.517  -10.776 1.00 25.47 ? 124 ASP A O   1 
ATOM   993  C CB  . ASP A 1 125 ? -11.086 -4.201  -8.544  1.00 25.68 ? 124 ASP A CB  1 
ATOM   994  C CG  . ASP A 1 125 ? -11.140 -4.812  -7.160  1.00 26.09 ? 124 ASP A CG  1 
ATOM   995  O OD1 . ASP A 1 125 ? -10.397 -5.778  -6.913  1.00 27.35 ? 124 ASP A OD1 1 
ATOM   996  O OD2 . ASP A 1 125 ? -11.936 -4.339  -6.323  1.00 26.93 ? 124 ASP A OD2 1 
ATOM   997  N N   . GLY A 1 126 ? -10.423 -1.821  -10.664 1.00 25.29 ? 125 GLY A N   1 
ATOM   998  C CA  . GLY A 1 126 ? -10.272 -1.392  -12.047 1.00 25.17 ? 125 GLY A CA  1 
ATOM   999  C C   . GLY A 1 126 ? -8.942  -0.717  -12.330 1.00 25.29 ? 125 GLY A C   1 
ATOM   1000 O O   . GLY A 1 126 ? -8.314  -0.995  -13.352 1.00 25.47 ? 125 GLY A O   1 
ATOM   1001 N N   . HIS A 1 127 ? -8.516  0.173   -11.429 1.00 25.05 ? 126 HIS A N   1 
ATOM   1002 C CA  . HIS A 1 127 ? -7.244  0.889   -11.590 1.00 24.87 ? 126 HIS A CA  1 
ATOM   1003 C C   . HIS A 1 127 ? -6.043  -0.048  -11.511 1.00 24.98 ? 126 HIS A C   1 
ATOM   1004 O O   . HIS A 1 127 ? -5.111  0.085   -12.294 1.00 24.78 ? 126 HIS A O   1 
ATOM   1005 C CB  . HIS A 1 127 ? -7.103  2.013   -10.561 1.00 24.54 ? 126 HIS A CB  1 
ATOM   1006 C CG  . HIS A 1 127 ? -8.195  3.033   -10.628 1.00 24.29 ? 126 HIS A CG  1 
ATOM   1007 N ND1 . HIS A 1 127 ? -8.439  3.789   -11.754 1.00 23.51 ? 126 HIS A ND1 1 
ATOM   1008 C CD2 . HIS A 1 127 ? -9.106  3.425   -9.707  1.00 23.84 ? 126 HIS A CD2 1 
ATOM   1009 C CE1 . HIS A 1 127 ? -9.461  4.592   -11.528 1.00 23.37 ? 126 HIS A CE1 1 
ATOM   1010 N NE2 . HIS A 1 127 ? -9.880  4.396   -10.291 1.00 23.57 ? 126 HIS A NE2 1 
ATOM   1011 N N   . LEU A 1 128 ? -6.078  -0.989  -10.564 1.00 25.41 ? 127 LEU A N   1 
ATOM   1012 C CA  . LEU A 1 128 ? -5.010  -1.976  -10.393 1.00 25.65 ? 127 LEU A CA  1 
ATOM   1013 C C   . LEU A 1 128 ? -4.868  -2.826  -11.646 1.00 26.38 ? 127 LEU A C   1 
ATOM   1014 O O   . LEU A 1 128 ? -3.756  -3.097  -12.100 1.00 26.45 ? 127 LEU A O   1 
ATOM   1015 C CB  . LEU A 1 128 ? -5.294  -2.880  -9.189  1.00 25.43 ? 127 LEU A CB  1 
ATOM   1016 C CG  . LEU A 1 128 ? -4.250  -3.941  -8.820  1.00 24.43 ? 127 LEU A CG  1 
ATOM   1017 C CD1 . LEU A 1 128 ? -2.989  -3.286  -8.333  1.00 24.03 ? 127 LEU A CD1 1 
ATOM   1018 C CD2 . LEU A 1 128 ? -4.786  -4.889  -7.775  1.00 22.99 ? 127 LEU A CD2 1 
ATOM   1019 N N   . SER A 1 129 ? -6.009  -3.240  -12.194 1.00 27.07 ? 128 SER A N   1 
ATOM   1020 C CA  . SER A 1 129 ? -6.054  -4.070  -13.386 1.00 27.93 ? 128 SER A CA  1 
ATOM   1021 C C   . SER A 1 129 ? -5.551  -3.302  -14.608 1.00 28.50 ? 128 SER A C   1 
ATOM   1022 O O   . SER A 1 129 ? -4.819  -3.837  -15.438 1.00 28.67 ? 128 SER A O   1 
ATOM   1023 C CB  . SER A 1 129 ? -7.482  -4.564  -13.606 1.00 27.73 ? 128 SER A CB  1 
ATOM   1024 O OG  . SER A 1 129 ? -7.617  -5.195  -14.860 1.00 28.32 ? 128 SER A OG  1 
ATOM   1025 N N   . ARG A 1 130 ? -5.935  -2.036  -14.697 1.00 29.38 ? 129 ARG A N   1 
ATOM   1026 C CA  . ARG A 1 130 ? -5.569  -1.193  -15.817 1.00 30.12 ? 129 ARG A CA  1 
ATOM   1027 C C   . ARG A 1 130 ? -4.086  -0.834  -15.779 1.00 30.23 ? 129 ARG A C   1 
ATOM   1028 O O   . ARG A 1 130 ? -3.453  -0.679  -16.823 1.00 30.34 ? 129 ARG A O   1 
ATOM   1029 C CB  . ARG A 1 130 ? -6.427  0.070   -15.802 1.00 30.38 ? 129 ARG A CB  1 
ATOM   1030 C CG  . ARG A 1 130 ? -6.277  0.953   -17.009 1.00 32.28 ? 129 ARG A CG  1 
ATOM   1031 C CD  . ARG A 1 130 ? -6.775  2.331   -16.693 1.00 36.10 ? 129 ARG A CD  1 
ATOM   1032 N NE  . ARG A 1 130 ? -6.280  3.315   -17.647 1.00 38.85 ? 129 ARG A NE  1 
ATOM   1033 C CZ  . ARG A 1 130 ? -6.236  4.623   -17.412 1.00 40.71 ? 129 ARG A CZ  1 
ATOM   1034 N NH1 . ARG A 1 130 ? -6.657  5.111   -16.246 1.00 41.17 ? 129 ARG A NH1 1 
ATOM   1035 N NH2 . ARG A 1 130 ? -5.767  5.445   -18.346 1.00 41.45 ? 129 ARG A NH2 1 
ATOM   1036 N N   . TYR A 1 131 ? -3.531  -0.713  -14.578 1.00 30.41 ? 130 TYR A N   1 
ATOM   1037 C CA  . TYR A 1 131 ? -2.137  -0.294  -14.431 1.00 30.58 ? 130 TYR A CA  1 
ATOM   1038 C C   . TYR A 1 131 ? -1.124  -1.431  -14.501 1.00 31.15 ? 130 TYR A C   1 
ATOM   1039 O O   . TYR A 1 131 ? 0.081   -1.204  -14.395 1.00 31.11 ? 130 TYR A O   1 
ATOM   1040 C CB  . TYR A 1 131 ? -1.954  0.563   -13.172 1.00 30.27 ? 130 TYR A CB  1 
ATOM   1041 C CG  . TYR A 1 131 ? -2.148  2.041   -13.427 1.00 28.89 ? 130 TYR A CG  1 
ATOM   1042 C CD1 . TYR A 1 131 ? -3.424  2.580   -13.594 1.00 27.19 ? 130 TYR A CD1 1 
ATOM   1043 C CD2 . TYR A 1 131 ? -1.052  2.899   -13.515 1.00 27.99 ? 130 TYR A CD2 1 
ATOM   1044 C CE1 . TYR A 1 131 ? -3.600  3.931   -13.831 1.00 27.37 ? 130 TYR A CE1 1 
ATOM   1045 C CE2 . TYR A 1 131 ? -1.215  4.248   -13.752 1.00 27.07 ? 130 TYR A CE2 1 
ATOM   1046 C CZ  . TYR A 1 131 ? -2.491  4.755   -13.908 1.00 28.04 ? 130 TYR A CZ  1 
ATOM   1047 O OH  . TYR A 1 131 ? -2.655  6.096   -14.139 1.00 30.53 ? 130 TYR A OH  1 
ATOM   1048 N N   . GLN A 1 132 ? -1.622  -2.653  -14.678 1.00 32.18 ? 131 GLN A N   1 
ATOM   1049 C CA  . GLN A 1 132 ? -0.777  -3.822  -14.948 1.00 33.41 ? 131 GLN A CA  1 
ATOM   1050 C C   . GLN A 1 132 ? 0.070   -3.606  -16.204 1.00 34.63 ? 131 GLN A C   1 
ATOM   1051 O O   . GLN A 1 132 ? 1.192   -4.102  -16.295 1.00 34.92 ? 131 GLN A O   1 
ATOM   1052 C CB  . GLN A 1 132 ? -1.626  -5.093  -15.099 1.00 32.94 ? 131 GLN A CB  1 
ATOM   1053 C CG  . GLN A 1 132 ? -2.402  -5.514  -13.852 1.00 31.57 ? 131 GLN A CG  1 
ATOM   1054 C CD  . GLN A 1 132 ? -1.511  -5.922  -12.696 1.00 29.99 ? 131 GLN A CD  1 
ATOM   1055 O OE1 . GLN A 1 132 ? -0.298  -6.024  -12.840 1.00 29.73 ? 131 GLN A OE1 1 
ATOM   1056 N NE2 . GLN A 1 132 ? -2.116  -6.158  -11.535 1.00 29.69 ? 131 GLN A NE2 1 
ATOM   1057 N N   . ASN A 1 133 ? -0.486  -2.872  -17.165 1.00 36.25 ? 132 ASN A N   1 
ATOM   1058 C CA  . ASN A 1 133 ? 0.269   -2.368  -18.307 1.00 38.07 ? 132 ASN A CA  1 
ATOM   1059 C C   . ASN A 1 133 ? 0.498   -0.865  -18.151 1.00 39.10 ? 132 ASN A C   1 
ATOM   1060 O O   . ASN A 1 133 ? -0.429  -0.079  -18.347 1.00 39.04 ? 132 ASN A O   1 
ATOM   1061 C CB  . ASN A 1 133 ? -0.461  -2.667  -19.626 1.00 38.11 ? 132 ASN A CB  1 
ATOM   1062 C CG  . ASN A 1 133 ? 0.365   -2.304  -20.863 1.00 39.30 ? 132 ASN A CG  1 
ATOM   1063 O OD1 . ASN A 1 133 ? -0.182  -2.151  -21.960 1.00 40.35 ? 132 ASN A OD1 1 
ATOM   1064 N ND2 . ASN A 1 133 ? 1.684   -2.175  -20.695 1.00 40.00 ? 132 ASN A ND2 1 
ATOM   1065 N N   . PRO A 1 134 ? 1.729   -0.465  -17.778 1.00 40.36 ? 133 PRO A N   1 
ATOM   1066 C CA  . PRO A 1 134 ? 2.121   0.940   -17.605 1.00 41.62 ? 133 PRO A CA  1 
ATOM   1067 C C   . PRO A 1 134 ? 1.822   1.839   -18.811 1.00 43.09 ? 133 PRO A C   1 
ATOM   1068 O O   . PRO A 1 134 ? 1.608   3.042   -18.642 1.00 43.11 ? 133 PRO A O   1 
ATOM   1069 C CB  . PRO A 1 134 ? 3.631   0.853   -17.388 1.00 41.36 ? 133 PRO A CB  1 
ATOM   1070 C CG  . PRO A 1 134 ? 3.833   -0.472  -16.789 1.00 41.01 ? 133 PRO A CG  1 
ATOM   1071 C CD  . PRO A 1 134 ? 2.845   -1.375  -17.467 1.00 40.42 ? 133 PRO A CD  1 
ATOM   1072 N N   . ARG A 1 135 ? 1.802   1.253   -20.008 1.00 44.89 ? 134 ARG A N   1 
ATOM   1073 C CA  . ARG A 1 135 ? 1.552   1.992   -21.248 1.00 46.64 ? 134 ARG A CA  1 
ATOM   1074 C C   . ARG A 1 135 ? 0.175   2.677   -21.244 1.00 47.81 ? 134 ARG A C   1 
ATOM   1075 O O   . ARG A 1 135 ? 0.017   3.762   -21.809 1.00 47.99 ? 134 ARG A O   1 
ATOM   1076 C CB  . ARG A 1 135 ? 1.717   1.062   -22.458 1.00 46.64 ? 134 ARG A CB  1 
ATOM   1077 C CG  . ARG A 1 135 ? 2.268   1.742   -23.709 1.00 47.05 ? 134 ARG A CG  1 
ATOM   1078 C CD  . ARG A 1 135 ? 2.926   0.737   -24.655 1.00 47.25 ? 134 ARG A CD  1 
ATOM   1079 N NE  . ARG A 1 135 ? 3.057   1.262   -26.019 1.00 47.23 ? 134 ARG A NE  1 
ATOM   1080 C CZ  . ARG A 1 135 ? 3.721   0.664   -27.009 1.00 46.59 ? 134 ARG A CZ  1 
ATOM   1081 N NH1 . ARG A 1 135 ? 4.343   -0.491  -26.813 1.00 46.41 ? 134 ARG A NH1 1 
ATOM   1082 N NH2 . ARG A 1 135 ? 3.769   1.230   -28.207 1.00 45.89 ? 134 ARG A NH2 1 
ATOM   1083 N N   . GLU A 1 136 ? -0.802  2.049   -20.588 1.00 49.34 ? 135 GLU A N   1 
ATOM   1084 C CA  . GLU A 1 136 ? -2.149  2.622   -20.427 1.00 50.73 ? 135 GLU A CA  1 
ATOM   1085 C C   . GLU A 1 136 ? -2.341  3.453   -19.144 1.00 51.67 ? 135 GLU A C   1 
ATOM   1086 O O   . GLU A 1 136 ? -3.457  3.555   -18.624 1.00 51.76 ? 135 GLU A O   1 
ATOM   1087 C CB  . GLU A 1 136 ? -3.228  1.531   -20.516 1.00 50.71 ? 135 GLU A CB  1 
ATOM   1088 C CG  . GLU A 1 136 ? -3.822  1.333   -21.908 1.00 51.10 ? 135 GLU A CG  1 
ATOM   1089 C CD  . GLU A 1 136 ? -3.222  0.152   -22.649 1.00 51.75 ? 135 GLU A CD  1 
ATOM   1090 O OE1 . GLU A 1 136 ? -3.251  -0.976  -22.110 1.00 52.05 ? 135 GLU A OE1 1 
ATOM   1091 O OE2 . GLU A 1 136 ? -2.730  0.345   -23.779 1.00 51.94 ? 135 GLU A OE2 1 
ATOM   1092 N N   . ALA A 1 137 ? -1.261  4.047   -18.641 1.00 52.94 ? 136 ALA A N   1 
ATOM   1093 C CA  . ALA A 1 137 ? -1.353  4.981   -17.517 1.00 54.22 ? 136 ALA A CA  1 
ATOM   1094 C C   . ALA A 1 137 ? -2.044  6.265   -17.961 1.00 55.17 ? 136 ALA A C   1 
ATOM   1095 O O   . ALA A 1 137 ? -1.685  6.841   -18.996 1.00 55.24 ? 136 ALA A O   1 
ATOM   1096 C CB  . ALA A 1 137 ? 0.033   5.295   -16.960 1.00 54.15 ? 136 ALA A CB  1 
ATOM   1097 N N   . ASP A 1 138 ? -3.038  6.707   -17.189 1.00 56.38 ? 137 ASP A N   1 
ATOM   1098 C CA  . ASP A 1 138 ? -3.681  7.988   -17.473 1.00 57.49 ? 137 ASP A CA  1 
ATOM   1099 C C   . ASP A 1 138 ? -2.665  9.104   -17.246 1.00 58.22 ? 137 ASP A C   1 
ATOM   1100 O O   . ASP A 1 138 ? -2.138  9.262   -16.142 1.00 58.36 ? 137 ASP A O   1 
ATOM   1101 C CB  . ASP A 1 138 ? -5.001  8.190   -16.699 1.00 57.56 ? 137 ASP A CB  1 
ATOM   1102 C CG  . ASP A 1 138 ? -4.829  8.154   -15.193 1.00 57.78 ? 137 ASP A CG  1 
ATOM   1103 O OD1 . ASP A 1 138 ? -4.468  9.204   -14.614 1.00 58.61 ? 137 ASP A OD1 1 
ATOM   1104 O OD2 . ASP A 1 138 ? -5.094  7.092   -14.587 1.00 57.26 ? 137 ASP A OD2 1 
ATOM   1105 N N   . PRO A 1 139 ? -2.344  9.845   -18.318 1.00 58.96 ? 138 PRO A N   1 
ATOM   1106 C CA  . PRO A 1 139 ? -1.271  10.818  -18.242 1.00 59.49 ? 138 PRO A CA  1 
ATOM   1107 C C   . PRO A 1 139 ? -1.787  12.199  -17.880 1.00 60.05 ? 138 PRO A C   1 
ATOM   1108 O O   . PRO A 1 139 ? -2.376  12.889  -18.719 1.00 60.32 ? 138 PRO A O   1 
ATOM   1109 C CB  . PRO A 1 139 ? -0.702  10.809  -19.665 1.00 59.42 ? 138 PRO A CB  1 
ATOM   1110 C CG  . PRO A 1 139 ? -1.895  10.447  -20.540 1.00 59.23 ? 138 PRO A CG  1 
ATOM   1111 C CD  . PRO A 1 139 ? -2.956  9.814   -19.664 1.00 58.99 ? 138 PRO A CD  1 
ATOM   1112 N N   . MET A 1 140 ? -1.594  12.589  -16.628 1.00 60.63 ? 139 MET A N   1 
ATOM   1113 C CA  . MET A 1 140 ? -1.718  13.989  -16.281 1.00 61.16 ? 139 MET A CA  1 
ATOM   1114 C C   . MET A 1 140 ? -0.309  14.559  -16.321 1.00 61.28 ? 139 MET A C   1 
ATOM   1115 O O   . MET A 1 140 ? 0.525   14.237  -15.471 1.00 61.43 ? 139 MET A O   1 
ATOM   1116 C CB  . MET A 1 140 ? -2.366  14.178  -14.909 1.00 61.34 ? 139 MET A CB  1 
ATOM   1117 C CG  . MET A 1 140 ? -2.662  15.639  -14.557 1.00 61.98 ? 139 MET A CG  1 
ATOM   1118 S SD  . MET A 1 140 ? -3.672  16.488  -15.796 1.00 63.62 ? 139 MET A SD  1 
ATOM   1119 C CE  . MET A 1 140 ? -5.230  15.603  -15.631 1.00 63.23 ? 139 MET A CE  1 
ATOM   1120 N N   . SER A 1 141 ? -0.042  15.375  -17.337 1.00 61.42 ? 140 SER A N   1 
ATOM   1121 C CA  . SER A 1 141 ? 1.264   16.007  -17.488 1.00 61.62 ? 140 SER A CA  1 
ATOM   1122 C C   . SER A 1 141 ? 1.495   17.042  -16.389 1.00 61.65 ? 140 SER A C   1 
ATOM   1123 O O   . SER A 1 141 ? 2.638   17.282  -15.991 1.00 61.81 ? 140 SER A O   1 
ATOM   1124 C CB  . SER A 1 141 ? 1.402   16.653  -18.870 1.00 61.68 ? 140 SER A CB  1 
ATOM   1125 O OG  . SER A 1 141 ? 1.706   15.677  -19.860 1.00 61.93 ? 140 SER A OG  1 
ATOM   1126 N N   . LYS A 1 142 ? 0.405   17.638  -15.902 1.00 61.61 ? 141 LYS A N   1 
ATOM   1127 C CA  . LYS A 1 142 ? 0.469   18.675  -14.867 1.00 61.58 ? 141 LYS A CA  1 
ATOM   1128 C C   . LYS A 1 142 ? 0.938   18.128  -13.515 1.00 61.48 ? 141 LYS A C   1 
ATOM   1129 O O   . LYS A 1 142 ? 1.628   18.829  -12.769 1.00 61.54 ? 141 LYS A O   1 
ATOM   1130 C CB  . LYS A 1 142 ? -0.873  19.414  -14.731 1.00 61.60 ? 141 LYS A CB  1 
ATOM   1131 C CG  . LYS A 1 142 ? -1.227  20.324  -15.918 1.00 61.85 ? 141 LYS A CG  1 
ATOM   1132 C CD  . LYS A 1 142 ? -1.940  19.553  -17.034 1.00 62.21 ? 141 LYS A CD  1 
ATOM   1133 C CE  . LYS A 1 142 ? -1.885  20.292  -18.365 1.00 62.33 ? 141 LYS A CE  1 
ATOM   1134 N NZ  . LYS A 1 142 ? -2.373  19.435  -19.484 1.00 62.06 ? 141 LYS A NZ  1 
ATOM   1135 N N   . VAL A 1 143 ? 0.568   16.884  -13.205 1.00 61.25 ? 142 VAL A N   1 
ATOM   1136 C CA  . VAL A 1 143 ? 1.091   16.213  -12.010 1.00 60.99 ? 142 VAL A CA  1 
ATOM   1137 C C   . VAL A 1 143 ? 2.435   15.537  -12.300 1.00 60.79 ? 142 VAL A C   1 
ATOM   1138 O O   . VAL A 1 143 ? 3.217   15.295  -11.383 1.00 60.74 ? 142 VAL A O   1 
ATOM   1139 C CB  . VAL A 1 143 ? 0.083   15.215  -11.345 1.00 61.03 ? 142 VAL A CB  1 
ATOM   1140 C CG1 . VAL A 1 143 ? -1.240  15.907  -11.029 1.00 61.17 ? 142 VAL A CG1 1 
ATOM   1141 C CG2 . VAL A 1 143 ? -0.133  13.963  -12.200 1.00 60.89 ? 142 VAL A CG2 1 
ATOM   1142 N N   . GLN A 1 144 ? 2.694   15.248  -13.576 1.00 60.44 ? 143 GLN A N   1 
ATOM   1143 C CA  . GLN A 1 144 ? 3.970   14.672  -14.008 1.00 60.14 ? 143 GLN A CA  1 
ATOM   1144 C C   . GLN A 1 144 ? 5.117   15.669  -13.824 1.00 59.79 ? 143 GLN A C   1 
ATOM   1145 O O   . GLN A 1 144 ? 6.202   15.299  -13.370 1.00 59.77 ? 143 GLN A O   1 
ATOM   1146 C CB  . GLN A 1 144 ? 3.890   14.217  -15.466 1.00 60.19 ? 143 GLN A CB  1 
ATOM   1147 C CG  . GLN A 1 144 ? 4.912   13.159  -15.855 1.00 60.43 ? 143 GLN A CG  1 
ATOM   1148 C CD  . GLN A 1 144 ? 4.502   11.751  -15.451 1.00 60.72 ? 143 GLN A CD  1 
ATOM   1149 O OE1 . GLN A 1 144 ? 5.286   10.810  -15.573 1.00 61.16 ? 143 GLN A OE1 1 
ATOM   1150 N NE2 . GLN A 1 144 ? 3.270   11.600  -14.974 1.00 60.76 ? 143 GLN A NE2 1 
ATOM   1151 N N   . ALA A 1 145 ? 4.864   16.929  -14.179 1.00 59.33 ? 144 ALA A N   1 
ATOM   1152 C CA  . ALA A 1 145 ? 5.806   18.020  -13.933 1.00 58.87 ? 144 ALA A CA  1 
ATOM   1153 C C   . ALA A 1 145 ? 5.896   18.308  -12.437 1.00 58.45 ? 144 ALA A C   1 
ATOM   1154 O O   . ALA A 1 145 ? 6.935   18.750  -11.944 1.00 58.45 ? 144 ALA A O   1 
ATOM   1155 C CB  . ALA A 1 145 ? 5.387   19.270  -14.695 1.00 58.91 ? 144 ALA A CB  1 
ATOM   1156 N N   . GLU A 1 146 ? 4.793   18.050  -11.733 1.00 57.98 ? 145 GLU A N   1 
ATOM   1157 C CA  . GLU A 1 146 ? 4.720   18.159  -10.276 1.00 57.49 ? 145 GLU A CA  1 
ATOM   1158 C C   . GLU A 1 146 ? 5.484   17.017  -9.596  1.00 56.89 ? 145 GLU A C   1 
ATOM   1159 O O   . GLU A 1 146 ? 6.194   17.247  -8.614  1.00 56.82 ? 145 GLU A O   1 
ATOM   1160 C CB  . GLU A 1 146 ? 3.252   18.182  -9.830  1.00 57.63 ? 145 GLU A CB  1 
ATOM   1161 C CG  . GLU A 1 146 ? 3.008   18.364  -8.331  1.00 58.46 ? 145 GLU A CG  1 
ATOM   1162 C CD  . GLU A 1 146 ? 1.523   18.364  -7.976  1.00 59.20 ? 145 GLU A CD  1 
ATOM   1163 O OE1 . GLU A 1 146 ? 0.780   19.218  -8.514  1.00 59.65 ? 145 GLU A OE1 1 
ATOM   1164 O OE2 . GLU A 1 146 ? 1.101   17.517  -7.155  1.00 59.06 ? 145 GLU A OE2 1 
ATOM   1165 N N   . LEU A 1 147 ? 5.339   15.800  -10.124 1.00 56.16 ? 146 LEU A N   1 
ATOM   1166 C CA  . LEU A 1 147 ? 6.047   14.621  -9.604  1.00 55.55 ? 146 LEU A CA  1 
ATOM   1167 C C   . LEU A 1 147 ? 7.557   14.663  -9.857  1.00 55.00 ? 146 LEU A C   1 
ATOM   1168 O O   . LEU A 1 147 ? 8.343   14.200  -9.024  1.00 55.14 ? 146 LEU A O   1 
ATOM   1169 C CB  . LEU A 1 147 ? 5.464   13.316  -10.170 1.00 55.64 ? 146 LEU A CB  1 
ATOM   1170 C CG  . LEU A 1 147 ? 4.091   12.793  -9.718  1.00 55.63 ? 146 LEU A CG  1 
ATOM   1171 C CD1 . LEU A 1 147 ? 3.837   11.413  -10.324 1.00 55.46 ? 146 LEU A CD1 1 
ATOM   1172 C CD2 . LEU A 1 147 ? 3.951   12.743  -8.198  1.00 55.77 ? 146 LEU A CD2 1 
ATOM   1173 N N   . ASP A 1 148 ? 7.949   15.204  -11.010 1.00 54.08 ? 147 ASP A N   1 
ATOM   1174 C CA  . ASP A 1 148 ? 9.362   15.371  -11.368 1.00 53.08 ? 147 ASP A CA  1 
ATOM   1175 C C   . ASP A 1 148 ? 10.109  16.251  -10.370 1.00 52.19 ? 147 ASP A C   1 
ATOM   1176 O O   . ASP A 1 148 ? 11.287  16.021  -10.088 1.00 52.13 ? 147 ASP A O   1 
ATOM   1177 C CB  . ASP A 1 148 ? 9.497   15.951  -12.781 1.00 53.23 ? 147 ASP A CB  1 
ATOM   1178 C CG  . ASP A 1 148 ? 9.265   14.916  -13.865 1.00 53.54 ? 147 ASP A CG  1 
ATOM   1179 O OD1 . ASP A 1 148 ? 8.950   13.752  -13.526 1.00 54.10 ? 147 ASP A OD1 1 
ATOM   1180 O OD2 . ASP A 1 148 ? 9.399   15.269  -15.058 1.00 53.99 ? 147 ASP A OD2 1 
ATOM   1181 N N   . GLU A 1 149 ? 9.414   17.254  -9.844  1.00 51.01 ? 148 GLU A N   1 
ATOM   1182 C CA  . GLU A 1 149 ? 9.975   18.131  -8.827  1.00 49.85 ? 148 GLU A CA  1 
ATOM   1183 C C   . GLU A 1 149 ? 9.590   17.672  -7.415  1.00 48.65 ? 148 GLU A C   1 
ATOM   1184 O O   . GLU A 1 149 ? 9.776   18.402  -6.443  1.00 48.59 ? 148 GLU A O   1 
ATOM   1185 C CB  . GLU A 1 149 ? 9.562   19.588  -9.083  1.00 50.23 ? 148 GLU A CB  1 
ATOM   1186 C CG  . GLU A 1 149 ? 9.982   20.115  -10.464 1.00 51.16 ? 148 GLU A CG  1 
ATOM   1187 C CD  . GLU A 1 149 ? 10.290  21.611  -10.478 1.00 52.77 ? 148 GLU A CD  1 
ATOM   1188 O OE1 . GLU A 1 149 ? 11.316  21.991  -11.088 1.00 53.30 ? 148 GLU A OE1 1 
ATOM   1189 O OE2 . GLU A 1 149 ? 9.517   22.407  -9.887  1.00 53.27 ? 148 GLU A OE2 1 
ATOM   1190 N N   . THR A 1 150 ? 9.063   16.453  -7.315  1.00 47.15 ? 149 THR A N   1 
ATOM   1191 C CA  . THR A 1 150 ? 8.694   15.856  -6.031  1.00 45.81 ? 149 THR A CA  1 
ATOM   1192 C C   . THR A 1 150 ? 9.718   14.809  -5.589  1.00 44.63 ? 149 THR A C   1 
ATOM   1193 O O   . THR A 1 150 ? 10.071  13.898  -6.350  1.00 44.65 ? 149 THR A O   1 
ATOM   1194 C CB  . THR A 1 150 ? 7.235   15.269  -6.056  1.00 45.93 ? 149 THR A CB  1 
ATOM   1195 O OG1 . THR A 1 150 ? 6.352   16.141  -5.334  1.00 46.27 ? 149 THR A OG1 1 
ATOM   1196 C CG2 . THR A 1 150 ? 7.165   13.885  -5.416  1.00 45.80 ? 149 THR A CG2 1 
ATOM   1197 N N   . LYS A 1 151 ? 10.194  14.951  -4.359  1.00 42.99 ? 150 LYS A N   1 
ATOM   1198 C CA  . LYS A 1 151 ? 11.131  13.992  -3.798  1.00 41.63 ? 150 LYS A CA  1 
ATOM   1199 C C   . LYS A 1 151 ? 10.416  12.800  -3.153  1.00 40.41 ? 150 LYS A C   1 
ATOM   1200 O O   . LYS A 1 151 ? 9.300   12.922  -2.647  1.00 40.34 ? 150 LYS A O   1 
ATOM   1201 C CB  . LYS A 1 151 ? 12.104  14.675  -2.829  1.00 41.81 ? 150 LYS A CB  1 
ATOM   1202 C CG  . LYS A 1 151 ? 11.477  15.321  -1.602  1.00 42.04 ? 150 LYS A CG  1 
ATOM   1203 C CD  . LYS A 1 151 ? 12.525  16.101  -0.824  1.00 42.33 ? 150 LYS A CD  1 
ATOM   1204 C CE  . LYS A 1 151 ? 12.289  16.018  0.678   1.00 42.57 ? 150 LYS A CE  1 
ATOM   1205 N NZ  . LYS A 1 151 ? 11.097  16.797  1.122   1.00 42.70 ? 150 LYS A NZ  1 
ATOM   1206 N N   . ILE A 1 152 ? 11.067  11.643  -3.204  1.00 38.83 ? 151 ILE A N   1 
ATOM   1207 C CA  . ILE A 1 152 ? 10.526  10.409  -2.647  1.00 37.25 ? 151 ILE A CA  1 
ATOM   1208 C C   . ILE A 1 152 ? 11.521  9.880   -1.622  1.00 36.32 ? 151 ILE A C   1 
ATOM   1209 O O   . ILE A 1 152 ? 12.730  9.899   -1.846  1.00 35.79 ? 151 ILE A O   1 
ATOM   1210 C CB  . ILE A 1 152 ? 10.275  9.345   -3.759  1.00 37.29 ? 151 ILE A CB  1 
ATOM   1211 C CG1 . ILE A 1 152 ? 9.251   9.860   -4.774  1.00 37.17 ? 151 ILE A CG1 1 
ATOM   1212 C CG2 . ILE A 1 152 ? 9.804   8.013   -3.171  1.00 36.58 ? 151 ILE A CG2 1 
ATOM   1213 C CD1 . ILE A 1 152 ? 9.282   9.129   -6.095  1.00 38.48 ? 151 ILE A CD1 1 
ATOM   1214 N N   . ILE A 1 153 ? 11.009  9.421   -0.489  1.00 35.39 ? 152 ILE A N   1 
ATOM   1215 C CA  . ILE A 1 153 ? 11.865  8.851   0.536   1.00 34.73 ? 152 ILE A CA  1 
ATOM   1216 C C   . ILE A 1 153 ? 12.032  7.347   0.314   1.00 34.52 ? 152 ILE A C   1 
ATOM   1217 O O   . ILE A 1 153 ? 11.053  6.618   0.194   1.00 34.15 ? 152 ILE A O   1 
ATOM   1218 C CB  . ILE A 1 153 ? 11.361  9.208   1.947   1.00 34.58 ? 152 ILE A CB  1 
ATOM   1219 C CG1 . ILE A 1 153 ? 11.411  10.730  2.130   1.00 34.31 ? 152 ILE A CG1 1 
ATOM   1220 C CG2 . ILE A 1 153 ? 12.198  8.516   3.019   1.00 34.01 ? 152 ILE A CG2 1 
ATOM   1221 C CD1 . ILE A 1 153 ? 10.346  11.281  3.049   1.00 34.72 ? 152 ILE A CD1 1 
ATOM   1222 N N   . LEU A 1 154 ? 13.287  6.909   0.229   1.00 34.30 ? 153 LEU A N   1 
ATOM   1223 C CA  . LEU A 1 154 ? 13.614  5.497   0.070   1.00 34.41 ? 153 LEU A CA  1 
ATOM   1224 C C   . LEU A 1 154 ? 13.941  4.822   1.380   1.00 34.54 ? 153 LEU A C   1 
ATOM   1225 O O   . LEU A 1 154 ? 14.877  5.220   2.077   1.00 34.41 ? 153 LEU A O   1 
ATOM   1226 C CB  . LEU A 1 154 ? 14.809  5.309   -0.848  1.00 34.26 ? 153 LEU A CB  1 
ATOM   1227 C CG  . LEU A 1 154 ? 14.635  5.577   -2.330  1.00 34.55 ? 153 LEU A CG  1 
ATOM   1228 C CD1 . LEU A 1 154 ? 15.775  4.894   -3.076  1.00 35.16 ? 153 LEU A CD1 1 
ATOM   1229 C CD2 . LEU A 1 154 ? 13.278  5.074   -2.821  1.00 35.46 ? 153 LEU A CD2 1 
ATOM   1230 N N   . HIS A 1 155 ? 13.179  3.784   1.689   1.00 34.90 ? 154 HIS A N   1 
ATOM   1231 C CA  . HIS A 1 155 ? 13.487  2.911   2.804   1.00 35.55 ? 154 HIS A CA  1 
ATOM   1232 C C   . HIS A 1 155 ? 13.997  1.590   2.243   1.00 36.48 ? 154 HIS A C   1 
ATOM   1233 O O   . HIS A 1 155 ? 13.306  0.915   1.474   1.00 36.33 ? 154 HIS A O   1 
ATOM   1234 C CB  . HIS A 1 155 ? 12.261  2.716   3.695   1.00 35.14 ? 154 HIS A CB  1 
ATOM   1235 C CG  . HIS A 1 155 ? 11.750  3.986   4.300   1.00 33.86 ? 154 HIS A CG  1 
ATOM   1236 N ND1 . HIS A 1 155 ? 12.302  4.545   5.432   1.00 33.00 ? 154 HIS A ND1 1 
ATOM   1237 C CD2 . HIS A 1 155 ? 10.743  4.810   3.927   1.00 32.67 ? 154 HIS A CD2 1 
ATOM   1238 C CE1 . HIS A 1 155 ? 11.653  5.655   5.735   1.00 32.20 ? 154 HIS A CE1 1 
ATOM   1239 N NE2 . HIS A 1 155 ? 10.701  5.837   4.838   1.00 32.17 ? 154 HIS A NE2 1 
ATOM   1240 N N   . ASN A 1 156 ? 15.228  1.249   2.613   1.00 37.82 ? 155 ASN A N   1 
ATOM   1241 C CA  . ASN A 1 156 ? 15.901  0.066   2.088   1.00 39.20 ? 155 ASN A CA  1 
ATOM   1242 C C   . ASN A 1 156 ? 15.350  -1.238  2.653   1.00 39.76 ? 155 ASN A C   1 
ATOM   1243 O O   . ASN A 1 156 ? 15.377  -2.271  1.986   1.00 39.85 ? 155 ASN A O   1 
ATOM   1244 C CB  . ASN A 1 156 ? 17.414  0.177   2.298   1.00 39.35 ? 155 ASN A CB  1 
ATOM   1245 C CG  . ASN A 1 156 ? 18.039  1.265   1.434   1.00 40.40 ? 155 ASN A CG  1 
ATOM   1246 O OD1 . ASN A 1 156 ? 17.902  1.251   0.209   1.00 41.23 ? 155 ASN A OD1 1 
ATOM   1247 N ND2 . ASN A 1 156 ? 18.720  2.223   2.072   1.00 41.02 ? 155 ASN A ND2 1 
ATOM   1248 N N   . THR A 1 157 ? 14.849  -1.174  3.881   1.00 40.59 ? 156 THR A N   1 
ATOM   1249 C CA  . THR A 1 157 ? 14.169  -2.302  4.506   1.00 41.67 ? 156 THR A CA  1 
ATOM   1250 C C   . THR A 1 157 ? 12.939  -1.811  5.266   1.00 42.56 ? 156 THR A C   1 
ATOM   1251 O O   . THR A 1 157 ? 12.744  -0.606  5.443   1.00 42.54 ? 156 THR A O   1 
ATOM   1252 C CB  . THR A 1 157 ? 15.091  -3.067  5.483   1.00 41.55 ? 156 THR A CB  1 
ATOM   1253 O OG1 . THR A 1 157 ? 15.668  -2.151  6.417   1.00 41.37 ? 156 THR A OG1 1 
ATOM   1254 C CG2 . THR A 1 157 ? 16.201  -3.804  4.740   1.00 41.76 ? 156 THR A CG2 1 
ATOM   1255 N N   . MET A 1 158 ? 12.108  -2.750  5.710   1.00 43.81 ? 157 MET A N   1 
ATOM   1256 C CA  . MET A 1 158 ? 10.987  -2.429  6.580   1.00 45.13 ? 157 MET A CA  1 
ATOM   1257 C C   . MET A 1 158 ? 11.525  -1.987  7.937   1.00 45.73 ? 157 MET A C   1 
ATOM   1258 O O   . MET A 1 158 ? 10.866  -1.233  8.655   1.00 46.04 ? 157 MET A O   1 
ATOM   1259 C CB  . MET A 1 158 ? 10.049  -3.628  6.726   1.00 45.35 ? 157 MET A CB  1 
ATOM   1260 C CG  . MET A 1 158 ? 8.608   -3.265  7.114   1.00 46.82 ? 157 MET A CG  1 
ATOM   1261 S SD  . MET A 1 158 ? 7.725   -2.241  5.901   1.00 49.08 ? 157 MET A SD  1 
ATOM   1262 C CE  . MET A 1 158 ? 7.806   -3.285  4.437   1.00 48.36 ? 157 MET A CE  1 
ATOM   1263 N N   . GLU A 1 159 ? 12.733  -2.454  8.263   1.00 46.41 ? 158 GLU A N   1 
ATOM   1264 C CA  . GLU A 1 159 ? 13.478  -2.025  9.456   1.00 46.93 ? 158 GLU A CA  1 
ATOM   1265 C C   . GLU A 1 159 ? 13.687  -0.509  9.493   1.00 46.94 ? 158 GLU A C   1 
ATOM   1266 O O   . GLU A 1 159 ? 13.733  0.089   10.567  1.00 47.10 ? 158 GLU A O   1 
ATOM   1267 C CB  . GLU A 1 159 ? 14.843  -2.728  9.519   1.00 47.12 ? 158 GLU A CB  1 
ATOM   1268 C CG  . GLU A 1 159 ? 14.780  -4.255  9.658   1.00 48.25 ? 158 GLU A CG  1 
ATOM   1269 C CD  . GLU A 1 159 ? 15.963  -4.973  9.003   1.00 49.42 ? 158 GLU A CD  1 
ATOM   1270 O OE1 . GLU A 1 159 ? 16.660  -4.364  8.163   1.00 49.86 ? 158 GLU A OE1 1 
ATOM   1271 O OE2 . GLU A 1 159 ? 16.192  -6.161  9.321   1.00 50.17 ? 158 GLU A OE2 1 
ATOM   1272 N N   . SER A 1 160 ? 13.806  0.101   8.315   1.00 46.99 ? 159 SER A N   1 
ATOM   1273 C CA  . SER A 1 160 ? 14.009  1.548   8.194   1.00 47.04 ? 159 SER A CA  1 
ATOM   1274 C C   . SER A 1 160 ? 12.829  2.380   8.703   1.00 47.10 ? 159 SER A C   1 
ATOM   1275 O O   . SER A 1 160 ? 13.008  3.539   9.076   1.00 47.19 ? 159 SER A O   1 
ATOM   1276 C CB  . SER A 1 160 ? 14.333  1.923   6.743   1.00 46.97 ? 159 SER A CB  1 
ATOM   1277 O OG  . SER A 1 160 ? 14.531  3.321   6.605   1.00 46.93 ? 159 SER A OG  1 
ATOM   1278 N N   . LEU A 1 161 ? 11.634  1.793   8.712   1.00 47.15 ? 160 LEU A N   1 
ATOM   1279 C CA  . LEU A 1 161 ? 10.424  2.489   9.151   1.00 47.20 ? 160 LEU A CA  1 
ATOM   1280 C C   . LEU A 1 161 ? 10.179  2.379   10.651  1.00 47.37 ? 160 LEU A C   1 
ATOM   1281 O O   . LEU A 1 161 ? 9.513   3.232   11.242  1.00 47.31 ? 160 LEU A O   1 
ATOM   1282 C CB  . LEU A 1 161 ? 9.199   1.950   8.408   1.00 47.21 ? 160 LEU A CB  1 
ATOM   1283 C CG  . LEU A 1 161 ? 8.969   2.363   6.956   1.00 46.86 ? 160 LEU A CG  1 
ATOM   1284 C CD1 . LEU A 1 161 ? 8.145   1.295   6.284   1.00 46.73 ? 160 LEU A CD1 1 
ATOM   1285 C CD2 . LEU A 1 161 ? 8.285   3.722   6.852   1.00 46.07 ? 160 LEU A CD2 1 
ATOM   1286 N N   . LEU A 1 162 ? 10.710  1.324   11.258  1.00 47.67 ? 161 LEU A N   1 
ATOM   1287 C CA  . LEU A 1 162 ? 10.429  1.018   12.658  1.00 48.04 ? 161 LEU A CA  1 
ATOM   1288 C C   . LEU A 1 162 ? 11.374  1.749   13.606  1.00 48.51 ? 161 LEU A C   1 
ATOM   1289 O O   . LEU A 1 162 ? 12.377  2.331   13.176  1.00 48.63 ? 161 LEU A O   1 
ATOM   1290 C CB  . LEU A 1 162 ? 10.488  -0.498  12.897  1.00 47.96 ? 161 LEU A CB  1 
ATOM   1291 C CG  . LEU A 1 162 ? 9.717   -1.402  11.923  1.00 47.84 ? 161 LEU A CG  1 
ATOM   1292 C CD1 . LEU A 1 162 ? 9.844   -2.864  12.329  1.00 47.52 ? 161 LEU A CD1 1 
ATOM   1293 C CD2 . LEU A 1 162 ? 8.249   -0.996  11.802  1.00 47.08 ? 161 LEU A CD2 1 
ATOM   1294 N N   . GLU A 1 163 ? 11.039  1.721   14.896  1.00 48.94 ? 162 GLU A N   1 
ATOM   1295 C CA  . GLU A 1 163 ? 11.883  2.299   15.943  1.00 49.31 ? 162 GLU A CA  1 
ATOM   1296 C C   . GLU A 1 163 ? 13.153  1.469   16.160  1.00 49.41 ? 162 GLU A C   1 
ATOM   1297 O O   . GLU A 1 163 ? 13.295  0.375   15.595  1.00 49.32 ? 162 GLU A O   1 
ATOM   1298 C CB  . GLU A 1 163 ? 11.106  2.434   17.260  1.00 49.44 ? 162 GLU A CB  1 
ATOM   1299 C CG  . GLU A 1 163 ? 9.771   3.175   17.159  1.00 49.92 ? 162 GLU A CG  1 
ATOM   1300 C CD  . GLU A 1 163 ? 9.902   4.613   16.665  1.00 50.91 ? 162 GLU A CD  1 
ATOM   1301 O OE1 . GLU A 1 163 ? 11.004  5.202   16.754  1.00 50.51 ? 162 GLU A OE1 1 
ATOM   1302 O OE2 . GLU A 1 163 ? 8.881   5.157   16.186  1.00 52.08 ? 162 GLU A OE2 1 
ATOM   1303 N N   . ARG A 1 164 ? 14.066  1.992   16.979  1.00 49.53 ? 163 ARG A N   1 
ATOM   1304 C CA  . ARG A 1 164 ? 15.347  1.329   17.236  1.00 49.69 ? 163 ARG A CA  1 
ATOM   1305 C C   . ARG A 1 164 ? 15.181  0.009   17.994  1.00 49.54 ? 163 ARG A C   1 
ATOM   1306 O O   . ARG A 1 164 ? 15.856  -0.982  17.684  1.00 49.57 ? 163 ARG A O   1 
ATOM   1307 C CB  . ARG A 1 164 ? 16.314  2.267   17.970  1.00 49.80 ? 163 ARG A CB  1 
ATOM   1308 C CG  . ARG A 1 164 ? 17.790  1.896   17.807  1.00 50.54 ? 163 ARG A CG  1 
ATOM   1309 C CD  . ARG A 1 164 ? 18.260  2.009   16.352  1.00 51.92 ? 163 ARG A CD  1 
ATOM   1310 N NE  . ARG A 1 164 ? 19.331  1.052   16.058  1.00 53.03 ? 163 ARG A NE  1 
ATOM   1311 C CZ  . ARG A 1 164 ? 20.634  1.330   16.082  1.00 53.16 ? 163 ARG A CZ  1 
ATOM   1312 N NH1 . ARG A 1 164 ? 21.065  2.553   16.378  1.00 52.95 ? 163 ARG A NH1 1 
ATOM   1313 N NH2 . ARG A 1 164 ? 21.514  0.376   15.802  1.00 53.24 ? 163 ARG A NH2 1 
ATOM   1314 N N   . GLY A 1 165 ? 14.271  -0.006  18.965  1.00 49.24 ? 164 GLY A N   1 
ATOM   1315 C CA  . GLY A 1 165 ? 13.990  -1.213  19.743  1.00 49.01 ? 164 GLY A CA  1 
ATOM   1316 C C   . GLY A 1 165 ? 12.800  -2.019  19.242  1.00 48.75 ? 164 GLY A C   1 
ATOM   1317 O O   . GLY A 1 165 ? 12.151  -2.720  20.022  1.00 48.73 ? 164 GLY A O   1 
ATOM   1318 N N   . GLU A 1 166 ? 12.525  -1.926  17.939  1.00 48.44 ? 165 GLU A N   1 
ATOM   1319 C CA  . GLU A 1 166 ? 11.371  -2.589  17.323  1.00 48.03 ? 165 GLU A CA  1 
ATOM   1320 C C   . GLU A 1 166 ? 11.759  -3.637  16.289  1.00 47.58 ? 165 GLU A C   1 
ATOM   1321 O O   . GLU A 1 166 ? 12.449  -3.336  15.312  1.00 47.36 ? 165 GLU A O   1 
ATOM   1322 C CB  . GLU A 1 166 ? 10.450  -1.563  16.658  1.00 48.21 ? 165 GLU A CB  1 
ATOM   1323 C CG  . GLU A 1 166 ? 9.340   -1.019  17.543  1.00 48.70 ? 165 GLU A CG  1 
ATOM   1324 C CD  . GLU A 1 166 ? 8.218   -0.385  16.735  1.00 49.09 ? 165 GLU A CD  1 
ATOM   1325 O OE1 . GLU A 1 166 ? 8.475   0.059   15.597  1.00 48.99 ? 165 GLU A OE1 1 
ATOM   1326 O OE2 . GLU A 1 166 ? 7.077   -0.332  17.237  1.00 49.36 ? 165 GLU A OE2 1 
ATOM   1327 N N   . LYS A 1 167 ? 11.297  -4.864  16.508  1.00 47.19 ? 166 LYS A N   1 
ATOM   1328 C CA  . LYS A 1 167 ? 11.457  -5.942  15.533  1.00 46.76 ? 166 LYS A CA  1 
ATOM   1329 C C   . LYS A 1 167 ? 10.163  -6.142  14.751  1.00 46.28 ? 166 LYS A C   1 
ATOM   1330 O O   . LYS A 1 167 ? 9.071   -5.992  15.302  1.00 46.25 ? 166 LYS A O   1 
ATOM   1331 C CB  . LYS A 1 167 ? 11.869  -7.252  16.223  1.00 46.83 ? 166 LYS A CB  1 
ATOM   1332 C CG  . LYS A 1 167 ? 13.330  -7.306  16.668  1.00 47.10 ? 166 LYS A CG  1 
ATOM   1333 C CD  . LYS A 1 167 ? 14.292  -7.429  15.479  1.00 47.34 ? 166 LYS A CD  1 
ATOM   1334 C CE  . LYS A 1 167 ? 15.718  -7.023  15.859  1.00 47.42 ? 166 LYS A CE  1 
ATOM   1335 N NZ  . LYS A 1 167 ? 16.310  -7.898  16.917  1.00 46.92 ? 166 LYS A NZ  1 
ATOM   1336 N N   . LEU A 1 168 ? 10.291  -6.475  13.468  1.00 45.70 ? 167 LEU A N   1 
ATOM   1337 C CA  . LEU A 1 168 ? 9.132   -6.762  12.625  1.00 45.23 ? 167 LEU A CA  1 
ATOM   1338 C C   . LEU A 1 168 ? 8.374   -7.981  13.165  1.00 45.01 ? 167 LEU A C   1 
ATOM   1339 O O   . LEU A 1 168 ? 7.171   -8.112  12.951  1.00 45.10 ? 167 LEU A O   1 
ATOM   1340 C CB  . LEU A 1 168 ? 9.566   -7.013  11.173  1.00 45.18 ? 167 LEU A CB  1 
ATOM   1341 C CG  . LEU A 1 168 ? 8.716   -6.567  9.964   1.00 45.20 ? 167 LEU A CG  1 
ATOM   1342 C CD1 . LEU A 1 168 ? 9.095   -7.379  8.725   1.00 45.06 ? 167 LEU A CD1 1 
ATOM   1343 C CD2 . LEU A 1 168 ? 7.198   -6.627  10.179  1.00 44.88 ? 167 LEU A CD2 1 
ATOM   1344 N N   . ASP A 1 169 ? 9.086   -8.857  13.871  1.00 44.69 ? 168 ASP A N   1 
ATOM   1345 C CA  . ASP A 1 169 ? 8.509   -10.088 14.416  1.00 44.39 ? 168 ASP A CA  1 
ATOM   1346 C C   . ASP A 1 169 ? 7.458   -9.839  15.495  1.00 44.27 ? 168 ASP A C   1 
ATOM   1347 O O   . ASP A 1 169 ? 6.460   -10.554 15.562  1.00 44.40 ? 168 ASP A O   1 
ATOM   1348 C CB  . ASP A 1 169 ? 9.609   -11.004 14.965  1.00 44.30 ? 168 ASP A CB  1 
ATOM   1349 C CG  . ASP A 1 169 ? 10.541  -11.524 13.883  1.00 43.97 ? 168 ASP A CG  1 
ATOM   1350 O OD1 . ASP A 1 169 ? 10.256  -11.319 12.684  1.00 43.32 ? 168 ASP A OD1 1 
ATOM   1351 O OD2 . ASP A 1 169 ? 11.569  -12.138 14.236  1.00 43.94 ? 168 ASP A OD2 1 
ATOM   1352 N N   . ASP A 1 170 ? 7.684   -8.834  16.336  1.00 44.08 ? 169 ASP A N   1 
ATOM   1353 C CA  . ASP A 1 170 ? 6.758   -8.527  17.427  1.00 44.15 ? 169 ASP A CA  1 
ATOM   1354 C C   . ASP A 1 170 ? 5.459   -7.903  16.921  1.00 43.94 ? 169 ASP A C   1 
ATOM   1355 O O   . ASP A 1 170 ? 4.378   -8.178  17.450  1.00 43.96 ? 169 ASP A O   1 
ATOM   1356 C CB  . ASP A 1 170 ? 7.417   -7.611  18.463  1.00 44.27 ? 169 ASP A CB  1 
ATOM   1357 C CG  . ASP A 1 170 ? 8.347   -8.361  19.410  1.00 45.07 ? 169 ASP A CG  1 
ATOM   1358 O OD1 . ASP A 1 170 ? 8.678   -9.541  19.146  1.00 45.51 ? 169 ASP A OD1 1 
ATOM   1359 O OD2 . ASP A 1 170 ? 8.750   -7.759  20.429  1.00 45.82 ? 169 ASP A OD2 1 
ATOM   1360 N N   . LEU A 1 171 ? 5.574   -7.061  15.899  1.00 43.66 ? 170 LEU A N   1 
ATOM   1361 C CA  . LEU A 1 171 ? 4.415   -6.415  15.297  1.00 43.26 ? 170 LEU A CA  1 
ATOM   1362 C C   . LEU A 1 171 ? 3.567   -7.434  14.540  1.00 43.08 ? 170 LEU A C   1 
ATOM   1363 O O   . LEU A 1 171 ? 2.337   -7.350  14.551  1.00 43.01 ? 170 LEU A O   1 
ATOM   1364 C CB  . LEU A 1 171 ? 4.852   -5.277  14.376  1.00 43.20 ? 170 LEU A CB  1 
ATOM   1365 C CG  . LEU A 1 171 ? 5.627   -4.117  15.007  1.00 43.04 ? 170 LEU A CG  1 
ATOM   1366 C CD1 . LEU A 1 171 ? 6.340   -3.338  13.926  1.00 43.11 ? 170 LEU A CD1 1 
ATOM   1367 C CD2 . LEU A 1 171 ? 4.731   -3.198  15.832  1.00 42.73 ? 170 LEU A CD2 1 
ATOM   1368 N N   . VAL A 1 172 ? 4.235   -8.393  13.897  1.00 42.80 ? 171 VAL A N   1 
ATOM   1369 C CA  . VAL A 1 172 ? 3.573   -9.513  13.222  1.00 42.64 ? 171 VAL A CA  1 
ATOM   1370 C C   . VAL A 1 172 ? 2.849   -10.408 14.234  1.00 42.62 ? 171 VAL A C   1 
ATOM   1371 O O   . VAL A 1 172 ? 1.698   -10.794 14.012  1.00 42.50 ? 171 VAL A O   1 
ATOM   1372 C CB  . VAL A 1 172 ? 4.572   -10.341 12.362  1.00 42.61 ? 171 VAL A CB  1 
ATOM   1373 C CG1 . VAL A 1 172 ? 3.973   -11.680 11.954  1.00 42.57 ? 171 VAL A CG1 1 
ATOM   1374 C CG2 . VAL A 1 172 ? 4.987   -9.558  11.123  1.00 42.50 ? 171 VAL A CG2 1 
ATOM   1375 N N   . SER A 1 173 ? 3.532   -10.714 15.340  1.00 42.56 ? 172 SER A N   1 
ATOM   1376 C CA  . SER A 1 173 ? 2.983   -11.525 16.430  1.00 42.50 ? 172 SER A CA  1 
ATOM   1377 C C   . SER A 1 173 ? 1.711   -10.929 16.997  1.00 42.42 ? 172 SER A C   1 
ATOM   1378 O O   . SER A 1 173 ? 0.733   -11.635 17.224  1.00 42.44 ? 172 SER A O   1 
ATOM   1379 C CB  . SER A 1 173 ? 4.002   -11.668 17.568  1.00 42.53 ? 172 SER A CB  1 
ATOM   1380 O OG  . SER A 1 173 ? 4.975   -12.659 17.284  1.00 42.72 ? 172 SER A OG  1 
ATOM   1381 N N   . LYS A 1 174 ? 1.740   -9.621  17.223  1.00 42.58 ? 173 LYS A N   1 
ATOM   1382 C CA  . LYS A 1 174 ? 0.667   -8.926  17.924  1.00 42.72 ? 173 LYS A CA  1 
ATOM   1383 C C   . LYS A 1 174 ? -0.433  -8.425  16.989  1.00 42.60 ? 173 LYS A C   1 
ATOM   1384 O O   . LYS A 1 174 ? -1.464  -7.927  17.450  1.00 42.79 ? 173 LYS A O   1 
ATOM   1385 C CB  . LYS A 1 174 ? 1.246   -7.766  18.747  1.00 42.83 ? 173 LYS A CB  1 
ATOM   1386 C CG  . LYS A 1 174 ? 2.157   -8.202  19.899  1.00 43.00 ? 173 LYS A CG  1 
ATOM   1387 C CD  . LYS A 1 174 ? 1.390   -8.942  21.003  1.00 43.28 ? 173 LYS A CD  1 
ATOM   1388 C CE  . LYS A 1 174 ? 0.542   -7.991  21.841  1.00 43.23 ? 173 LYS A CE  1 
ATOM   1389 N NZ  . LYS A 1 174 ? -0.316  -8.723  22.815  1.00 43.79 ? 173 LYS A NZ  1 
ATOM   1390 N N   . SER A 1 175 ? -0.214  -8.581  15.685  1.00 42.33 ? 174 SER A N   1 
ATOM   1391 C CA  . SER A 1 175 ? -1.095  -8.024  14.666  1.00 42.08 ? 174 SER A CA  1 
ATOM   1392 C C   . SER A 1 175 ? -2.555  -8.454  14.785  1.00 41.95 ? 174 SER A C   1 
ATOM   1393 O O   . SER A 1 175 ? -2.865  -9.599  15.126  1.00 42.11 ? 174 SER A O   1 
ATOM   1394 C CB  . SER A 1 175 ? -0.576  -8.345  13.267  1.00 42.11 ? 174 SER A CB  1 
ATOM   1395 O OG  . SER A 1 175 ? -1.240  -7.550  12.297  1.00 42.56 ? 174 SER A OG  1 
ATOM   1396 N N   . GLU A 1 176 ? -3.442  -7.510  14.497  1.00 41.67 ? 175 GLU A N   1 
ATOM   1397 C CA  . GLU A 1 176 ? -4.879  -7.733  14.510  1.00 41.34 ? 175 GLU A CA  1 
ATOM   1398 C C   . GLU A 1 176 ? -5.389  -7.910  13.075  1.00 40.80 ? 175 GLU A C   1 
ATOM   1399 O O   . GLU A 1 176 ? -6.488  -8.423  12.856  1.00 40.83 ? 175 GLU A O   1 
ATOM   1400 C CB  . GLU A 1 176 ? -5.590  -6.575  15.238  1.00 41.64 ? 175 GLU A CB  1 
ATOM   1401 C CG  . GLU A 1 176 ? -5.467  -5.165  14.591  1.00 42.29 ? 175 GLU A CG  1 
ATOM   1402 C CD  . GLU A 1 176 ? -4.052  -4.557  14.607  1.00 43.04 ? 175 GLU A CD  1 
ATOM   1403 O OE1 . GLU A 1 176 ? -3.121  -5.147  15.199  1.00 43.24 ? 175 GLU A OE1 1 
ATOM   1404 O OE2 . GLU A 1 176 ? -3.874  -3.467  14.017  1.00 43.45 ? 175 GLU A OE2 1 
ATOM   1405 N N   . VAL A 1 177 ? -4.558  -7.490  12.118  1.00 40.07 ? 176 VAL A N   1 
ATOM   1406 C CA  . VAL A 1 177 ? -4.828  -7.576  10.675  1.00 39.30 ? 176 VAL A CA  1 
ATOM   1407 C C   . VAL A 1 177 ? -4.442  -8.956  10.124  1.00 38.77 ? 176 VAL A C   1 
ATOM   1408 O O   . VAL A 1 177 ? -4.939  -9.389  9.078   1.00 38.67 ? 176 VAL A O   1 
ATOM   1409 C CB  . VAL A 1 177 ? -4.029  -6.484  9.902   1.00 39.29 ? 176 VAL A CB  1 
ATOM   1410 C CG1 . VAL A 1 177 ? -4.393  -6.462  8.419   1.00 39.31 ? 176 VAL A CG1 1 
ATOM   1411 C CG2 . VAL A 1 177 ? -4.244  -5.110  10.523  1.00 39.50 ? 176 VAL A CG2 1 
ATOM   1412 N N   . LEU A 1 178 ? -3.545  -9.638  10.831  1.00 38.21 ? 177 LEU A N   1 
ATOM   1413 C CA  . LEU A 1 178 ? -3.055  -10.943 10.408  1.00 37.62 ? 177 LEU A CA  1 
ATOM   1414 C C   . LEU A 1 178 ? -3.765  -12.075 11.147  1.00 37.46 ? 177 LEU A C   1 
ATOM   1415 O O   . LEU A 1 178 ? -3.880  -12.048 12.373  1.00 37.57 ? 177 LEU A O   1 
ATOM   1416 C CB  . LEU A 1 178 ? -1.538  -11.039 10.619  1.00 37.44 ? 177 LEU A CB  1 
ATOM   1417 C CG  . LEU A 1 178 ? -0.611  -10.146 9.782   1.00 36.60 ? 177 LEU A CG  1 
ATOM   1418 C CD1 . LEU A 1 178 ? 0.820   -10.283 10.258  1.00 35.44 ? 177 LEU A CD1 1 
ATOM   1419 C CD2 . LEU A 1 178 ? -0.704  -10.472 8.288   1.00 35.94 ? 177 LEU A CD2 1 
ATOM   1420 N N   . GLY A 1 179 ? -4.253  -13.058 10.395  1.00 37.18 ? 178 GLY A N   1 
ATOM   1421 C CA  . GLY A 1 179 ? -4.798  -14.285 10.982  1.00 36.69 ? 178 GLY A CA  1 
ATOM   1422 C C   . GLY A 1 179 ? -3.695  -15.229 11.444  1.00 36.32 ? 178 GLY A C   1 
ATOM   1423 O O   . GLY A 1 179 ? -2.512  -15.006 11.156  1.00 36.13 ? 178 GLY A O   1 
ATOM   1424 N N   . THR A 1 180 ? -4.077  -16.294 12.151  1.00 35.84 ? 179 THR A N   1 
ATOM   1425 C CA  . THR A 1 180 ? -3.096  -17.246 12.681  1.00 35.38 ? 179 THR A CA  1 
ATOM   1426 C C   . THR A 1 180 ? -2.302  -17.976 11.595  1.00 35.29 ? 179 THR A C   1 
ATOM   1427 O O   . THR A 1 180 ? -1.128  -18.284 11.803  1.00 35.07 ? 179 THR A O   1 
ATOM   1428 C CB  . THR A 1 180 ? -3.711  -18.264 13.678  1.00 35.33 ? 179 THR A CB  1 
ATOM   1429 O OG1 . THR A 1 180 ? -4.875  -18.867 13.110  1.00 34.55 ? 179 THR A OG1 1 
ATOM   1430 C CG2 . THR A 1 180 ? -4.075  -17.578 14.990  1.00 35.23 ? 179 THR A CG2 1 
ATOM   1431 N N   . GLN A 1 181 ? -2.942  -18.247 10.453  1.00 35.40 ? 180 GLN A N   1 
ATOM   1432 C CA  . GLN A 1 181 ? -2.272  -18.875 9.305   1.00 35.44 ? 180 GLN A CA  1 
ATOM   1433 C C   . GLN A 1 181 ? -1.191  -17.963 8.729   1.00 35.82 ? 180 GLN A C   1 
ATOM   1434 O O   . GLN A 1 181 ? -0.078  -18.416 8.457   1.00 35.92 ? 180 GLN A O   1 
ATOM   1435 C CB  . GLN A 1 181 ? -3.271  -19.264 8.210   1.00 35.41 ? 180 GLN A CB  1 
ATOM   1436 C CG  . GLN A 1 181 ? -2.714  -20.268 7.186   1.00 35.30 ? 180 GLN A CG  1 
ATOM   1437 C CD  . GLN A 1 181 ? -3.563  -20.415 5.920   1.00 35.26 ? 180 GLN A CD  1 
ATOM   1438 O OE1 . GLN A 1 181 ? -3.767  -21.523 5.427   1.00 34.65 ? 180 GLN A OE1 1 
ATOM   1439 N NE2 . GLN A 1 181 ? -4.043  -19.295 5.384   1.00 35.92 ? 180 GLN A NE2 1 
ATOM   1440 N N   . SER A 1 182 ? -1.528  -16.682 8.557   1.00 36.04 ? 181 SER A N   1 
ATOM   1441 C CA  . SER A 1 182 ? -0.580  -15.664 8.095   1.00 36.29 ? 181 SER A CA  1 
ATOM   1442 C C   . SER A 1 182 ? 0.642   -15.558 8.993   1.00 36.40 ? 181 SER A C   1 
ATOM   1443 O O   . SER A 1 182 ? 1.771   -15.513 8.504   1.00 36.33 ? 181 SER A O   1 
ATOM   1444 C CB  . SER A 1 182 ? -1.252  -14.292 8.015   1.00 36.19 ? 181 SER A CB  1 
ATOM   1445 O OG  . SER A 1 182 ? -1.892  -14.121 6.774   1.00 36.30 ? 181 SER A OG  1 
ATOM   1446 N N   . LYS A 1 183 ? 0.402   -15.514 10.302  1.00 36.56 ? 182 LYS A N   1 
ATOM   1447 C CA  . LYS A 1 183 ? 1.471   -15.387 11.287  1.00 36.83 ? 182 LYS A CA  1 
ATOM   1448 C C   . LYS A 1 183 ? 2.401   -16.588 11.246  1.00 37.29 ? 182 LYS A C   1 
ATOM   1449 O O   . LYS A 1 183 ? 3.616   -16.432 11.338  1.00 37.31 ? 182 LYS A O   1 
ATOM   1450 C CB  . LYS A 1 183 ? 0.894   -15.175 12.687  1.00 36.68 ? 182 LYS A CB  1 
ATOM   1451 C CG  . LYS A 1 183 ? 0.306   -13.784 12.872  1.00 36.21 ? 182 LYS A CG  1 
ATOM   1452 C CD  . LYS A 1 183 ? -0.511  -13.664 14.145  1.00 35.01 ? 182 LYS A CD  1 
ATOM   1453 C CE  . LYS A 1 183 ? -1.139  -12.286 14.228  1.00 34.25 ? 182 LYS A CE  1 
ATOM   1454 N NZ  . LYS A 1 183 ? -1.940  -12.087 15.456  1.00 33.92 ? 182 LYS A NZ  1 
ATOM   1455 N N   . ALA A 1 184 ? 1.816   -17.778 11.095  1.00 37.94 ? 183 ALA A N   1 
ATOM   1456 C CA  . ALA A 1 184 ? 2.571   -19.021 10.935  1.00 38.59 ? 183 ALA A CA  1 
ATOM   1457 C C   . ALA A 1 184 ? 3.418   -18.985 9.659   1.00 39.09 ? 183 ALA A C   1 
ATOM   1458 O O   . ALA A 1 184 ? 4.623   -19.219 9.712   1.00 39.05 ? 183 ALA A O   1 
ATOM   1459 C CB  . ALA A 1 184 ? 1.628   -20.224 10.930  1.00 38.46 ? 183 ALA A CB  1 
ATOM   1460 N N   . PHE A 1 185 ? 2.773   -18.675 8.530   1.00 39.80 ? 184 PHE A N   1 
ATOM   1461 C CA  . PHE A 1 185 ? 3.418   -18.506 7.220   1.00 40.34 ? 184 PHE A CA  1 
ATOM   1462 C C   . PHE A 1 185 ? 4.616   -17.561 7.280   1.00 40.69 ? 184 PHE A C   1 
ATOM   1463 O O   . PHE A 1 185 ? 5.624   -17.790 6.615   1.00 40.76 ? 184 PHE A O   1 
ATOM   1464 C CB  . PHE A 1 185 ? 2.413   -17.935 6.213   1.00 40.46 ? 184 PHE A CB  1 
ATOM   1465 C CG  . PHE A 1 185 ? 1.621   -18.969 5.459   1.00 41.18 ? 184 PHE A CG  1 
ATOM   1466 C CD1 . PHE A 1 185 ? 1.537   -18.905 4.069   1.00 42.10 ? 184 PHE A CD1 1 
ATOM   1467 C CD2 . PHE A 1 185 ? 0.939   -19.990 6.122   1.00 41.88 ? 184 PHE A CD2 1 
ATOM   1468 C CE1 . PHE A 1 185 ? 0.792   -19.845 3.350   1.00 41.79 ? 184 PHE A CE1 1 
ATOM   1469 C CE2 . PHE A 1 185 ? 0.200   -20.931 5.411   1.00 41.24 ? 184 PHE A CE2 1 
ATOM   1470 C CZ  . PHE A 1 185 ? 0.125   -20.854 4.023   1.00 41.33 ? 184 PHE A CZ  1 
ATOM   1471 N N   . TYR A 1 186 ? 4.486   -16.485 8.055   1.00 41.18 ? 185 TYR A N   1 
ATOM   1472 C CA  . TYR A 1 186 ? 5.584   -15.550 8.275   1.00 41.70 ? 185 TYR A CA  1 
ATOM   1473 C C   . TYR A 1 186 ? 6.709   -16.228 9.053   1.00 42.27 ? 185 TYR A C   1 
ATOM   1474 O O   . TYR A 1 186 ? 7.878   -16.109 8.690   1.00 42.08 ? 185 TYR A O   1 
ATOM   1475 C CB  . TYR A 1 186 ? 5.101   -14.298 9.020   1.00 41.40 ? 185 TYR A CB  1 
ATOM   1476 C CG  . TYR A 1 186 ? 6.213   -13.342 9.396   1.00 40.59 ? 185 TYR A CG  1 
ATOM   1477 C CD1 . TYR A 1 186 ? 6.796   -13.378 10.668  1.00 40.26 ? 185 TYR A CD1 1 
ATOM   1478 C CD2 . TYR A 1 186 ? 6.692   -12.405 8.478   1.00 40.09 ? 185 TYR A CD2 1 
ATOM   1479 C CE1 . TYR A 1 186 ? 7.821   -12.503 11.015  1.00 39.41 ? 185 TYR A CE1 1 
ATOM   1480 C CE2 . TYR A 1 186 ? 7.715   -11.525 8.813   1.00 39.73 ? 185 TYR A CE2 1 
ATOM   1481 C CZ  . TYR A 1 186 ? 8.274   -11.580 10.083  1.00 39.42 ? 185 TYR A CZ  1 
ATOM   1482 O OH  . TYR A 1 186 ? 9.283   -10.710 10.411  1.00 39.17 ? 185 TYR A OH  1 
ATOM   1483 N N   . LYS A 1 187 ? 6.332   -16.935 10.117  1.00 43.23 ? 186 LYS A N   1 
ATOM   1484 C CA  . LYS A 1 187 ? 7.275   -17.618 11.002  1.00 44.27 ? 186 LYS A CA  1 
ATOM   1485 C C   . LYS A 1 187 ? 8.058   -18.724 10.287  1.00 45.01 ? 186 LYS A C   1 
ATOM   1486 O O   . LYS A 1 187 ? 9.238   -18.922 10.572  1.00 45.04 ? 186 LYS A O   1 
ATOM   1487 C CB  . LYS A 1 187 ? 6.544   -18.166 12.234  1.00 44.18 ? 186 LYS A CB  1 
ATOM   1488 C CG  . LYS A 1 187 ? 7.444   -18.786 13.296  1.00 44.44 ? 186 LYS A CG  1 
ATOM   1489 C CD  . LYS A 1 187 ? 6.709   -18.950 14.618  1.00 44.71 ? 186 LYS A CD  1 
ATOM   1490 C CE  . LYS A 1 187 ? 7.443   -19.916 15.549  1.00 44.80 ? 186 LYS A CE  1 
ATOM   1491 N NZ  . LYS A 1 187 ? 7.096   -21.350 15.291  1.00 44.17 ? 186 LYS A NZ  1 
ATOM   1492 N N   . THR A 1 188 ? 7.418   -19.434 9.356   1.00 46.08 ? 187 THR A N   1 
ATOM   1493 C CA  . THR A 1 188 ? 8.131   -20.491 8.633   1.00 47.27 ? 187 THR A CA  1 
ATOM   1494 C C   . THR A 1 188 ? 9.007   -19.910 7.516   1.00 48.11 ? 187 THR A C   1 
ATOM   1495 O O   . THR A 1 188 ? 10.060  -20.465 7.200   1.00 48.19 ? 187 THR A O   1 
ATOM   1496 C CB  . THR A 1 188 ? 7.218   -21.649 8.110   1.00 47.16 ? 187 THR A CB  1 
ATOM   1497 O OG1 . THR A 1 188 ? 7.167   -21.650 6.676   1.00 47.71 ? 187 THR A OG1 1 
ATOM   1498 C CG2 . THR A 1 188 ? 5.824   -21.597 8.691   1.00 47.03 ? 187 THR A CG2 1 
ATOM   1499 N N   . ALA A 1 189 ? 8.575   -18.791 6.932   1.00 49.20 ? 188 ALA A N   1 
ATOM   1500 C CA  . ALA A 1 189 ? 9.368   -18.096 5.911   1.00 50.24 ? 188 ALA A CA  1 
ATOM   1501 C C   . ALA A 1 189 ? 10.607  -17.424 6.516   1.00 51.10 ? 188 ALA A C   1 
ATOM   1502 O O   . ALA A 1 189 ? 11.605  -17.199 5.820   1.00 51.28 ? 188 ALA A O   1 
ATOM   1503 C CB  . ALA A 1 189 ? 8.514   -17.078 5.164   1.00 50.10 ? 188 ALA A CB  1 
ATOM   1504 N N   . ARG A 1 190 ? 10.536  -17.104 7.809   1.00 52.01 ? 189 ARG A N   1 
ATOM   1505 C CA  . ARG A 1 190 ? 11.673  -16.536 8.531   1.00 52.93 ? 189 ARG A CA  1 
ATOM   1506 C C   . ARG A 1 190 ? 12.694  -17.618 8.871   1.00 53.62 ? 189 ARG A C   1 
ATOM   1507 O O   . ARG A 1 190 ? 13.900  -17.358 8.906   1.00 53.73 ? 189 ARG A O   1 
ATOM   1508 C CB  . ARG A 1 190 ? 11.210  -15.826 9.808   1.00 52.87 ? 189 ARG A CB  1 
ATOM   1509 C CG  . ARG A 1 190 ? 10.487  -14.501 9.571   1.00 52.94 ? 189 ARG A CG  1 
ATOM   1510 C CD  . ARG A 1 190 ? 11.438  -13.323 9.417   1.00 52.91 ? 189 ARG A CD  1 
ATOM   1511 N NE  . ARG A 1 190 ? 12.046  -12.943 10.692  1.00 53.04 ? 189 ARG A NE  1 
ATOM   1512 C CZ  . ARG A 1 190 ? 13.351  -12.988 10.953  1.00 53.01 ? 189 ARG A CZ  1 
ATOM   1513 N NH1 . ARG A 1 190 ? 13.797  -12.623 12.146  1.00 52.99 ? 189 ARG A NH1 1 
ATOM   1514 N NH2 . ARG A 1 190 ? 14.213  -13.387 10.026  1.00 53.39 ? 189 ARG A NH2 1 
ATOM   1515 N N   . LYS A 1 191 ? 12.193  -18.827 9.123   1.00 54.49 ? 190 LYS A N   1 
ATOM   1516 C CA  . LYS A 1 191 ? 13.031  -19.982 9.432   1.00 55.30 ? 190 LYS A CA  1 
ATOM   1517 C C   . LYS A 1 191 ? 13.816  -20.456 8.205   1.00 55.88 ? 190 LYS A C   1 
ATOM   1518 O O   . LYS A 1 191 ? 15.020  -20.708 8.291   1.00 55.94 ? 190 LYS A O   1 
ATOM   1519 C CB  . LYS A 1 191 ? 12.174  -21.132 9.975   1.00 55.32 ? 190 LYS A CB  1 
ATOM   1520 C CG  . LYS A 1 191 ? 11.646  -20.935 11.393  1.00 55.69 ? 190 LYS A CG  1 
ATOM   1521 C CD  . LYS A 1 191 ? 10.881  -22.172 11.856  1.00 56.06 ? 190 LYS A CD  1 
ATOM   1522 C CE  . LYS A 1 191 ? 10.652  -22.160 13.364  1.00 56.36 ? 190 LYS A CE  1 
ATOM   1523 N NZ  . LYS A 1 191 ? 10.258  -23.512 13.858  1.00 56.83 ? 190 LYS A NZ  1 
ATOM   1524 N N   . GLN A 1 192 ? 13.120  -20.558 7.070   1.00 56.58 ? 191 GLN A N   1 
ATOM   1525 C CA  . GLN A 1 192 ? 13.664  -21.119 5.827   1.00 57.24 ? 191 GLN A CA  1 
ATOM   1526 C C   . GLN A 1 192 ? 14.805  -20.310 5.199   1.00 57.60 ? 191 GLN A C   1 
ATOM   1527 O O   . GLN A 1 192 ? 15.786  -20.888 4.718   1.00 57.76 ? 191 GLN A O   1 
ATOM   1528 C CB  . GLN A 1 192 ? 12.534  -21.345 4.813   1.00 57.22 ? 191 GLN A CB  1 
ATOM   1529 C CG  . GLN A 1 192 ? 12.096  -22.815 4.641   1.00 57.71 ? 191 GLN A CG  1 
ATOM   1530 C CD  . GLN A 1 192 ? 11.852  -23.567 5.953   1.00 57.96 ? 191 GLN A CD  1 
ATOM   1531 O OE1 . GLN A 1 192 ? 11.319  -23.016 6.921   1.00 58.25 ? 191 GLN A OE1 1 
ATOM   1532 N NE2 . GLN A 1 192 ? 12.236  -24.840 5.976   1.00 58.17 ? 191 GLN A NE2 1 
ATOM   1533 N N   . ASN A 1 193 ? 14.674  -18.985 5.204   1.00 57.96 ? 192 ASN A N   1 
ATOM   1534 C CA  . ASN A 1 193 ? 15.706  -18.099 4.666   1.00 58.31 ? 192 ASN A CA  1 
ATOM   1535 C C   . ASN A 1 193 ? 16.229  -17.120 5.721   1.00 58.29 ? 192 ASN A C   1 
ATOM   1536 O O   . ASN A 1 193 ? 16.877  -16.107 5.377   1.00 58.29 ? 192 ASN A O   1 
ATOM   1537 C CB  . ASN A 1 193 ? 15.183  -17.347 3.432   1.00 58.52 ? 192 ASN A CB  1 
ATOM   1538 C CG  . ASN A 1 193 ? 15.245  -18.192 2.153   1.00 59.28 ? 192 ASN A CG  1 
ATOM   1539 O OD1 . ASN A 1 193 ? 15.926  -17.829 1.188   1.00 59.82 ? 192 ASN A OD1 1 
ATOM   1540 N ND2 . ASN A 1 193 ? 14.530  -19.321 2.143   1.00 59.95 ? 192 ASN A ND2 1 
HETATM 1541 S S   . SO4 B 2 .   ? 2.485   13.273  10.943  1.00 72.07 ? 199 SO4 A S   1 
HETATM 1542 O O1  . SO4 B 2 .   ? 1.650   12.092  11.205  1.00 71.85 ? 199 SO4 A O1  1 
HETATM 1543 O O2  . SO4 B 2 .   ? 1.702   14.498  11.169  1.00 72.47 ? 199 SO4 A O2  1 
HETATM 1544 O O3  . SO4 B 2 .   ? 3.655   13.268  11.821  1.00 72.12 ? 199 SO4 A O3  1 
HETATM 1545 O O4  . SO4 B 2 .   ? 2.941   13.262  9.552   1.00 72.19 ? 199 SO4 A O4  1 
HETATM 1546 S S   . SO4 C 2 .   ? -5.071  -21.469 -10.499 1.00 53.00 ? 200 SO4 A S   1 
HETATM 1547 O O1  . SO4 C 2 .   ? -5.135  -22.169 -11.785 1.00 52.79 ? 200 SO4 A O1  1 
HETATM 1548 O O2  . SO4 C 2 .   ? -4.114  -20.371 -10.599 1.00 52.93 ? 200 SO4 A O2  1 
HETATM 1549 O O3  . SO4 C 2 .   ? -6.384  -20.942 -10.143 1.00 52.54 ? 200 SO4 A O3  1 
HETATM 1550 O O4  . SO4 C 2 .   ? -4.630  -22.386 -9.455  1.00 53.09 ? 200 SO4 A O4  1 
HETATM 1551 N N   . DPV D 3 .   ? 5.653   -14.471 -7.542  1.00 70.94 ? 201 DPV A N   1 
HETATM 1552 P P   . DPV D 3 .   ? 7.975   -16.428 -3.664  1.00 71.67 ? 201 DPV A P   1 
HETATM 1553 C C1  . DPV D 3 .   ? 6.136   -17.409 -1.981  1.00 69.41 ? 201 DPV A C1  1 
HETATM 1554 C C2  . DPV D 3 .   ? 6.064   -17.318 -0.450  1.00 68.36 ? 201 DPV A C2  1 
HETATM 1555 C C3  . DPV D 3 .   ? 5.211   -16.123 -0.013  1.00 67.32 ? 201 DPV A C3  1 
HETATM 1556 C C4  . DPV D 3 .   ? 6.098   -15.620 -5.363  1.00 71.13 ? 201 DPV A C4  1 
HETATM 1557 C C5  . DPV D 3 .   ? 6.458   -15.504 -6.854  1.00 70.98 ? 201 DPV A C5  1 
HETATM 1558 C C6  . DPV D 3 .   ? 4.223   -14.614 -7.229  1.00 70.81 ? 201 DPV A C6  1 
HETATM 1559 C C7  . DPV D 3 .   ? 5.822   -14.628 -8.994  1.00 70.83 ? 201 DPV A C7  1 
HETATM 1560 C C8  . DPV D 3 .   ? 6.108   -13.118 -7.169  1.00 70.97 ? 201 DPV A C8  1 
HETATM 1561 C C15 . DPV D 3 .   ? 6.058   -14.852 0.076   1.00 66.22 ? 201 DPV A C15 1 
HETATM 1562 C C16 . DPV D 3 .   ? 5.262   -13.702 0.681   1.00 65.13 ? 201 DPV A C16 1 
HETATM 1563 C C17 . DPV D 3 .   ? 5.656   -12.384 0.023   1.00 64.05 ? 201 DPV A C17 1 
HETATM 1564 C C18 . DPV D 3 .   ? 4.753   -11.253 0.508   1.00 63.47 ? 201 DPV A C18 1 
HETATM 1565 C C19 . DPV D 3 .   ? 5.463   -9.905  0.363   1.00 62.87 ? 201 DPV A C19 1 
HETATM 1566 O O1P . DPV D 3 .   ? 7.938   -14.984 -3.270  1.00 71.78 ? 201 DPV A O1P 1 
HETATM 1567 C C20 . DPV D 3 .   ? 4.545   -8.769  0.806   1.00 62.35 ? 201 DPV A C20 1 
HETATM 1568 C C21 . DPV D 3 .   ? 5.176   -7.411  0.513   1.00 61.87 ? 201 DPV A C21 1 
HETATM 1569 C C22 . DPV D 3 .   ? 5.897   -6.874  1.747   1.00 61.75 ? 201 DPV A C22 1 
HETATM 1570 C C23 . DPV D 3 .   ? 7.072   -5.994  1.334   1.00 61.55 ? 201 DPV A C23 1 
HETATM 1571 O O2P . DPV D 3 .   ? 9.235   -17.008 -4.215  1.00 71.70 ? 201 DPV A O2P 1 
HETATM 1572 O O3P . DPV D 3 .   ? 7.522   -17.340 -2.384  1.00 70.83 ? 201 DPV A O3P 1 
HETATM 1573 O O4P . DPV D 3 .   ? 6.802   -16.711 -4.759  1.00 71.40 ? 201 DPV A O4P 1 
HETATM 1574 O O   . HOH E 4 .   ? -6.397  -11.862 -6.705  1.00 40.33 ? 202 HOH A O   1 
HETATM 1575 O O   . HOH E 4 .   ? -13.499 14.064  0.783   1.00 34.82 ? 203 HOH A O   1 
HETATM 1576 O O   . HOH E 4 .   ? -11.540 -4.049  0.426   1.00 21.02 ? 204 HOH A O   1 
HETATM 1577 O O   . HOH E 4 .   ? 0.298   16.169  0.270   1.00 24.26 ? 205 HOH A O   1 
HETATM 1578 O O   . HOH E 4 .   ? -5.042  -6.785  -11.427 1.00 18.04 ? 206 HOH A O   1 
HETATM 1579 O O   . HOH E 4 .   ? 5.937   14.492  -1.530  1.00 33.23 ? 207 HOH A O   1 
HETATM 1580 O O   . HOH E 4 .   ? -4.610  -17.251 -11.085 1.00 30.12 ? 208 HOH A O   1 
HETATM 1581 O O   . HOH E 4 .   ? -7.237  15.509  -5.089  1.00 28.32 ? 209 HOH A O   1 
HETATM 1582 O O   . HOH E 4 .   ? 3.305   9.452   11.718  1.00 28.27 ? 210 HOH A O   1 
HETATM 1583 O O   . HOH E 4 .   ? -6.255  -15.625 -12.435 1.00 29.34 ? 211 HOH A O   1 
HETATM 1584 O O   . HOH E 4 .   ? 8.314   13.085  0.160   1.00 34.68 ? 212 HOH A O   1 
HETATM 1585 O O   . HOH E 4 .   ? 1.500   10.505  -6.049  1.00 22.47 ? 213 HOH A O   1 
HETATM 1586 O O   . HOH E 4 .   ? 12.401  -9.101  12.668  1.00 53.04 ? 214 HOH A O   1 
HETATM 1587 O O   . HOH E 4 .   ? -4.104  12.735  -5.055  1.00 19.68 ? 215 HOH A O   1 
HETATM 1588 O O   . HOH E 4 .   ? -0.097  -11.632 -8.673  1.00 30.90 ? 216 HOH A O   1 
HETATM 1589 O O   . HOH E 4 .   ? -12.831 -0.673  -5.015  1.00 22.61 ? 217 HOH A O   1 
HETATM 1590 O O   . HOH E 4 .   ? -0.677  -19.575 -9.923  1.00 29.16 ? 218 HOH A O   1 
HETATM 1591 O O   . HOH E 4 .   ? 12.752  -5.590  7.312   1.00 57.16 ? 219 HOH A O   1 
HETATM 1592 O O   . HOH E 4 .   ? 1.952   13.004  -19.812 1.00 44.17 ? 220 HOH A O   1 
HETATM 1593 O O   . HOH E 4 .   ? -6.836  -2.352  12.045  1.00 48.58 ? 221 HOH A O   1 
HETATM 1594 O O   . HOH E 4 .   ? -4.477  -13.240 14.802  1.00 24.09 ? 222 HOH A O   1 
HETATM 1595 O O   . HOH E 4 .   ? -4.579  -16.838 5.916   1.00 35.18 ? 223 HOH A O   1 
HETATM 1596 O O   . HOH E 4 .   ? 8.379   7.051   4.987   1.00 17.65 ? 224 HOH A O   1 
HETATM 1597 O O   . HOH E 4 .   ? -1.659  -1.870  -0.719  1.00 18.80 ? 225 HOH A O   1 
HETATM 1598 O O   . HOH E 4 .   ? -4.516  -16.183 8.403   1.00 39.84 ? 226 HOH A O   1 
HETATM 1599 O O   . HOH E 4 .   ? -7.436  -5.964  -10.192 1.00 31.62 ? 227 HOH A O   1 
HETATM 1600 O O   . HOH E 4 .   ? -7.431  -0.890  9.371   1.00 34.42 ? 228 HOH A O   1 
HETATM 1601 O O   . HOH E 4 .   ? -5.321  -18.882 -0.236  1.00 25.04 ? 229 HOH A O   1 
HETATM 1602 O O   . HOH E 4 .   ? -6.507  -12.718 -12.146 1.00 19.93 ? 230 HOH A O   1 
HETATM 1603 O O   . HOH E 4 .   ? -0.683  6.762   11.800  1.00 31.79 ? 231 HOH A O   1 
HETATM 1604 O O   . HOH E 4 .   ? 10.604  5.128   -5.772  1.00 33.73 ? 232 HOH A O   1 
HETATM 1605 O O   . HOH E 4 .   ? -15.145 20.825  1.535   0.50 27.19 ? 233 HOH A O   1 
HETATM 1606 O O   . HOH E 4 .   ? 4.201   -18.296 -5.255  1.00 38.04 ? 234 HOH A O   1 
HETATM 1607 O O   . HOH E 4 .   ? -2.273  -22.698 -7.242  1.00 26.03 ? 235 HOH A O   1 
HETATM 1608 O O   . HOH E 4 .   ? -8.202  -18.125 -5.493  1.00 37.63 ? 236 HOH A O   1 
HETATM 1609 O O   . HOH E 4 .   ? -6.527  -15.219 -6.755  1.00 35.65 ? 237 HOH A O   1 
HETATM 1610 O O   . HOH E 4 .   ? -7.134  -9.532  3.272   1.00 44.05 ? 238 HOH A O   1 
HETATM 1611 O O   . HOH E 4 .   ? 6.459   10.128  10.588  1.00 45.65 ? 239 HOH A O   1 
HETATM 1612 O O   . HOH E 4 .   ? -9.588  17.343  1.964   1.00 45.45 ? 240 HOH A O   1 
HETATM 1613 O O   . HOH E 4 .   ? -9.147  16.252  5.897   1.00 35.76 ? 241 HOH A O   1 
HETATM 1614 O O   . HOH E 4 .   ? 7.838   -0.731  -8.250  1.00 20.71 ? 242 HOH A O   1 
HETATM 1615 O O   . HOH E 4 .   ? -9.699  6.087   -16.206 1.00 45.41 ? 243 HOH A O   1 
HETATM 1616 O O   . HOH E 4 .   ? -11.823 6.482   -14.588 1.00 43.88 ? 244 HOH A O   1 
HETATM 1617 O O   . HOH E 4 .   ? -10.092 1.681   -14.718 1.00 22.05 ? 245 HOH A O   1 
HETATM 1618 O O   . HOH E 4 .   ? -17.544 14.097  -1.067  1.00 43.93 ? 246 HOH A O   1 
HETATM 1619 O O   . HOH E 4 .   ? -16.180 16.364  -0.919  1.00 42.72 ? 247 HOH A O   1 
HETATM 1620 O O   . HOH E 4 .   ? -18.188 5.049   7.470   1.00 47.79 ? 248 HOH A O   1 
HETATM 1621 O O   . HOH E 4 .   ? -9.251  -7.332  -4.817  1.00 36.91 ? 249 HOH A O   1 
HETATM 1622 O O   . HOH E 4 .   ? 13.535  -6.583  12.043  1.00 48.34 ? 250 HOH A O   1 
HETATM 1623 O O   . HOH E 4 .   ? -15.988 -2.998  -4.456  1.00 32.80 ? 251 HOH A O   1 
HETATM 1624 O O   . HOH E 4 .   ? -11.099 -5.772  2.321   1.00 25.68 ? 252 HOH A O   1 
HETATM 1625 O O   . HOH E 4 .   ? 15.781  -6.408  -6.209  1.00 38.79 ? 253 HOH A O   1 
HETATM 1626 O O   . HOH E 4 .   ? -16.240 4.238   -7.728  1.00 34.74 ? 254 HOH A O   1 
HETATM 1627 O O   . HOH E 4 .   ? -11.816 1.970   -12.808 1.00 33.49 ? 255 HOH A O   1 
HETATM 1628 O O   . HOH E 4 .   ? 9.638   -23.751 9.246   1.00 31.17 ? 256 HOH A O   1 
HETATM 1629 O O   . HOH E 4 .   ? -12.043 -2.922  -3.964  1.00 26.45 ? 257 HOH A O   1 
HETATM 1630 O O   . HOH E 4 .   ? -8.654  -6.516  3.296   1.00 38.29 ? 258 HOH A O   1 
HETATM 1631 O O   . HOH E 4 .   ? 12.464  3.682   -6.727  1.00 28.10 ? 259 HOH A O   1 
HETATM 1632 O O   . HOH E 4 .   ? -0.304  -3.294  10.398  1.00 38.87 ? 260 HOH A O   1 
HETATM 1633 O O   . HOH E 4 .   ? -5.197  -25.290 -12.791 1.00 45.64 ? 261 HOH A O   1 
HETATM 1634 O O   . HOH E 4 .   ? -16.690 -1.178  -2.723  1.00 40.52 ? 262 HOH A O   1 
HETATM 1635 O O   . HOH E 4 .   ? -7.897  -14.699 -2.311  1.00 36.93 ? 263 HOH A O   1 
HETATM 1636 O O   . HOH E 4 .   ? 2.602   1.765   13.816  1.00 32.64 ? 264 HOH A O   1 
HETATM 1637 O O   . HOH E 4 .   ? 11.461  16.238  3.662   1.00 40.54 ? 265 HOH A O   1 
HETATM 1638 O O   . HOH E 4 .   ? 12.396  -14.572 0.757   1.00 64.57 ? 266 HOH A O   1 
HETATM 1639 O O   . HOH E 4 .   ? -10.892 -1.074  8.283   1.00 41.47 ? 267 HOH A O   1 
HETATM 1640 O O   . HOH E 4 .   ? -7.108  -11.699 -9.504  1.00 39.32 ? 268 HOH A O   1 
HETATM 1641 O O   . HOH E 4 .   ? -8.192  -6.870  -7.867  1.00 33.26 ? 269 HOH A O   1 
HETATM 1642 O O   . HOH E 4 .   ? 11.367  0.933   -9.796  1.00 34.31 ? 270 HOH A O   1 
HETATM 1643 O O   . HOH E 4 .   ? -10.747 9.455   -13.182 1.00 34.42 ? 271 HOH A O   1 
HETATM 1644 O O   . HOH E 4 .   ? -10.610 15.794  0.256   1.00 44.09 ? 272 HOH A O   1 
HETATM 1645 O O   . HOH E 4 .   ? -15.375 2.936   -12.529 1.00 49.56 ? 273 HOH A O   1 
HETATM 1646 O O   . HOH E 4 .   ? -16.330 1.426   -10.541 1.00 20.93 ? 274 HOH A O   1 
HETATM 1647 O O   . HOH E 4 .   ? 4.575   -20.856 1.326   1.00 41.07 ? 275 HOH A O   1 
HETATM 1648 O O   . HOH E 4 .   ? 2.376   16.774  9.978   1.00 48.52 ? 276 HOH A O   1 
HETATM 1649 O O   . HOH E 4 .   ? -3.550  11.571  -13.209 1.00 54.39 ? 277 HOH A O   1 
HETATM 1650 O O   . HOH E 4 .   ? -6.309  7.802   -19.672 1.00 57.01 ? 278 HOH A O   1 
HETATM 1651 O O   . HOH E 4 .   ? 7.458   -12.325 19.240  1.00 45.32 ? 279 HOH A O   1 
HETATM 1652 O O   . HOH E 4 .   ? 9.547   -14.098 -1.123  1.00 43.29 ? 280 HOH A O   1 
HETATM 1653 O O   . HOH E 4 .   ? -7.743  -12.154 3.132   1.00 47.78 ? 281 HOH A O   1 
HETATM 1654 O O   . HOH E 4 .   ? -14.932 7.560   -14.459 1.00 51.67 ? 282 HOH A O   1 
HETATM 1655 O O   . HOH E 4 .   ? -17.152 1.398   9.547   1.00 37.86 ? 283 HOH A O   1 
HETATM 1656 O O   . HOH E 4 .   ? 17.596  -20.184 2.732   1.00 55.65 ? 284 HOH A O   1 
HETATM 1657 O O   . HOH E 4 .   ? -0.357  16.956  -4.983  1.00 36.42 ? 285 HOH A O   1 
HETATM 1658 O O   . HOH E 4 .   ? 5.711   -18.962 4.185   1.00 35.56 ? 286 HOH A O   1 
HETATM 1659 O O   . HOH E 4 .   ? 12.232  -18.021 1.534   1.00 33.90 ? 287 HOH A O   1 
# 
loop_
_pdbx_poly_seq_scheme.asym_id 
_pdbx_poly_seq_scheme.entity_id 
_pdbx_poly_seq_scheme.seq_id 
_pdbx_poly_seq_scheme.mon_id 
_pdbx_poly_seq_scheme.ndb_seq_num 
_pdbx_poly_seq_scheme.pdb_seq_num 
_pdbx_poly_seq_scheme.auth_seq_num 
_pdbx_poly_seq_scheme.pdb_mon_id 
_pdbx_poly_seq_scheme.auth_mon_id 
_pdbx_poly_seq_scheme.pdb_strand_id 
_pdbx_poly_seq_scheme.pdb_ins_code 
_pdbx_poly_seq_scheme.hetero 
A 1 1   LEU 1   0   0   LEU LEU A . n 
A 1 2   MET 2   1   1   MET MET A . n 
A 1 3   LYS 3   2   2   LYS LYS A . n 
A 1 4   LEU 4   3   3   LEU LEU A . n 
A 1 5   TYR 5   4   4   TYR TYR A . n 
A 1 6   SER 6   5   5   SER SER A . n 
A 1 7   LEU 7   6   6   LEU LEU A . n 
A 1 8   SER 8   7   7   SER SER A . n 
A 1 9   VAL 9   8   8   VAL VAL A . n 
A 1 10  PHE 10  9   9   PHE PHE A . n 
A 1 11  TYR 11  10  10  TYR TYR A . n 
A 1 12  LYS 12  11  11  LYS LYS A . n 
A 1 13  GLY 13  12  12  GLY GLY A . n 
A 1 14  GLU 14  13  13  GLU GLU A . n 
A 1 15  PRO 15  14  14  PRO PRO A . n 
A 1 16  LYS 16  15  15  LYS LYS A . n 
A 1 17  ALA 17  16  16  ALA ALA A . n 
A 1 18  VAL 18  17  17  VAL VAL A . n 
A 1 19  LEU 19  18  18  LEU LEU A . n 
A 1 20  LEU 20  19  19  LEU LEU A . n 
A 1 21  LYS 21  20  20  LYS LYS A . n 
A 1 22  ALA 22  21  21  ALA ALA A . n 
A 1 23  ALA 23  22  22  ALA ALA A . n 
A 1 24  TYR 24  23  23  TYR TYR A . n 
A 1 25  ASP 25  24  24  ASP ASP A . n 
A 1 26  VAL 26  25  25  VAL VAL A . n 
A 1 27  SER 27  26  26  SER SER A . n 
A 1 28  SER 28  27  27  SER SER A . n 
A 1 29  PHE 29  28  28  PHE PHE A . n 
A 1 30  SER 30  29  29  SER SER A . n 
A 1 31  PHE 31  30  30  PHE PHE A . n 
A 1 32  PHE 32  31  31  PHE PHE A . n 
A 1 33  GLN 33  32  32  GLN GLN A . n 
A 1 34  ARG 34  33  33  ARG ARG A . n 
A 1 35  SER 35  34  34  SER SER A . n 
A 1 36  SER 36  35  35  SER SER A . n 
A 1 37  VAL 37  36  36  VAL VAL A . n 
A 1 38  GLN 38  37  37  GLN GLN A . n 
A 1 39  GLU 39  38  38  GLU GLU A . n 
A 1 40  PHE 40  39  39  PHE PHE A . n 
A 1 41  MET 41  40  40  MET MET A . n 
A 1 42  THR 42  41  41  THR THR A . n 
A 1 43  PHE 43  42  42  PHE PHE A . n 
A 1 44  THR 44  43  43  THR THR A . n 
A 1 45  SER 45  44  44  SER SER A . n 
A 1 46  GLN 46  45  45  GLN GLN A . n 
A 1 47  LEU 47  46  46  LEU LEU A . n 
A 1 48  ILE 48  47  47  ILE ILE A . n 
A 1 49  VAL 49  48  48  VAL VAL A . n 
A 1 50  GLU 50  49  49  GLU GLU A . n 
A 1 51  ARG 51  50  50  ARG ARG A . n 
A 1 52  SER 52  51  51  SER SER A . n 
A 1 53  ALA 53  52  52  ALA ALA A . n 
A 1 54  LYS 54  53  53  LYS LYS A . n 
A 1 55  GLY 55  54  54  GLY GLY A . n 
A 1 56  SER 56  55  55  SER SER A . n 
A 1 57  ARG 57  56  56  ARG ARG A . n 
A 1 58  ALA 58  57  57  ALA ALA A . n 
A 1 59  SER 59  58  58  SER SER A . n 
A 1 60  VAL 60  59  59  VAL VAL A . n 
A 1 61  LYS 61  60  60  LYS LYS A . n 
A 1 62  GLU 62  61  61  GLU GLU A . n 
A 1 63  GLN 63  62  62  GLN GLN A . n 
A 1 64  GLU 64  63  63  GLU GLU A . n 
A 1 65  TYR 65  64  64  TYR TYR A . n 
A 1 66  LEU 66  65  65  LEU LEU A . n 
A 1 67  CYS 67  66  66  CYS CYS A . n 
A 1 68  HIS 68  67  67  HIS HIS A . n 
A 1 69  VAL 69  68  68  VAL VAL A . n 
A 1 70  TYR 70  69  69  TYR TYR A . n 
A 1 71  VAL 71  70  70  VAL VAL A . n 
A 1 72  ARG 72  71  71  ARG ARG A . n 
A 1 73  SER 73  72  72  SER SER A . n 
A 1 74  ASP 74  73  73  ASP ASP A . n 
A 1 75  SER 75  74  74  SER SER A . n 
A 1 76  LEU 76  75  75  LEU LEU A . n 
A 1 77  ALA 77  76  76  ALA ALA A . n 
A 1 78  GLY 78  77  77  GLY GLY A . n 
A 1 79  VAL 79  78  78  VAL VAL A . n 
A 1 80  VAL 80  79  79  VAL VAL A . n 
A 1 81  ILE 81  80  80  ILE ILE A . n 
A 1 82  ALA 82  81  81  ALA ALA A . n 
A 1 83  ASP 83  82  82  ASP ASP A . n 
A 1 84  SER 84  83  83  SER SER A . n 
A 1 85  GLU 85  84  84  GLU GLU A . n 
A 1 86  TYR 86  85  85  TYR TYR A . n 
A 1 87  PRO 87  86  86  PRO PRO A . n 
A 1 88  SER 88  87  87  SER SER A . n 
A 1 89  ARG 89  88  88  ARG ARG A . n 
A 1 90  VAL 90  89  89  VAL VAL A . n 
A 1 91  ALA 91  90  90  ALA ALA A . n 
A 1 92  PHE 92  91  91  PHE PHE A . n 
A 1 93  THR 93  92  92  THR THR A . n 
A 1 94  LEU 94  93  93  LEU LEU A . n 
A 1 95  LEU 95  94  94  LEU LEU A . n 
A 1 96  GLU 96  95  95  GLU GLU A . n 
A 1 97  LYS 97  96  96  LYS LYS A . n 
A 1 98  VAL 98  97  97  VAL VAL A . n 
A 1 99  LEU 99  98  98  LEU LEU A . n 
A 1 100 ASP 100 99  99  ASP ASP A . n 
A 1 101 GLU 101 100 100 GLU GLU A . n 
A 1 102 PHE 102 101 101 PHE PHE A . n 
A 1 103 SER 103 102 102 SER SER A . n 
A 1 104 LYS 104 103 103 LYS LYS A . n 
A 1 105 GLN 105 104 104 GLN GLN A . n 
A 1 106 VAL 106 105 105 VAL VAL A . n 
A 1 107 ASP 107 106 106 ASP ASP A . n 
A 1 108 ARG 108 107 107 ARG ARG A . n 
A 1 109 ILE 109 108 108 ILE ILE A . n 
A 1 110 ASP 110 109 109 ASP ASP A . n 
A 1 111 TRP 111 110 110 TRP TRP A . n 
A 1 112 PRO 112 111 111 PRO PRO A . n 
A 1 113 VAL 113 112 112 VAL VAL A . n 
A 1 114 GLY 114 113 113 GLY GLY A . n 
A 1 115 SER 115 114 114 SER SER A . n 
A 1 116 PRO 116 115 115 PRO PRO A . n 
A 1 117 ALA 117 116 116 ALA ALA A . n 
A 1 118 THR 118 117 117 THR THR A . n 
A 1 119 ILE 119 118 118 ILE ILE A . n 
A 1 120 HIS 120 119 119 HIS HIS A . n 
A 1 121 TYR 121 120 120 TYR TYR A . n 
A 1 122 THR 122 121 121 THR THR A . n 
A 1 123 ALA 123 122 122 ALA ALA A . n 
A 1 124 LEU 124 123 123 LEU LEU A . n 
A 1 125 ASP 125 124 124 ASP ASP A . n 
A 1 126 GLY 126 125 125 GLY GLY A . n 
A 1 127 HIS 127 126 126 HIS HIS A . n 
A 1 128 LEU 128 127 127 LEU LEU A . n 
A 1 129 SER 129 128 128 SER SER A . n 
A 1 130 ARG 130 129 129 ARG ARG A . n 
A 1 131 TYR 131 130 130 TYR TYR A . n 
A 1 132 GLN 132 131 131 GLN GLN A . n 
A 1 133 ASN 133 132 132 ASN ASN A . n 
A 1 134 PRO 134 133 133 PRO PRO A . n 
A 1 135 ARG 135 134 134 ARG ARG A . n 
A 1 136 GLU 136 135 135 GLU GLU A . n 
A 1 137 ALA 137 136 136 ALA ALA A . n 
A 1 138 ASP 138 137 137 ASP ASP A . n 
A 1 139 PRO 139 138 138 PRO PRO A . n 
A 1 140 MET 140 139 139 MET MET A . n 
A 1 141 SER 141 140 140 SER SER A . n 
A 1 142 LYS 142 141 141 LYS LYS A . n 
A 1 143 VAL 143 142 142 VAL VAL A . n 
A 1 144 GLN 144 143 143 GLN GLN A . n 
A 1 145 ALA 145 144 144 ALA ALA A . n 
A 1 146 GLU 146 145 145 GLU GLU A . n 
A 1 147 LEU 147 146 146 LEU LEU A . n 
A 1 148 ASP 148 147 147 ASP ASP A . n 
A 1 149 GLU 149 148 148 GLU GLU A . n 
A 1 150 THR 150 149 149 THR THR A . n 
A 1 151 LYS 151 150 150 LYS LYS A . n 
A 1 152 ILE 152 151 151 ILE ILE A . n 
A 1 153 ILE 153 152 152 ILE ILE A . n 
A 1 154 LEU 154 153 153 LEU LEU A . n 
A 1 155 HIS 155 154 154 HIS HIS A . n 
A 1 156 ASN 156 155 155 ASN ASN A . n 
A 1 157 THR 157 156 156 THR THR A . n 
A 1 158 MET 158 157 157 MET MET A . n 
A 1 159 GLU 159 158 158 GLU GLU A . n 
A 1 160 SER 160 159 159 SER SER A . n 
A 1 161 LEU 161 160 160 LEU LEU A . n 
A 1 162 LEU 162 161 161 LEU LEU A . n 
A 1 163 GLU 163 162 162 GLU GLU A . n 
A 1 164 ARG 164 163 163 ARG ARG A . n 
A 1 165 GLY 165 164 164 GLY GLY A . n 
A 1 166 GLU 166 165 165 GLU GLU A . n 
A 1 167 LYS 167 166 166 LYS LYS A . n 
A 1 168 LEU 168 167 167 LEU LEU A . n 
A 1 169 ASP 169 168 168 ASP ASP A . n 
A 1 170 ASP 170 169 169 ASP ASP A . n 
A 1 171 LEU 171 170 170 LEU LEU A . n 
A 1 172 VAL 172 171 171 VAL VAL A . n 
A 1 173 SER 173 172 172 SER SER A . n 
A 1 174 LYS 174 173 173 LYS LYS A . n 
A 1 175 SER 175 174 174 SER SER A . n 
A 1 176 GLU 176 175 175 GLU GLU A . n 
A 1 177 VAL 177 176 176 VAL VAL A . n 
A 1 178 LEU 178 177 177 LEU LEU A . n 
A 1 179 GLY 179 178 178 GLY GLY A . n 
A 1 180 THR 180 179 179 THR THR A . n 
A 1 181 GLN 181 180 180 GLN GLN A . n 
A 1 182 SER 182 181 181 SER SER A . n 
A 1 183 LYS 183 182 182 LYS LYS A . n 
A 1 184 ALA 184 183 183 ALA ALA A . n 
A 1 185 PHE 185 184 184 PHE PHE A . n 
A 1 186 TYR 186 185 185 TYR TYR A . n 
A 1 187 LYS 187 186 186 LYS LYS A . n 
A 1 188 THR 188 187 187 THR THR A . n 
A 1 189 ALA 189 188 188 ALA ALA A . n 
A 1 190 ARG 190 189 189 ARG ARG A . n 
A 1 191 LYS 191 190 190 LYS LYS A . n 
A 1 192 GLN 192 191 191 GLN GLN A . n 
A 1 193 ASN 193 192 192 ASN ASN A . n 
A 1 194 SER 194 193 ?   ?   ?   A . n 
A 1 195 CYS 195 194 ?   ?   ?   A . n 
A 1 196 CYS 196 195 ?   ?   ?   A . n 
A 1 197 ALA 197 196 ?   ?   ?   A . n 
A 1 198 ILE 198 197 ?   ?   ?   A . n 
A 1 199 MET 199 198 ?   ?   ?   A . n 
# 
loop_
_pdbx_nonpoly_scheme.asym_id 
_pdbx_nonpoly_scheme.entity_id 
_pdbx_nonpoly_scheme.mon_id 
_pdbx_nonpoly_scheme.ndb_seq_num 
_pdbx_nonpoly_scheme.pdb_seq_num 
_pdbx_nonpoly_scheme.auth_seq_num 
_pdbx_nonpoly_scheme.pdb_mon_id 
_pdbx_nonpoly_scheme.auth_mon_id 
_pdbx_nonpoly_scheme.pdb_strand_id 
_pdbx_nonpoly_scheme.pdb_ins_code 
B 2 SO4 1  199 1  SO4 SO4 A . 
C 2 SO4 1  200 2  SO4 SO4 A . 
D 3 DPV 1  201 1  DPV DPC A . 
E 4 HOH 1  202 1  HOH HOH A . 
E 4 HOH 2  203 2  HOH HOH A . 
E 4 HOH 3  204 3  HOH HOH A . 
E 4 HOH 4  205 4  HOH HOH A . 
E 4 HOH 5  206 5  HOH HOH A . 
E 4 HOH 6  207 6  HOH HOH A . 
E 4 HOH 7  208 7  HOH HOH A . 
E 4 HOH 8  209 8  HOH HOH A . 
E 4 HOH 9  210 9  HOH HOH A . 
E 4 HOH 10 211 10 HOH HOH A . 
E 4 HOH 11 212 11 HOH HOH A . 
E 4 HOH 12 213 12 HOH HOH A . 
E 4 HOH 13 214 13 HOH HOH A . 
E 4 HOH 14 215 14 HOH HOH A . 
E 4 HOH 15 216 15 HOH HOH A . 
E 4 HOH 16 217 16 HOH HOH A . 
E 4 HOH 17 218 17 HOH HOH A . 
E 4 HOH 18 219 18 HOH HOH A . 
E 4 HOH 19 220 19 HOH HOH A . 
E 4 HOH 20 221 20 HOH HOH A . 
E 4 HOH 21 222 21 HOH HOH A . 
E 4 HOH 22 223 22 HOH HOH A . 
E 4 HOH 23 224 23 HOH HOH A . 
E 4 HOH 24 225 24 HOH HOH A . 
E 4 HOH 25 226 25 HOH HOH A . 
E 4 HOH 26 227 26 HOH HOH A . 
E 4 HOH 27 228 27 HOH HOH A . 
E 4 HOH 28 229 28 HOH HOH A . 
E 4 HOH 29 230 29 HOH HOH A . 
E 4 HOH 30 231 30 HOH HOH A . 
E 4 HOH 31 232 31 HOH HOH A . 
E 4 HOH 32 233 32 HOH HOH A . 
E 4 HOH 33 234 33 HOH HOH A . 
E 4 HOH 34 235 34 HOH HOH A . 
E 4 HOH 35 236 35 HOH HOH A . 
E 4 HOH 36 237 36 HOH HOH A . 
E 4 HOH 37 238 37 HOH HOH A . 
E 4 HOH 38 239 38 HOH HOH A . 
E 4 HOH 39 240 39 HOH HOH A . 
E 4 HOH 40 241 40 HOH HOH A . 
E 4 HOH 41 242 41 HOH HOH A . 
E 4 HOH 42 243 42 HOH HOH A . 
E 4 HOH 43 244 43 HOH HOH A . 
E 4 HOH 44 245 44 HOH HOH A . 
E 4 HOH 45 246 45 HOH HOH A . 
E 4 HOH 46 247 46 HOH HOH A . 
E 4 HOH 47 248 47 HOH HOH A . 
E 4 HOH 48 249 48 HOH HOH A . 
E 4 HOH 49 250 49 HOH HOH A . 
E 4 HOH 50 251 50 HOH HOH A . 
E 4 HOH 51 252 51 HOH HOH A . 
E 4 HOH 52 253 52 HOH HOH A . 
E 4 HOH 53 254 53 HOH HOH A . 
E 4 HOH 54 255 54 HOH HOH A . 
E 4 HOH 55 256 55 HOH HOH A . 
E 4 HOH 56 257 56 HOH HOH A . 
E 4 HOH 57 258 57 HOH HOH A . 
E 4 HOH 58 259 58 HOH HOH A . 
E 4 HOH 59 260 59 HOH HOH A . 
E 4 HOH 60 261 60 HOH HOH A . 
E 4 HOH 61 262 61 HOH HOH A . 
E 4 HOH 62 263 62 HOH HOH A . 
E 4 HOH 63 264 63 HOH HOH A . 
E 4 HOH 64 265 64 HOH HOH A . 
E 4 HOH 65 266 65 HOH HOH A . 
E 4 HOH 66 267 66 HOH HOH A . 
E 4 HOH 67 268 67 HOH HOH A . 
E 4 HOH 68 269 68 HOH HOH A . 
E 4 HOH 69 270 69 HOH HOH A . 
E 4 HOH 70 271 70 HOH HOH A . 
E 4 HOH 71 272 71 HOH HOH A . 
E 4 HOH 72 273 72 HOH HOH A . 
E 4 HOH 73 274 73 HOH HOH A . 
E 4 HOH 74 275 74 HOH HOH A . 
E 4 HOH 75 276 75 HOH HOH A . 
E 4 HOH 76 277 76 HOH HOH A . 
E 4 HOH 77 278 77 HOH HOH A . 
E 4 HOH 78 279 78 HOH HOH A . 
E 4 HOH 79 280 79 HOH HOH A . 
E 4 HOH 80 281 80 HOH HOH A . 
E 4 HOH 81 282 81 HOH HOH A . 
E 4 HOH 82 283 82 HOH HOH A . 
E 4 HOH 83 284 83 HOH HOH A . 
E 4 HOH 84 285 84 HOH HOH A . 
E 4 HOH 85 286 85 HOH HOH A . 
E 4 HOH 86 287 86 HOH HOH A . 
# 
_pdbx_struct_assembly.id                   1 
_pdbx_struct_assembly.details              author_and_software_defined_assembly 
_pdbx_struct_assembly.method_details       PISA 
_pdbx_struct_assembly.oligomeric_details   monomeric 
_pdbx_struct_assembly.oligomeric_count     1 
# 
_pdbx_struct_assembly_gen.assembly_id       1 
_pdbx_struct_assembly_gen.oper_expression   1 
_pdbx_struct_assembly_gen.asym_id_list      A,B,C,D,E 
# 
_pdbx_struct_oper_list.id                   1 
_pdbx_struct_oper_list.type                 'identity operation' 
_pdbx_struct_oper_list.name                 1_555 
_pdbx_struct_oper_list.symmetry_operation   x,y,z 
_pdbx_struct_oper_list.matrix[1][1]         1.0000000000 
_pdbx_struct_oper_list.matrix[1][2]         0.0000000000 
_pdbx_struct_oper_list.matrix[1][3]         0.0000000000 
_pdbx_struct_oper_list.vector[1]            0.0000000000 
_pdbx_struct_oper_list.matrix[2][1]         0.0000000000 
_pdbx_struct_oper_list.matrix[2][2]         1.0000000000 
_pdbx_struct_oper_list.matrix[2][3]         0.0000000000 
_pdbx_struct_oper_list.vector[2]            0.0000000000 
_pdbx_struct_oper_list.matrix[3][1]         0.0000000000 
_pdbx_struct_oper_list.matrix[3][2]         0.0000000000 
_pdbx_struct_oper_list.matrix[3][3]         1.0000000000 
_pdbx_struct_oper_list.vector[3]            0.0000000000 
# 
_pdbx_struct_special_symmetry.id              1 
_pdbx_struct_special_symmetry.PDB_model_num   1 
_pdbx_struct_special_symmetry.auth_asym_id    A 
_pdbx_struct_special_symmetry.auth_comp_id    HOH 
_pdbx_struct_special_symmetry.auth_seq_id     233 
_pdbx_struct_special_symmetry.PDB_ins_code    ? 
_pdbx_struct_special_symmetry.label_asym_id   E 
_pdbx_struct_special_symmetry.label_comp_id   HOH 
_pdbx_struct_special_symmetry.label_seq_id    . 
# 
loop_
_pdbx_audit_revision_history.ordinal 
_pdbx_audit_revision_history.data_content_type 
_pdbx_audit_revision_history.major_revision 
_pdbx_audit_revision_history.minor_revision 
_pdbx_audit_revision_history.revision_date 
1 'Structure model' 1 0 2010-03-02 
2 'Structure model' 1 1 2011-07-13 
3 'Structure model' 1 2 2023-11-01 
# 
_pdbx_audit_revision_details.ordinal             1 
_pdbx_audit_revision_details.revision_ordinal    1 
_pdbx_audit_revision_details.data_content_type   'Structure model' 
_pdbx_audit_revision_details.provider            repository 
_pdbx_audit_revision_details.type                'Initial release' 
_pdbx_audit_revision_details.description         ? 
_pdbx_audit_revision_details.details             ? 
# 
loop_
_pdbx_audit_revision_group.ordinal 
_pdbx_audit_revision_group.revision_ordinal 
_pdbx_audit_revision_group.data_content_type 
_pdbx_audit_revision_group.group 
1 2 'Structure model' Advisory                    
2 2 'Structure model' 'Version format compliance' 
3 3 'Structure model' 'Data collection'           
4 3 'Structure model' 'Database references'       
5 3 'Structure model' 'Derived calculations'      
6 3 'Structure model' 'Refinement description'    
# 
loop_
_pdbx_audit_revision_category.ordinal 
_pdbx_audit_revision_category.revision_ordinal 
_pdbx_audit_revision_category.data_content_type 
_pdbx_audit_revision_category.category 
1 3 'Structure model' chem_comp_atom                
2 3 'Structure model' chem_comp_bond                
3 3 'Structure model' database_2                    
4 3 'Structure model' pdbx_initial_refinement_model 
5 3 'Structure model' struct_ref_seq_dif            
6 3 'Structure model' struct_site                   
# 
loop_
_pdbx_audit_revision_item.ordinal 
_pdbx_audit_revision_item.revision_ordinal 
_pdbx_audit_revision_item.data_content_type 
_pdbx_audit_revision_item.item 
1 3 'Structure model' '_database_2.pdbx_DOI'                
2 3 'Structure model' '_database_2.pdbx_database_accession' 
3 3 'Structure model' '_struct_ref_seq_dif.details'         
4 3 'Structure model' '_struct_site.pdbx_auth_asym_id'      
5 3 'Structure model' '_struct_site.pdbx_auth_comp_id'      
6 3 'Structure model' '_struct_site.pdbx_auth_seq_id'       
# 
_pdbx_refine_tls.pdbx_refine_id   'X-RAY DIFFRACTION' 
_pdbx_refine_tls.id               1 
_pdbx_refine_tls.details          ? 
_pdbx_refine_tls.method           refined 
_pdbx_refine_tls.origin_x         0.1031 
_pdbx_refine_tls.origin_y         -0.1514 
_pdbx_refine_tls.origin_z         -0.1381 
_pdbx_refine_tls.T[1][1]          -0.0150 
_pdbx_refine_tls.T[2][2]          -0.0490 
_pdbx_refine_tls.T[3][3]          -0.0248 
_pdbx_refine_tls.T[1][2]          0.0033 
_pdbx_refine_tls.T[1][3]          0.0020 
_pdbx_refine_tls.T[2][3]          -0.0109 
_pdbx_refine_tls.L[1][1]          0.7770 
_pdbx_refine_tls.L[2][2]          1.0763 
_pdbx_refine_tls.L[3][3]          0.4045 
_pdbx_refine_tls.L[1][2]          0.0423 
_pdbx_refine_tls.L[1][3]          0.0711 
_pdbx_refine_tls.L[2][3]          -0.0323 
_pdbx_refine_tls.S[1][1]          0.0093 
_pdbx_refine_tls.S[1][2]          -0.0248 
_pdbx_refine_tls.S[1][3]          -0.0156 
_pdbx_refine_tls.S[2][1]          -0.0167 
_pdbx_refine_tls.S[2][2]          0.0059 
_pdbx_refine_tls.S[2][3]          -0.0812 
_pdbx_refine_tls.S[3][1]          -0.0153 
_pdbx_refine_tls.S[3][2]          0.0263 
_pdbx_refine_tls.S[3][3]          -0.0152 
# 
_pdbx_refine_tls_group.pdbx_refine_id      'X-RAY DIFFRACTION' 
_pdbx_refine_tls_group.id                  1 
_pdbx_refine_tls_group.refine_tls_id       1 
_pdbx_refine_tls_group.beg_auth_asym_id    A 
_pdbx_refine_tls_group.beg_auth_seq_id     0 
_pdbx_refine_tls_group.beg_label_asym_id   ? 
_pdbx_refine_tls_group.beg_label_seq_id    ? 
_pdbx_refine_tls_group.end_auth_asym_id    A 
_pdbx_refine_tls_group.end_auth_seq_id     192 
_pdbx_refine_tls_group.end_label_asym_id   ? 
_pdbx_refine_tls_group.end_label_seq_id    ? 
_pdbx_refine_tls_group.selection           ? 
_pdbx_refine_tls_group.selection_details   ? 
# 
loop_
_software.name 
_software.classification 
_software.version 
_software.citation_id 
_software.pdbx_ordinal 
CrystalClear 'data collection' .        ? 1 
AMoRE        phasing           .        ? 2 
REFMAC       refinement        5.2.0019 ? 3 
MOSFLM       'data reduction'  .        ? 4 
SCALA        'data scaling'    .        ? 5 
# 
_pdbx_entry_details.entry_id                 3KYQ 
_pdbx_entry_details.nonpolymer_details       'THE LIGAND DPV (DODECYLPHOSPHOCHOLINE) IS DESCRIBED AS DPC IN THE ARTICLE.' 
_pdbx_entry_details.sequence_details         ? 
_pdbx_entry_details.compound_details         ? 
_pdbx_entry_details.source_details           ? 
_pdbx_entry_details.has_ligand_of_interest   ? 
# 
loop_
_pdbx_validate_torsion.id 
_pdbx_validate_torsion.PDB_model_num 
_pdbx_validate_torsion.auth_comp_id 
_pdbx_validate_torsion.auth_asym_id 
_pdbx_validate_torsion.auth_seq_id 
_pdbx_validate_torsion.PDB_ins_code 
_pdbx_validate_torsion.label_alt_id 
_pdbx_validate_torsion.phi 
_pdbx_validate_torsion.psi 
1 1 MET A 1  ? ? 47.39   70.55   
2 1 GLU A 61 ? ? -127.84 -92.14  
3 1 GLN A 62 ? ? -93.00  -112.91 
4 1 SER A 74 ? ? 83.50   5.93    
# 
loop_
_pdbx_unobs_or_zero_occ_residues.id 
_pdbx_unobs_or_zero_occ_residues.PDB_model_num 
_pdbx_unobs_or_zero_occ_residues.polymer_flag 
_pdbx_unobs_or_zero_occ_residues.occupancy_flag 
_pdbx_unobs_or_zero_occ_residues.auth_asym_id 
_pdbx_unobs_or_zero_occ_residues.auth_comp_id 
_pdbx_unobs_or_zero_occ_residues.auth_seq_id 
_pdbx_unobs_or_zero_occ_residues.PDB_ins_code 
_pdbx_unobs_or_zero_occ_residues.label_asym_id 
_pdbx_unobs_or_zero_occ_residues.label_comp_id 
_pdbx_unobs_or_zero_occ_residues.label_seq_id 
1 1 Y 1 A SER 193 ? A SER 194 
2 1 Y 1 A CYS 194 ? A CYS 195 
3 1 Y 1 A CYS 195 ? A CYS 196 
4 1 Y 1 A ALA 196 ? A ALA 197 
5 1 Y 1 A ILE 197 ? A ILE 198 
6 1 Y 1 A MET 198 ? A MET 199 
# 
loop_
_chem_comp_atom.comp_id 
_chem_comp_atom.atom_id 
_chem_comp_atom.type_symbol 
_chem_comp_atom.pdbx_aromatic_flag 
_chem_comp_atom.pdbx_stereo_config 
_chem_comp_atom.pdbx_ordinal 
ALA N    N N N 1   
ALA CA   C N S 2   
ALA C    C N N 3   
ALA O    O N N 4   
ALA CB   C N N 5   
ALA OXT  O N N 6   
ALA H    H N N 7   
ALA H2   H N N 8   
ALA HA   H N N 9   
ALA HB1  H N N 10  
ALA HB2  H N N 11  
ALA HB3  H N N 12  
ALA HXT  H N N 13  
ARG N    N N N 14  
ARG CA   C N S 15  
ARG C    C N N 16  
ARG O    O N N 17  
ARG CB   C N N 18  
ARG CG   C N N 19  
ARG CD   C N N 20  
ARG NE   N N N 21  
ARG CZ   C N N 22  
ARG NH1  N N N 23  
ARG NH2  N N N 24  
ARG OXT  O N N 25  
ARG H    H N N 26  
ARG H2   H N N 27  
ARG HA   H N N 28  
ARG HB2  H N N 29  
ARG HB3  H N N 30  
ARG HG2  H N N 31  
ARG HG3  H N N 32  
ARG HD2  H N N 33  
ARG HD3  H N N 34  
ARG HE   H N N 35  
ARG HH11 H N N 36  
ARG HH12 H N N 37  
ARG HH21 H N N 38  
ARG HH22 H N N 39  
ARG HXT  H N N 40  
ASN N    N N N 41  
ASN CA   C N S 42  
ASN C    C N N 43  
ASN O    O N N 44  
ASN CB   C N N 45  
ASN CG   C N N 46  
ASN OD1  O N N 47  
ASN ND2  N N N 48  
ASN OXT  O N N 49  
ASN H    H N N 50  
ASN H2   H N N 51  
ASN HA   H N N 52  
ASN HB2  H N N 53  
ASN HB3  H N N 54  
ASN HD21 H N N 55  
ASN HD22 H N N 56  
ASN HXT  H N N 57  
ASP N    N N N 58  
ASP CA   C N S 59  
ASP C    C N N 60  
ASP O    O N N 61  
ASP CB   C N N 62  
ASP CG   C N N 63  
ASP OD1  O N N 64  
ASP OD2  O N N 65  
ASP OXT  O N N 66  
ASP H    H N N 67  
ASP H2   H N N 68  
ASP HA   H N N 69  
ASP HB2  H N N 70  
ASP HB3  H N N 71  
ASP HD2  H N N 72  
ASP HXT  H N N 73  
CYS N    N N N 74  
CYS CA   C N R 75  
CYS C    C N N 76  
CYS O    O N N 77  
CYS CB   C N N 78  
CYS SG   S N N 79  
CYS OXT  O N N 80  
CYS H    H N N 81  
CYS H2   H N N 82  
CYS HA   H N N 83  
CYS HB2  H N N 84  
CYS HB3  H N N 85  
CYS HG   H N N 86  
CYS HXT  H N N 87  
DPV N    N N N 88  
DPV P    P N N 89  
DPV C1   C N N 90  
DPV C2   C N N 91  
DPV C3   C N N 92  
DPV C4   C N N 93  
DPV C5   C N N 94  
DPV C6   C N N 95  
DPV C7   C N N 96  
DPV C8   C N N 97  
DPV C15  C N N 98  
DPV C16  C N N 99  
DPV C17  C N N 100 
DPV C18  C N N 101 
DPV C19  C N N 102 
DPV O1P  O N N 103 
DPV C20  C N N 104 
DPV C21  C N N 105 
DPV C22  C N N 106 
DPV C23  C N N 107 
DPV O2P  O N N 108 
DPV O3P  O N N 109 
DPV O4P  O N N 110 
DPV H1   H N N 111 
DPV H1A  H N N 112 
DPV H2   H N N 113 
DPV H2A  H N N 114 
DPV H3   H N N 115 
DPV H3A  H N N 116 
DPV H4   H N N 117 
DPV H4A  H N N 118 
DPV H5   H N N 119 
DPV H5A  H N N 120 
DPV H6   H N N 121 
DPV H6A  H N N 122 
DPV H6B  H N N 123 
DPV H7   H N N 124 
DPV H7A  H N N 125 
DPV H7B  H N N 126 
DPV H8   H N N 127 
DPV H8A  H N N 128 
DPV H8B  H N N 129 
DPV H15  H N N 130 
DPV H15A H N N 131 
DPV H16  H N N 132 
DPV H16A H N N 133 
DPV H17  H N N 134 
DPV H17A H N N 135 
DPV H18  H N N 136 
DPV H18A H N N 137 
DPV H19  H N N 138 
DPV H19A H N N 139 
DPV H20  H N N 140 
DPV H20A H N N 141 
DPV H21  H N N 142 
DPV H21A H N N 143 
DPV H22  H N N 144 
DPV H22A H N N 145 
DPV H23  H N N 146 
DPV H23A H N N 147 
DPV H23B H N N 148 
GLN N    N N N 149 
GLN CA   C N S 150 
GLN C    C N N 151 
GLN O    O N N 152 
GLN CB   C N N 153 
GLN CG   C N N 154 
GLN CD   C N N 155 
GLN OE1  O N N 156 
GLN NE2  N N N 157 
GLN OXT  O N N 158 
GLN H    H N N 159 
GLN H2   H N N 160 
GLN HA   H N N 161 
GLN HB2  H N N 162 
GLN HB3  H N N 163 
GLN HG2  H N N 164 
GLN HG3  H N N 165 
GLN HE21 H N N 166 
GLN HE22 H N N 167 
GLN HXT  H N N 168 
GLU N    N N N 169 
GLU CA   C N S 170 
GLU C    C N N 171 
GLU O    O N N 172 
GLU CB   C N N 173 
GLU CG   C N N 174 
GLU CD   C N N 175 
GLU OE1  O N N 176 
GLU OE2  O N N 177 
GLU OXT  O N N 178 
GLU H    H N N 179 
GLU H2   H N N 180 
GLU HA   H N N 181 
GLU HB2  H N N 182 
GLU HB3  H N N 183 
GLU HG2  H N N 184 
GLU HG3  H N N 185 
GLU HE2  H N N 186 
GLU HXT  H N N 187 
GLY N    N N N 188 
GLY CA   C N N 189 
GLY C    C N N 190 
GLY O    O N N 191 
GLY OXT  O N N 192 
GLY H    H N N 193 
GLY H2   H N N 194 
GLY HA2  H N N 195 
GLY HA3  H N N 196 
GLY HXT  H N N 197 
HIS N    N N N 198 
HIS CA   C N S 199 
HIS C    C N N 200 
HIS O    O N N 201 
HIS CB   C N N 202 
HIS CG   C Y N 203 
HIS ND1  N Y N 204 
HIS CD2  C Y N 205 
HIS CE1  C Y N 206 
HIS NE2  N Y N 207 
HIS OXT  O N N 208 
HIS H    H N N 209 
HIS H2   H N N 210 
HIS HA   H N N 211 
HIS HB2  H N N 212 
HIS HB3  H N N 213 
HIS HD1  H N N 214 
HIS HD2  H N N 215 
HIS HE1  H N N 216 
HIS HE2  H N N 217 
HIS HXT  H N N 218 
HOH O    O N N 219 
HOH H1   H N N 220 
HOH H2   H N N 221 
ILE N    N N N 222 
ILE CA   C N S 223 
ILE C    C N N 224 
ILE O    O N N 225 
ILE CB   C N S 226 
ILE CG1  C N N 227 
ILE CG2  C N N 228 
ILE CD1  C N N 229 
ILE OXT  O N N 230 
ILE H    H N N 231 
ILE H2   H N N 232 
ILE HA   H N N 233 
ILE HB   H N N 234 
ILE HG12 H N N 235 
ILE HG13 H N N 236 
ILE HG21 H N N 237 
ILE HG22 H N N 238 
ILE HG23 H N N 239 
ILE HD11 H N N 240 
ILE HD12 H N N 241 
ILE HD13 H N N 242 
ILE HXT  H N N 243 
LEU N    N N N 244 
LEU CA   C N S 245 
LEU C    C N N 246 
LEU O    O N N 247 
LEU CB   C N N 248 
LEU CG   C N N 249 
LEU CD1  C N N 250 
LEU CD2  C N N 251 
LEU OXT  O N N 252 
LEU H    H N N 253 
LEU H2   H N N 254 
LEU HA   H N N 255 
LEU HB2  H N N 256 
LEU HB3  H N N 257 
LEU HG   H N N 258 
LEU HD11 H N N 259 
LEU HD12 H N N 260 
LEU HD13 H N N 261 
LEU HD21 H N N 262 
LEU HD22 H N N 263 
LEU HD23 H N N 264 
LEU HXT  H N N 265 
LYS N    N N N 266 
LYS CA   C N S 267 
LYS C    C N N 268 
LYS O    O N N 269 
LYS CB   C N N 270 
LYS CG   C N N 271 
LYS CD   C N N 272 
LYS CE   C N N 273 
LYS NZ   N N N 274 
LYS OXT  O N N 275 
LYS H    H N N 276 
LYS H2   H N N 277 
LYS HA   H N N 278 
LYS HB2  H N N 279 
LYS HB3  H N N 280 
LYS HG2  H N N 281 
LYS HG3  H N N 282 
LYS HD2  H N N 283 
LYS HD3  H N N 284 
LYS HE2  H N N 285 
LYS HE3  H N N 286 
LYS HZ1  H N N 287 
LYS HZ2  H N N 288 
LYS HZ3  H N N 289 
LYS HXT  H N N 290 
MET N    N N N 291 
MET CA   C N S 292 
MET C    C N N 293 
MET O    O N N 294 
MET CB   C N N 295 
MET CG   C N N 296 
MET SD   S N N 297 
MET CE   C N N 298 
MET OXT  O N N 299 
MET H    H N N 300 
MET H2   H N N 301 
MET HA   H N N 302 
MET HB2  H N N 303 
MET HB3  H N N 304 
MET HG2  H N N 305 
MET HG3  H N N 306 
MET HE1  H N N 307 
MET HE2  H N N 308 
MET HE3  H N N 309 
MET HXT  H N N 310 
PHE N    N N N 311 
PHE CA   C N S 312 
PHE C    C N N 313 
PHE O    O N N 314 
PHE CB   C N N 315 
PHE CG   C Y N 316 
PHE CD1  C Y N 317 
PHE CD2  C Y N 318 
PHE CE1  C Y N 319 
PHE CE2  C Y N 320 
PHE CZ   C Y N 321 
PHE OXT  O N N 322 
PHE H    H N N 323 
PHE H2   H N N 324 
PHE HA   H N N 325 
PHE HB2  H N N 326 
PHE HB3  H N N 327 
PHE HD1  H N N 328 
PHE HD2  H N N 329 
PHE HE1  H N N 330 
PHE HE2  H N N 331 
PHE HZ   H N N 332 
PHE HXT  H N N 333 
PRO N    N N N 334 
PRO CA   C N S 335 
PRO C    C N N 336 
PRO O    O N N 337 
PRO CB   C N N 338 
PRO CG   C N N 339 
PRO CD   C N N 340 
PRO OXT  O N N 341 
PRO H    H N N 342 
PRO HA   H N N 343 
PRO HB2  H N N 344 
PRO HB3  H N N 345 
PRO HG2  H N N 346 
PRO HG3  H N N 347 
PRO HD2  H N N 348 
PRO HD3  H N N 349 
PRO HXT  H N N 350 
SER N    N N N 351 
SER CA   C N S 352 
SER C    C N N 353 
SER O    O N N 354 
SER CB   C N N 355 
SER OG   O N N 356 
SER OXT  O N N 357 
SER H    H N N 358 
SER H2   H N N 359 
SER HA   H N N 360 
SER HB2  H N N 361 
SER HB3  H N N 362 
SER HG   H N N 363 
SER HXT  H N N 364 
SO4 S    S N N 365 
SO4 O1   O N N 366 
SO4 O2   O N N 367 
SO4 O3   O N N 368 
SO4 O4   O N N 369 
THR N    N N N 370 
THR CA   C N S 371 
THR C    C N N 372 
THR O    O N N 373 
THR CB   C N R 374 
THR OG1  O N N 375 
THR CG2  C N N 376 
THR OXT  O N N 377 
THR H    H N N 378 
THR H2   H N N 379 
THR HA   H N N 380 
THR HB   H N N 381 
THR HG1  H N N 382 
THR HG21 H N N 383 
THR HG22 H N N 384 
THR HG23 H N N 385 
THR HXT  H N N 386 
TRP N    N N N 387 
TRP CA   C N S 388 
TRP C    C N N 389 
TRP O    O N N 390 
TRP CB   C N N 391 
TRP CG   C Y N 392 
TRP CD1  C Y N 393 
TRP CD2  C Y N 394 
TRP NE1  N Y N 395 
TRP CE2  C Y N 396 
TRP CE3  C Y N 397 
TRP CZ2  C Y N 398 
TRP CZ3  C Y N 399 
TRP CH2  C Y N 400 
TRP OXT  O N N 401 
TRP H    H N N 402 
TRP H2   H N N 403 
TRP HA   H N N 404 
TRP HB2  H N N 405 
TRP HB3  H N N 406 
TRP HD1  H N N 407 
TRP HE1  H N N 408 
TRP HE3  H N N 409 
TRP HZ2  H N N 410 
TRP HZ3  H N N 411 
TRP HH2  H N N 412 
TRP HXT  H N N 413 
TYR N    N N N 414 
TYR CA   C N S 415 
TYR C    C N N 416 
TYR O    O N N 417 
TYR CB   C N N 418 
TYR CG   C Y N 419 
TYR CD1  C Y N 420 
TYR CD2  C Y N 421 
TYR CE1  C Y N 422 
TYR CE2  C Y N 423 
TYR CZ   C Y N 424 
TYR OH   O N N 425 
TYR OXT  O N N 426 
TYR H    H N N 427 
TYR H2   H N N 428 
TYR HA   H N N 429 
TYR HB2  H N N 430 
TYR HB3  H N N 431 
TYR HD1  H N N 432 
TYR HD2  H N N 433 
TYR HE1  H N N 434 
TYR HE2  H N N 435 
TYR HH   H N N 436 
TYR HXT  H N N 437 
VAL N    N N N 438 
VAL CA   C N S 439 
VAL C    C N N 440 
VAL O    O N N 441 
VAL CB   C N N 442 
VAL CG1  C N N 443 
VAL CG2  C N N 444 
VAL OXT  O N N 445 
VAL H    H N N 446 
VAL H2   H N N 447 
VAL HA   H N N 448 
VAL HB   H N N 449 
VAL HG11 H N N 450 
VAL HG12 H N N 451 
VAL HG13 H N N 452 
VAL HG21 H N N 453 
VAL HG22 H N N 454 
VAL HG23 H N N 455 
VAL HXT  H N N 456 
# 
loop_
_chem_comp_bond.comp_id 
_chem_comp_bond.atom_id_1 
_chem_comp_bond.atom_id_2 
_chem_comp_bond.value_order 
_chem_comp_bond.pdbx_aromatic_flag 
_chem_comp_bond.pdbx_stereo_config 
_chem_comp_bond.pdbx_ordinal 
ALA N   CA   sing N N 1   
ALA N   H    sing N N 2   
ALA N   H2   sing N N 3   
ALA CA  C    sing N N 4   
ALA CA  CB   sing N N 5   
ALA CA  HA   sing N N 6   
ALA C   O    doub N N 7   
ALA C   OXT  sing N N 8   
ALA CB  HB1  sing N N 9   
ALA CB  HB2  sing N N 10  
ALA CB  HB3  sing N N 11  
ALA OXT HXT  sing N N 12  
ARG N   CA   sing N N 13  
ARG N   H    sing N N 14  
ARG N   H2   sing N N 15  
ARG CA  C    sing N N 16  
ARG CA  CB   sing N N 17  
ARG CA  HA   sing N N 18  
ARG C   O    doub N N 19  
ARG C   OXT  sing N N 20  
ARG CB  CG   sing N N 21  
ARG CB  HB2  sing N N 22  
ARG CB  HB3  sing N N 23  
ARG CG  CD   sing N N 24  
ARG CG  HG2  sing N N 25  
ARG CG  HG3  sing N N 26  
ARG CD  NE   sing N N 27  
ARG CD  HD2  sing N N 28  
ARG CD  HD3  sing N N 29  
ARG NE  CZ   sing N N 30  
ARG NE  HE   sing N N 31  
ARG CZ  NH1  sing N N 32  
ARG CZ  NH2  doub N N 33  
ARG NH1 HH11 sing N N 34  
ARG NH1 HH12 sing N N 35  
ARG NH2 HH21 sing N N 36  
ARG NH2 HH22 sing N N 37  
ARG OXT HXT  sing N N 38  
ASN N   CA   sing N N 39  
ASN N   H    sing N N 40  
ASN N   H2   sing N N 41  
ASN CA  C    sing N N 42  
ASN CA  CB   sing N N 43  
ASN CA  HA   sing N N 44  
ASN C   O    doub N N 45  
ASN C   OXT  sing N N 46  
ASN CB  CG   sing N N 47  
ASN CB  HB2  sing N N 48  
ASN CB  HB3  sing N N 49  
ASN CG  OD1  doub N N 50  
ASN CG  ND2  sing N N 51  
ASN ND2 HD21 sing N N 52  
ASN ND2 HD22 sing N N 53  
ASN OXT HXT  sing N N 54  
ASP N   CA   sing N N 55  
ASP N   H    sing N N 56  
ASP N   H2   sing N N 57  
ASP CA  C    sing N N 58  
ASP CA  CB   sing N N 59  
ASP CA  HA   sing N N 60  
ASP C   O    doub N N 61  
ASP C   OXT  sing N N 62  
ASP CB  CG   sing N N 63  
ASP CB  HB2  sing N N 64  
ASP CB  HB3  sing N N 65  
ASP CG  OD1  doub N N 66  
ASP CG  OD2  sing N N 67  
ASP OD2 HD2  sing N N 68  
ASP OXT HXT  sing N N 69  
CYS N   CA   sing N N 70  
CYS N   H    sing N N 71  
CYS N   H2   sing N N 72  
CYS CA  C    sing N N 73  
CYS CA  CB   sing N N 74  
CYS CA  HA   sing N N 75  
CYS C   O    doub N N 76  
CYS C   OXT  sing N N 77  
CYS CB  SG   sing N N 78  
CYS CB  HB2  sing N N 79  
CYS CB  HB3  sing N N 80  
CYS SG  HG   sing N N 81  
CYS OXT HXT  sing N N 82  
DPV N   C5   sing N N 83  
DPV N   C6   sing N N 84  
DPV N   C7   sing N N 85  
DPV N   C8   sing N N 86  
DPV P   O1P  sing N N 87  
DPV P   O2P  doub N N 88  
DPV P   O3P  sing N N 89  
DPV P   O4P  sing N N 90  
DPV C1  C2   sing N N 91  
DPV C1  O3P  sing N N 92  
DPV C2  C3   sing N N 93  
DPV C3  C15  sing N N 94  
DPV C4  C5   sing N N 95  
DPV C4  O4P  sing N N 96  
DPV C15 C16  sing N N 97  
DPV C16 C17  sing N N 98  
DPV C17 C18  sing N N 99  
DPV C18 C19  sing N N 100 
DPV C19 C20  sing N N 101 
DPV C20 C21  sing N N 102 
DPV C21 C22  sing N N 103 
DPV C22 C23  sing N N 104 
DPV C1  H1   sing N N 105 
DPV C1  H1A  sing N N 106 
DPV C2  H2   sing N N 107 
DPV C2  H2A  sing N N 108 
DPV C3  H3   sing N N 109 
DPV C3  H3A  sing N N 110 
DPV C4  H4   sing N N 111 
DPV C4  H4A  sing N N 112 
DPV C5  H5   sing N N 113 
DPV C5  H5A  sing N N 114 
DPV C6  H6   sing N N 115 
DPV C6  H6A  sing N N 116 
DPV C6  H6B  sing N N 117 
DPV C7  H7   sing N N 118 
DPV C7  H7A  sing N N 119 
DPV C7  H7B  sing N N 120 
DPV C8  H8   sing N N 121 
DPV C8  H8A  sing N N 122 
DPV C8  H8B  sing N N 123 
DPV C15 H15  sing N N 124 
DPV C15 H15A sing N N 125 
DPV C16 H16  sing N N 126 
DPV C16 H16A sing N N 127 
DPV C17 H17  sing N N 128 
DPV C17 H17A sing N N 129 
DPV C18 H18  sing N N 130 
DPV C18 H18A sing N N 131 
DPV C19 H19  sing N N 132 
DPV C19 H19A sing N N 133 
DPV C20 H20  sing N N 134 
DPV C20 H20A sing N N 135 
DPV C21 H21  sing N N 136 
DPV C21 H21A sing N N 137 
DPV C22 H22  sing N N 138 
DPV C22 H22A sing N N 139 
DPV C23 H23  sing N N 140 
DPV C23 H23A sing N N 141 
DPV C23 H23B sing N N 142 
GLN N   CA   sing N N 143 
GLN N   H    sing N N 144 
GLN N   H2   sing N N 145 
GLN CA  C    sing N N 146 
GLN CA  CB   sing N N 147 
GLN CA  HA   sing N N 148 
GLN C   O    doub N N 149 
GLN C   OXT  sing N N 150 
GLN CB  CG   sing N N 151 
GLN CB  HB2  sing N N 152 
GLN CB  HB3  sing N N 153 
GLN CG  CD   sing N N 154 
GLN CG  HG2  sing N N 155 
GLN CG  HG3  sing N N 156 
GLN CD  OE1  doub N N 157 
GLN CD  NE2  sing N N 158 
GLN NE2 HE21 sing N N 159 
GLN NE2 HE22 sing N N 160 
GLN OXT HXT  sing N N 161 
GLU N   CA   sing N N 162 
GLU N   H    sing N N 163 
GLU N   H2   sing N N 164 
GLU CA  C    sing N N 165 
GLU CA  CB   sing N N 166 
GLU CA  HA   sing N N 167 
GLU C   O    doub N N 168 
GLU C   OXT  sing N N 169 
GLU CB  CG   sing N N 170 
GLU CB  HB2  sing N N 171 
GLU CB  HB3  sing N N 172 
GLU CG  CD   sing N N 173 
GLU CG  HG2  sing N N 174 
GLU CG  HG3  sing N N 175 
GLU CD  OE1  doub N N 176 
GLU CD  OE2  sing N N 177 
GLU OE2 HE2  sing N N 178 
GLU OXT HXT  sing N N 179 
GLY N   CA   sing N N 180 
GLY N   H    sing N N 181 
GLY N   H2   sing N N 182 
GLY CA  C    sing N N 183 
GLY CA  HA2  sing N N 184 
GLY CA  HA3  sing N N 185 
GLY C   O    doub N N 186 
GLY C   OXT  sing N N 187 
GLY OXT HXT  sing N N 188 
HIS N   CA   sing N N 189 
HIS N   H    sing N N 190 
HIS N   H2   sing N N 191 
HIS CA  C    sing N N 192 
HIS CA  CB   sing N N 193 
HIS CA  HA   sing N N 194 
HIS C   O    doub N N 195 
HIS C   OXT  sing N N 196 
HIS CB  CG   sing N N 197 
HIS CB  HB2  sing N N 198 
HIS CB  HB3  sing N N 199 
HIS CG  ND1  sing Y N 200 
HIS CG  CD2  doub Y N 201 
HIS ND1 CE1  doub Y N 202 
HIS ND1 HD1  sing N N 203 
HIS CD2 NE2  sing Y N 204 
HIS CD2 HD2  sing N N 205 
HIS CE1 NE2  sing Y N 206 
HIS CE1 HE1  sing N N 207 
HIS NE2 HE2  sing N N 208 
HIS OXT HXT  sing N N 209 
HOH O   H1   sing N N 210 
HOH O   H2   sing N N 211 
ILE N   CA   sing N N 212 
ILE N   H    sing N N 213 
ILE N   H2   sing N N 214 
ILE CA  C    sing N N 215 
ILE CA  CB   sing N N 216 
ILE CA  HA   sing N N 217 
ILE C   O    doub N N 218 
ILE C   OXT  sing N N 219 
ILE CB  CG1  sing N N 220 
ILE CB  CG2  sing N N 221 
ILE CB  HB   sing N N 222 
ILE CG1 CD1  sing N N 223 
ILE CG1 HG12 sing N N 224 
ILE CG1 HG13 sing N N 225 
ILE CG2 HG21 sing N N 226 
ILE CG2 HG22 sing N N 227 
ILE CG2 HG23 sing N N 228 
ILE CD1 HD11 sing N N 229 
ILE CD1 HD12 sing N N 230 
ILE CD1 HD13 sing N N 231 
ILE OXT HXT  sing N N 232 
LEU N   CA   sing N N 233 
LEU N   H    sing N N 234 
LEU N   H2   sing N N 235 
LEU CA  C    sing N N 236 
LEU CA  CB   sing N N 237 
LEU CA  HA   sing N N 238 
LEU C   O    doub N N 239 
LEU C   OXT  sing N N 240 
LEU CB  CG   sing N N 241 
LEU CB  HB2  sing N N 242 
LEU CB  HB3  sing N N 243 
LEU CG  CD1  sing N N 244 
LEU CG  CD2  sing N N 245 
LEU CG  HG   sing N N 246 
LEU CD1 HD11 sing N N 247 
LEU CD1 HD12 sing N N 248 
LEU CD1 HD13 sing N N 249 
LEU CD2 HD21 sing N N 250 
LEU CD2 HD22 sing N N 251 
LEU CD2 HD23 sing N N 252 
LEU OXT HXT  sing N N 253 
LYS N   CA   sing N N 254 
LYS N   H    sing N N 255 
LYS N   H2   sing N N 256 
LYS CA  C    sing N N 257 
LYS CA  CB   sing N N 258 
LYS CA  HA   sing N N 259 
LYS C   O    doub N N 260 
LYS C   OXT  sing N N 261 
LYS CB  CG   sing N N 262 
LYS CB  HB2  sing N N 263 
LYS CB  HB3  sing N N 264 
LYS CG  CD   sing N N 265 
LYS CG  HG2  sing N N 266 
LYS CG  HG3  sing N N 267 
LYS CD  CE   sing N N 268 
LYS CD  HD2  sing N N 269 
LYS CD  HD3  sing N N 270 
LYS CE  NZ   sing N N 271 
LYS CE  HE2  sing N N 272 
LYS CE  HE3  sing N N 273 
LYS NZ  HZ1  sing N N 274 
LYS NZ  HZ2  sing N N 275 
LYS NZ  HZ3  sing N N 276 
LYS OXT HXT  sing N N 277 
MET N   CA   sing N N 278 
MET N   H    sing N N 279 
MET N   H2   sing N N 280 
MET CA  C    sing N N 281 
MET CA  CB   sing N N 282 
MET CA  HA   sing N N 283 
MET C   O    doub N N 284 
MET C   OXT  sing N N 285 
MET CB  CG   sing N N 286 
MET CB  HB2  sing N N 287 
MET CB  HB3  sing N N 288 
MET CG  SD   sing N N 289 
MET CG  HG2  sing N N 290 
MET CG  HG3  sing N N 291 
MET SD  CE   sing N N 292 
MET CE  HE1  sing N N 293 
MET CE  HE2  sing N N 294 
MET CE  HE3  sing N N 295 
MET OXT HXT  sing N N 296 
PHE N   CA   sing N N 297 
PHE N   H    sing N N 298 
PHE N   H2   sing N N 299 
PHE CA  C    sing N N 300 
PHE CA  CB   sing N N 301 
PHE CA  HA   sing N N 302 
PHE C   O    doub N N 303 
PHE C   OXT  sing N N 304 
PHE CB  CG   sing N N 305 
PHE CB  HB2  sing N N 306 
PHE CB  HB3  sing N N 307 
PHE CG  CD1  doub Y N 308 
PHE CG  CD2  sing Y N 309 
PHE CD1 CE1  sing Y N 310 
PHE CD1 HD1  sing N N 311 
PHE CD2 CE2  doub Y N 312 
PHE CD2 HD2  sing N N 313 
PHE CE1 CZ   doub Y N 314 
PHE CE1 HE1  sing N N 315 
PHE CE2 CZ   sing Y N 316 
PHE CE2 HE2  sing N N 317 
PHE CZ  HZ   sing N N 318 
PHE OXT HXT  sing N N 319 
PRO N   CA   sing N N 320 
PRO N   CD   sing N N 321 
PRO N   H    sing N N 322 
PRO CA  C    sing N N 323 
PRO CA  CB   sing N N 324 
PRO CA  HA   sing N N 325 
PRO C   O    doub N N 326 
PRO C   OXT  sing N N 327 
PRO CB  CG   sing N N 328 
PRO CB  HB2  sing N N 329 
PRO CB  HB3  sing N N 330 
PRO CG  CD   sing N N 331 
PRO CG  HG2  sing N N 332 
PRO CG  HG3  sing N N 333 
PRO CD  HD2  sing N N 334 
PRO CD  HD3  sing N N 335 
PRO OXT HXT  sing N N 336 
SER N   CA   sing N N 337 
SER N   H    sing N N 338 
SER N   H2   sing N N 339 
SER CA  C    sing N N 340 
SER CA  CB   sing N N 341 
SER CA  HA   sing N N 342 
SER C   O    doub N N 343 
SER C   OXT  sing N N 344 
SER CB  OG   sing N N 345 
SER CB  HB2  sing N N 346 
SER CB  HB3  sing N N 347 
SER OG  HG   sing N N 348 
SER OXT HXT  sing N N 349 
SO4 S   O1   doub N N 350 
SO4 S   O2   doub N N 351 
SO4 S   O3   sing N N 352 
SO4 S   O4   sing N N 353 
THR N   CA   sing N N 354 
THR N   H    sing N N 355 
THR N   H2   sing N N 356 
THR CA  C    sing N N 357 
THR CA  CB   sing N N 358 
THR CA  HA   sing N N 359 
THR C   O    doub N N 360 
THR C   OXT  sing N N 361 
THR CB  OG1  sing N N 362 
THR CB  CG2  sing N N 363 
THR CB  HB   sing N N 364 
THR OG1 HG1  sing N N 365 
THR CG2 HG21 sing N N 366 
THR CG2 HG22 sing N N 367 
THR CG2 HG23 sing N N 368 
THR OXT HXT  sing N N 369 
TRP N   CA   sing N N 370 
TRP N   H    sing N N 371 
TRP N   H2   sing N N 372 
TRP CA  C    sing N N 373 
TRP CA  CB   sing N N 374 
TRP CA  HA   sing N N 375 
TRP C   O    doub N N 376 
TRP C   OXT  sing N N 377 
TRP CB  CG   sing N N 378 
TRP CB  HB2  sing N N 379 
TRP CB  HB3  sing N N 380 
TRP CG  CD1  doub Y N 381 
TRP CG  CD2  sing Y N 382 
TRP CD1 NE1  sing Y N 383 
TRP CD1 HD1  sing N N 384 
TRP CD2 CE2  doub Y N 385 
TRP CD2 CE3  sing Y N 386 
TRP NE1 CE2  sing Y N 387 
TRP NE1 HE1  sing N N 388 
TRP CE2 CZ2  sing Y N 389 
TRP CE3 CZ3  doub Y N 390 
TRP CE3 HE3  sing N N 391 
TRP CZ2 CH2  doub Y N 392 
TRP CZ2 HZ2  sing N N 393 
TRP CZ3 CH2  sing Y N 394 
TRP CZ3 HZ3  sing N N 395 
TRP CH2 HH2  sing N N 396 
TRP OXT HXT  sing N N 397 
TYR N   CA   sing N N 398 
TYR N   H    sing N N 399 
TYR N   H2   sing N N 400 
TYR CA  C    sing N N 401 
TYR CA  CB   sing N N 402 
TYR CA  HA   sing N N 403 
TYR C   O    doub N N 404 
TYR C   OXT  sing N N 405 
TYR CB  CG   sing N N 406 
TYR CB  HB2  sing N N 407 
TYR CB  HB3  sing N N 408 
TYR CG  CD1  doub Y N 409 
TYR CG  CD2  sing Y N 410 
TYR CD1 CE1  sing Y N 411 
TYR CD1 HD1  sing N N 412 
TYR CD2 CE2  doub Y N 413 
TYR CD2 HD2  sing N N 414 
TYR CE1 CZ   doub Y N 415 
TYR CE1 HE1  sing N N 416 
TYR CE2 CZ   sing Y N 417 
TYR CE2 HE2  sing N N 418 
TYR CZ  OH   sing N N 419 
TYR OH  HH   sing N N 420 
TYR OXT HXT  sing N N 421 
VAL N   CA   sing N N 422 
VAL N   H    sing N N 423 
VAL N   H2   sing N N 424 
VAL CA  C    sing N N 425 
VAL CA  CB   sing N N 426 
VAL CA  HA   sing N N 427 
VAL C   O    doub N N 428 
VAL C   OXT  sing N N 429 
VAL CB  CG1  sing N N 430 
VAL CB  CG2  sing N N 431 
VAL CB  HB   sing N N 432 
VAL CG1 HG11 sing N N 433 
VAL CG1 HG12 sing N N 434 
VAL CG1 HG13 sing N N 435 
VAL CG2 HG21 sing N N 436 
VAL CG2 HG22 sing N N 437 
VAL CG2 HG23 sing N N 438 
VAL OXT HXT  sing N N 439 
# 
loop_
_pdbx_entity_nonpoly.entity_id 
_pdbx_entity_nonpoly.name 
_pdbx_entity_nonpoly.comp_id 
2 'SULFATE ION'                                 SO4 
3 'dodecyl 2-(trimethylammonio)ethyl phosphate' DPV 
4 water                                         HOH 
# 
_pdbx_initial_refinement_model.id               1 
_pdbx_initial_refinement_model.entity_id_list   ? 
_pdbx_initial_refinement_model.type             'experimental model' 
_pdbx_initial_refinement_model.source_name      PDB 
_pdbx_initial_refinement_model.accession_code   3BW6 
_pdbx_initial_refinement_model.details          'PDB ENTRY 3BW6' 
# 
